data_4CQW
#
_entry.id   4CQW
#
_cell.length_a   87.635
_cell.length_b   117.552
_cell.length_c   101.160
_cell.angle_alpha   90.00
_cell.angle_beta   92.50
_cell.angle_gamma   90.00
#
_symmetry.space_group_name_H-M   'P 1 21 1'
#
loop_
_entity.id
_entity.type
_entity.pdbx_description
1 polymer 'HAEMAGGLUTININ HA1'
2 polymer 'HAEMAGGLUTININ HA2'
3 branched 'N-acetyl-alpha-neuraminic acid-(2-3)-beta-D-galactopyranose-(1-4)-2-acetamido-2-deoxy-beta-D-glucopyranose'
4 non-polymer 2-acetamido-2-deoxy-beta-D-glucopyranose
5 non-polymer 'PHOSPHATE ION'
6 water water
#
loop_
_entity_poly.entity_id
_entity_poly.type
_entity_poly.pdbx_seq_one_letter_code
_entity_poly.pdbx_strand_id
1 'polypeptide(L)'
;DPDQICIGYHANNSTEQVDTIMEKNVTVTHAQDILEKTHNGKLCDLDGVKPLILRDCSVAGWLLGNPMCDEFLNVPEWSY
IVEKINPANDLCYPGNFNDYEELKHLLSRINHFEKIQIIPKSSWSDHEASGVSSACPYQGRSSFFRNVVWLTKKDNAYPT
IKRSYNNTNQEDLLVLWGIHHPNDAAEQTRLYQNPTTYISVGTSTLNQRLVPKIATRSKVNGQSGRMEFFWTILKPNDAI
NFESNGNFIAPENAYKIVKKGDSTIMKSELEYGNCNTKCQTPIGAINSSMPFHNIHPLTIGECPKYVKSSRLVLATGLRN
SPQRETR
;
A,C,E
2 'polypeptide(L)'
;GLFGAIAGFIEGGWQGMVDGWYGYHHSNEQGSGYAADKESTQKAIDGVTNKVNSIIDKMNTQFEAVGREFNNLERRIENL
NKKMEDGFLDVWTYNAELLVLMENERTLDFHDSNVKNLYDKVRLQLRDNAKELGNGCFEFYHRCDNECMESVRNGTYDYP
QYSEEA
;
B,D,F
#
loop_
_chem_comp.id
_chem_comp.type
_chem_comp.name
_chem_comp.formula
GAL D-saccharide, beta linking beta-D-galactopyranose 'C6 H12 O6'
NAG D-saccharide, beta linking 2-acetamido-2-deoxy-beta-D-glucopyranose 'C8 H15 N O6'
PO4 non-polymer 'PHOSPHATE ION' 'O4 P -3'
SIA D-saccharide, alpha linking 'N-acetyl-alpha-neuraminic acid' 'C11 H19 N O9'
#
# COMPACT_ATOMS: atom_id res chain seq x y z
N ASP A 1 66.85 13.61 -5.89
CA ASP A 1 67.80 12.46 -5.76
C ASP A 1 67.50 11.50 -4.60
N PRO A 2 67.09 12.02 -3.41
CA PRO A 2 66.79 11.08 -2.33
C PRO A 2 65.55 10.22 -2.58
N ASP A 3 65.57 9.01 -2.04
CA ASP A 3 64.50 8.03 -2.23
C ASP A 3 63.19 8.51 -1.63
N GLN A 4 62.08 8.08 -2.24
CA GLN A 4 60.76 8.41 -1.71
C GLN A 4 59.69 7.39 -2.09
N ILE A 5 58.66 7.34 -1.25
CA ILE A 5 57.48 6.49 -1.49
C ILE A 5 56.21 7.33 -1.39
N CYS A 6 55.27 7.09 -2.31
CA CYS A 6 54.03 7.84 -2.36
C CYS A 6 52.81 6.94 -2.18
N ILE A 7 51.78 7.49 -1.56
CA ILE A 7 50.48 6.83 -1.43
C ILE A 7 49.56 7.41 -2.47
N GLY A 8 48.81 6.56 -3.16
CA GLY A 8 47.86 7.01 -4.16
C GLY A 8 46.79 6.00 -4.49
N TYR A 9 46.01 6.31 -5.53
CA TYR A 9 44.85 5.52 -5.89
C TYR A 9 44.66 5.38 -7.40
N HIS A 10 43.86 4.41 -7.79
CA HIS A 10 43.65 4.06 -9.20
C HIS A 10 42.85 5.11 -9.96
N ALA A 11 43.33 5.44 -11.16
CA ALA A 11 42.57 6.22 -12.13
C ALA A 11 42.56 5.50 -13.47
N ASN A 12 41.59 5.81 -14.33
CA ASN A 12 41.53 5.22 -15.68
C ASN A 12 40.89 6.17 -16.70
N ASN A 13 40.53 5.64 -17.87
CA ASN A 13 39.88 6.45 -18.92
C ASN A 13 38.35 6.46 -18.86
N SER A 14 37.79 5.89 -17.79
CA SER A 14 36.34 5.78 -17.64
C SER A 14 35.62 7.12 -17.60
N THR A 15 34.49 7.18 -18.32
CA THR A 15 33.60 8.32 -18.26
C THR A 15 32.24 7.93 -17.67
N GLU A 16 32.18 6.77 -17.02
CA GLU A 16 30.96 6.31 -16.35
C GLU A 16 30.58 7.25 -15.21
N GLN A 17 29.29 7.51 -15.08
CA GLN A 17 28.79 8.44 -14.07
C GLN A 17 27.76 7.81 -13.14
N VAL A 18 27.78 8.24 -11.88
CA VAL A 18 26.79 7.85 -10.90
C VAL A 18 26.33 9.09 -10.14
N ASP A 19 25.21 8.96 -9.43
CA ASP A 19 24.67 10.05 -8.62
C ASP A 19 24.73 9.73 -7.14
N THR A 20 24.82 10.78 -6.32
CA THR A 20 24.69 10.68 -4.87
C THR A 20 23.65 11.70 -4.43
N ILE A 21 23.42 11.84 -3.12
CA ILE A 21 22.51 12.87 -2.63
C ILE A 21 23.10 14.26 -2.87
N MET A 22 24.37 14.44 -2.53
CA MET A 22 25.00 15.75 -2.58
C MET A 22 25.51 16.20 -3.96
N GLU A 23 25.64 15.26 -4.89
CA GLU A 23 26.14 15.57 -6.24
C GLU A 23 25.67 14.58 -7.30
N LYS A 24 25.60 15.05 -8.54
CA LYS A 24 25.15 14.27 -9.69
C LYS A 24 26.26 14.18 -10.72
N ASN A 25 26.18 13.19 -11.61
CA ASN A 25 27.16 12.99 -12.69
C ASN A 25 28.62 12.94 -12.19
N VAL A 26 28.86 12.13 -11.15
CA VAL A 26 30.21 11.91 -10.64
C VAL A 26 30.88 10.83 -11.48
N THR A 27 32.00 11.19 -12.10
CA THR A 27 32.76 10.25 -12.91
C THR A 27 33.50 9.28 -12.01
N VAL A 28 33.32 7.99 -12.27
CA VAL A 28 33.90 6.94 -11.45
C VAL A 28 34.68 5.96 -12.30
N THR A 29 35.65 5.29 -11.70
CA THR A 29 36.53 4.37 -12.42
C THR A 29 35.76 3.13 -12.88
N HIS A 30 34.83 2.67 -12.03
CA HIS A 30 34.00 1.51 -12.30
C HIS A 30 32.59 1.75 -11.76
N ALA A 31 31.58 1.30 -12.49
CA ALA A 31 30.19 1.38 -12.05
C ALA A 31 29.44 0.12 -12.45
N GLN A 32 28.34 -0.17 -11.75
CA GLN A 32 27.51 -1.31 -12.09
C GLN A 32 26.05 -0.94 -12.34
N ASP A 33 25.65 -1.03 -13.61
CA ASP A 33 24.26 -0.86 -14.01
C ASP A 33 23.44 -2.03 -13.48
N ILE A 34 22.35 -1.73 -12.79
CA ILE A 34 21.48 -2.76 -12.24
C ILE A 34 20.02 -2.66 -12.74
N LEU A 35 19.84 -1.94 -13.84
CA LEU A 35 18.52 -1.75 -14.42
C LEU A 35 18.45 -2.26 -15.85
N GLU A 36 17.65 -3.30 -16.06
CA GLU A 36 17.35 -3.81 -17.39
C GLU A 36 16.35 -2.87 -18.08
N LYS A 37 16.70 -2.45 -19.29
CA LYS A 37 15.91 -1.43 -19.99
C LYS A 37 15.44 -1.89 -21.37
N THR A 38 15.78 -3.13 -21.73
CA THR A 38 15.45 -3.65 -23.07
C THR A 38 14.64 -4.94 -23.01
N HIS A 39 13.85 -5.16 -24.07
CA HIS A 39 13.05 -6.36 -24.25
C HIS A 39 13.04 -6.73 -25.74
N ASN A 40 12.54 -7.93 -26.07
CA ASN A 40 12.58 -8.43 -27.43
C ASN A 40 11.32 -8.11 -28.27
N GLY A 41 10.32 -7.50 -27.63
CA GLY A 41 9.11 -7.07 -28.33
C GLY A 41 8.23 -8.20 -28.85
N LYS A 42 8.47 -9.41 -28.35
CA LYS A 42 7.75 -10.60 -28.79
C LYS A 42 6.96 -11.23 -27.66
N LEU A 43 5.94 -12.00 -28.02
CA LEU A 43 5.25 -12.85 -27.06
C LEU A 43 5.75 -14.29 -27.23
N CYS A 44 6.34 -14.82 -26.17
CA CYS A 44 7.05 -16.08 -26.25
C CYS A 44 6.46 -17.17 -25.37
N ASP A 45 6.91 -18.40 -25.58
CA ASP A 45 6.64 -19.52 -24.69
C ASP A 45 7.25 -19.19 -23.33
N LEU A 46 6.61 -19.67 -22.27
CA LEU A 46 7.14 -19.48 -20.94
C LEU A 46 7.71 -20.79 -20.44
N ASP A 47 9.04 -20.87 -20.38
CA ASP A 47 9.72 -22.05 -19.88
C ASP A 47 9.36 -23.26 -20.75
N GLY A 48 9.26 -23.03 -22.06
CA GLY A 48 8.89 -24.08 -23.02
C GLY A 48 7.40 -24.34 -23.19
N VAL A 49 6.55 -23.66 -22.42
CA VAL A 49 5.09 -23.83 -22.55
C VAL A 49 4.48 -22.67 -23.32
N LYS A 50 3.83 -22.97 -24.44
CA LYS A 50 3.26 -21.95 -25.31
C LYS A 50 2.07 -21.22 -24.64
N PRO A 51 1.95 -19.90 -24.85
CA PRO A 51 0.76 -19.23 -24.35
C PRO A 51 -0.46 -19.52 -25.22
N LEU A 52 -1.65 -19.23 -24.69
CA LEU A 52 -2.85 -19.23 -25.48
C LEU A 52 -3.09 -17.83 -26.03
N ILE A 53 -2.86 -17.65 -27.33
CA ILE A 53 -3.08 -16.36 -28.00
C ILE A 53 -4.48 -16.31 -28.59
N LEU A 54 -5.36 -15.54 -27.96
CA LEU A 54 -6.77 -15.49 -28.34
C LEU A 54 -7.09 -14.70 -29.62
N ARG A 55 -6.10 -13.99 -30.15
CA ARG A 55 -6.23 -13.22 -31.39
C ARG A 55 -7.38 -12.22 -31.33
N ASP A 56 -8.39 -12.39 -32.18
CA ASP A 56 -9.55 -11.48 -32.21
C ASP A 56 -10.70 -11.94 -31.31
N CYS A 57 -10.48 -13.01 -30.56
CA CYS A 57 -11.53 -13.55 -29.70
C CYS A 57 -11.32 -13.16 -28.24
N SER A 58 -12.43 -12.96 -27.54
CA SER A 58 -12.42 -12.73 -26.11
C SER A 58 -12.53 -14.07 -25.38
N VAL A 59 -12.35 -14.05 -24.07
CA VAL A 59 -12.55 -15.23 -23.25
C VAL A 59 -13.99 -15.76 -23.39
N ALA A 60 -14.97 -14.86 -23.35
CA ALA A 60 -16.37 -15.24 -23.53
C ALA A 60 -16.59 -15.91 -24.89
N GLY A 61 -16.04 -15.29 -25.93
CA GLY A 61 -16.13 -15.83 -27.31
C GLY A 61 -15.54 -17.21 -27.41
N TRP A 62 -14.40 -17.41 -26.75
CA TRP A 62 -13.74 -18.72 -26.68
C TRP A 62 -14.61 -19.77 -25.97
N LEU A 63 -15.01 -19.48 -24.74
CA LEU A 63 -15.66 -20.47 -23.89
C LEU A 63 -17.07 -20.85 -24.36
N LEU A 64 -17.85 -19.86 -24.77
CA LEU A 64 -19.19 -20.12 -25.30
C LEU A 64 -19.20 -20.75 -26.68
N GLY A 65 -18.12 -20.53 -27.44
CA GLY A 65 -17.98 -21.10 -28.78
C GLY A 65 -18.53 -20.25 -29.91
N ASN A 66 -18.27 -18.94 -29.85
CA ASN A 66 -18.56 -18.04 -30.97
C ASN A 66 -17.97 -18.67 -32.23
N PRO A 67 -18.78 -18.84 -33.30
CA PRO A 67 -18.34 -19.51 -34.53
C PRO A 67 -17.05 -18.92 -35.14
N MET A 68 -16.79 -17.64 -34.87
CA MET A 68 -15.56 -16.99 -35.34
C MET A 68 -14.31 -17.47 -34.61
N CYS A 69 -14.51 -18.22 -33.52
CA CYS A 69 -13.42 -18.63 -32.64
C CYS A 69 -13.13 -20.13 -32.71
N ASP A 70 -13.54 -20.76 -33.80
CA ASP A 70 -13.34 -22.20 -33.99
C ASP A 70 -11.88 -22.67 -33.82
N GLU A 71 -10.94 -21.77 -34.02
CA GLU A 71 -9.53 -22.04 -33.74
C GLU A 71 -9.33 -22.53 -32.30
N PHE A 72 -10.18 -22.07 -31.38
CA PHE A 72 -10.00 -22.34 -29.97
C PHE A 72 -11.01 -23.33 -29.37
N LEU A 73 -11.50 -24.27 -30.18
CA LEU A 73 -12.52 -25.22 -29.72
C LEU A 73 -11.99 -26.21 -28.66
N ASN A 74 -10.77 -26.69 -28.88
CA ASN A 74 -10.12 -27.65 -28.00
C ASN A 74 -8.64 -27.34 -27.82
N VAL A 75 -8.35 -26.27 -27.10
CA VAL A 75 -6.98 -25.75 -27.00
C VAL A 75 -6.05 -26.61 -26.12
N PRO A 76 -4.76 -26.68 -26.49
CA PRO A 76 -3.81 -27.41 -25.65
C PRO A 76 -3.45 -26.62 -24.38
N GLU A 77 -2.71 -27.27 -23.49
CA GLU A 77 -2.22 -26.65 -22.27
C GLU A 77 -1.47 -25.34 -22.57
N TRP A 78 -1.72 -24.31 -21.77
CA TRP A 78 -1.09 -23.01 -21.94
C TRP A 78 -0.33 -22.57 -20.68
N SER A 79 0.60 -21.63 -20.86
CA SER A 79 1.35 -21.05 -19.74
C SER A 79 0.70 -19.75 -19.25
N TYR A 80 0.21 -18.95 -20.21
CA TYR A 80 -0.57 -17.75 -19.92
C TYR A 80 -1.54 -17.49 -21.06
N ILE A 81 -2.50 -16.60 -20.85
CA ILE A 81 -3.48 -16.26 -21.86
C ILE A 81 -3.26 -14.82 -22.33
N VAL A 82 -3.33 -14.61 -23.63
CA VAL A 82 -3.22 -13.27 -24.20
C VAL A 82 -4.53 -12.86 -24.85
N GLU A 83 -5.01 -11.67 -24.47
CA GLU A 83 -6.25 -11.13 -24.98
C GLU A 83 -6.05 -9.67 -25.40
N LYS A 84 -6.59 -9.29 -26.55
CA LYS A 84 -6.56 -7.90 -27.01
C LYS A 84 -7.44 -7.00 -26.13
N ILE A 85 -7.19 -5.70 -26.16
CA ILE A 85 -7.94 -4.76 -25.33
C ILE A 85 -9.43 -4.79 -25.71
N ASN A 86 -9.72 -4.76 -27.02
CA ASN A 86 -11.12 -4.85 -27.47
C ASN A 86 -11.34 -5.92 -28.54
N PRO A 87 -11.46 -7.20 -28.12
CA PRO A 87 -11.58 -8.32 -29.05
C PRO A 87 -12.84 -8.21 -29.88
N ALA A 88 -12.72 -8.40 -31.19
CA ALA A 88 -13.85 -8.27 -32.12
C ALA A 88 -14.91 -9.37 -31.94
N ASN A 89 -14.44 -10.58 -31.62
CA ASN A 89 -15.32 -11.73 -31.53
C ASN A 89 -15.60 -12.10 -30.09
N ASP A 90 -16.74 -11.65 -29.59
CA ASP A 90 -17.09 -11.76 -28.18
C ASP A 90 -18.45 -12.47 -28.12
N LEU A 91 -19.46 -11.78 -27.60
CA LEU A 91 -20.82 -12.31 -27.63
C LEU A 91 -21.48 -11.97 -28.97
N CYS A 92 -21.40 -12.90 -29.93
CA CYS A 92 -21.93 -12.66 -31.28
C CYS A 92 -23.42 -12.32 -31.23
N TYR A 93 -24.21 -13.20 -30.61
CA TYR A 93 -25.54 -12.81 -30.18
C TYR A 93 -25.39 -11.91 -28.96
N PRO A 94 -25.87 -10.65 -29.05
CA PRO A 94 -25.61 -9.66 -28.01
C PRO A 94 -26.20 -10.04 -26.65
N GLY A 95 -25.58 -9.54 -25.59
CA GLY A 95 -26.04 -9.79 -24.24
C GLY A 95 -24.93 -9.51 -23.25
N ASN A 96 -24.84 -10.36 -22.22
CA ASN A 96 -23.75 -10.27 -21.26
C ASN A 96 -23.44 -11.62 -20.61
N PHE A 97 -22.31 -11.66 -19.95
CA PHE A 97 -21.87 -12.84 -19.23
C PHE A 97 -21.90 -12.46 -17.76
N ASN A 98 -22.77 -13.11 -17.00
CA ASN A 98 -22.88 -12.88 -15.57
C ASN A 98 -21.59 -13.22 -14.82
N ASP A 99 -21.17 -12.36 -13.89
CA ASP A 99 -19.93 -12.55 -13.11
C ASP A 99 -18.73 -12.90 -13.99
N TYR A 100 -18.58 -12.15 -15.09
CA TYR A 100 -17.56 -12.44 -16.11
C TYR A 100 -16.15 -12.27 -15.55
N GLU A 101 -15.93 -11.19 -14.83
CA GLU A 101 -14.63 -10.88 -14.26
C GLU A 101 -14.21 -11.93 -13.22
N GLU A 102 -15.16 -12.43 -12.43
CA GLU A 102 -14.87 -13.48 -11.46
C GLU A 102 -14.48 -14.78 -12.16
N LEU A 103 -15.12 -15.06 -13.29
CA LEU A 103 -14.74 -16.21 -14.12
C LEU A 103 -13.32 -16.04 -14.66
N LYS A 104 -13.00 -14.86 -15.17
CA LYS A 104 -11.65 -14.58 -15.66
C LYS A 104 -10.60 -14.72 -14.55
N HIS A 105 -11.00 -14.40 -13.31
CA HIS A 105 -10.11 -14.58 -12.16
C HIS A 105 -9.77 -16.05 -11.94
N LEU A 106 -10.78 -16.92 -12.07
CA LEU A 106 -10.61 -18.36 -11.99
C LEU A 106 -9.64 -18.88 -13.04
N LEU A 107 -9.77 -18.36 -14.25
CA LEU A 107 -8.88 -18.70 -15.36
C LEU A 107 -7.41 -18.44 -15.05
N SER A 108 -7.13 -17.38 -14.28
CA SER A 108 -5.77 -17.05 -13.89
C SER A 108 -5.11 -18.15 -13.07
N ARG A 109 -5.88 -19.14 -12.65
CA ARG A 109 -5.35 -20.24 -11.84
C ARG A 109 -5.53 -21.58 -12.55
N ILE A 110 -5.85 -21.52 -13.85
CA ILE A 110 -6.05 -22.71 -14.68
C ILE A 110 -5.09 -22.72 -15.89
N ASN A 111 -4.56 -23.91 -16.20
CA ASN A 111 -3.63 -24.10 -17.31
C ASN A 111 -4.17 -24.95 -18.45
N HIS A 112 -5.19 -25.77 -18.17
CA HIS A 112 -5.77 -26.64 -19.21
C HIS A 112 -7.19 -27.07 -18.91
N PHE A 113 -8.01 -27.10 -19.96
CA PHE A 113 -9.35 -27.66 -19.95
C PHE A 113 -9.41 -28.89 -20.84
N GLU A 114 -10.23 -29.85 -20.46
CA GLU A 114 -10.64 -30.89 -21.40
C GLU A 114 -12.12 -30.67 -21.62
N LYS A 115 -12.48 -30.23 -22.83
CA LYS A 115 -13.89 -29.95 -23.11
C LYS A 115 -14.62 -31.25 -23.40
N ILE A 116 -15.78 -31.43 -22.77
CA ILE A 116 -16.59 -32.65 -22.97
C ILE A 116 -18.05 -32.34 -23.28
N GLN A 117 -18.65 -33.18 -24.13
CA GLN A 117 -20.08 -33.11 -24.38
C GLN A 117 -20.80 -33.63 -23.15
N ILE A 118 -21.71 -32.83 -22.59
CA ILE A 118 -22.49 -33.25 -21.44
C ILE A 118 -23.98 -33.47 -21.73
N ILE A 119 -24.54 -32.70 -22.67
CA ILE A 119 -25.90 -32.93 -23.17
C ILE A 119 -25.86 -32.88 -24.69
N PRO A 120 -26.02 -34.05 -25.36
CA PRO A 120 -25.99 -34.10 -26.83
C PRO A 120 -27.12 -33.27 -27.44
N LYS A 121 -26.78 -32.51 -28.48
CA LYS A 121 -27.73 -31.69 -29.24
C LYS A 121 -28.87 -32.54 -29.80
N SER A 122 -28.54 -33.77 -30.20
CA SER A 122 -29.52 -34.67 -30.78
C SER A 122 -30.47 -35.27 -29.74
N SER A 123 -30.16 -35.10 -28.45
CA SER A 123 -30.98 -35.71 -27.39
C SER A 123 -32.24 -34.92 -27.03
N TRP A 124 -32.53 -33.87 -27.80
CA TRP A 124 -33.76 -33.09 -27.61
C TRP A 124 -34.82 -33.52 -28.60
N SER A 125 -35.79 -34.32 -28.14
CA SER A 125 -36.80 -34.89 -29.01
C SER A 125 -38.07 -34.04 -29.08
N ASP A 126 -38.38 -33.36 -27.98
CA ASP A 126 -39.64 -32.62 -27.85
C ASP A 126 -39.43 -31.12 -28.06
N HIS A 127 -38.23 -30.75 -28.49
CA HIS A 127 -37.89 -29.35 -28.71
C HIS A 127 -37.03 -29.25 -29.95
N GLU A 128 -37.07 -28.09 -30.59
CA GLU A 128 -36.16 -27.79 -31.68
C GLU A 128 -34.84 -27.30 -31.10
N ALA A 129 -33.74 -27.79 -31.64
CA ALA A 129 -32.42 -27.48 -31.11
C ALA A 129 -31.52 -26.78 -32.14
N SER A 130 -32.07 -26.45 -33.29
CA SER A 130 -31.27 -25.90 -34.40
C SER A 130 -31.37 -24.39 -34.55
N GLY A 131 -31.76 -23.68 -33.48
CA GLY A 131 -31.88 -22.22 -33.51
C GLY A 131 -30.59 -21.52 -33.91
N VAL A 132 -30.69 -20.60 -34.86
CA VAL A 132 -29.53 -19.84 -35.31
C VAL A 132 -29.83 -18.34 -35.33
N SER A 133 -28.81 -17.54 -35.60
CA SER A 133 -28.96 -16.09 -35.73
C SER A 133 -27.94 -15.53 -36.70
N SER A 134 -28.33 -14.49 -37.43
CA SER A 134 -27.42 -13.78 -38.32
C SER A 134 -26.40 -12.96 -37.52
N ALA A 135 -26.64 -12.83 -36.21
CA ALA A 135 -25.68 -12.20 -35.31
C ALA A 135 -24.45 -13.07 -35.05
N CYS A 136 -24.57 -14.36 -35.34
CA CYS A 136 -23.45 -15.30 -35.26
C CYS A 136 -23.20 -15.97 -36.62
N PRO A 137 -22.67 -15.22 -37.59
CA PRO A 137 -22.43 -15.87 -38.88
C PRO A 137 -21.27 -16.86 -38.83
N TYR A 138 -21.32 -17.86 -39.71
CA TYR A 138 -20.22 -18.79 -39.92
C TYR A 138 -20.30 -19.23 -41.36
N GLN A 139 -19.23 -18.96 -42.10
CA GLN A 139 -19.16 -19.16 -43.55
C GLN A 139 -20.33 -18.47 -44.27
N GLY A 140 -20.71 -17.30 -43.76
CA GLY A 140 -21.74 -16.47 -44.39
C GLY A 140 -23.17 -16.96 -44.20
N ARG A 141 -23.36 -17.90 -43.28
CA ARG A 141 -24.69 -18.41 -42.93
C ARG A 141 -24.93 -18.19 -41.45
N SER A 142 -26.20 -17.95 -41.10
CA SER A 142 -26.62 -17.84 -39.71
C SER A 142 -26.17 -19.07 -38.94
N SER A 143 -25.51 -18.84 -37.82
CA SER A 143 -25.05 -19.93 -36.98
C SER A 143 -25.34 -19.60 -35.51
N PHE A 144 -24.59 -20.25 -34.61
CA PHE A 144 -24.77 -20.06 -33.18
C PHE A 144 -23.54 -20.53 -32.41
N PHE A 145 -23.47 -20.20 -31.13
CA PHE A 145 -22.41 -20.72 -30.26
C PHE A 145 -22.32 -22.24 -30.37
N ARG A 146 -21.10 -22.76 -30.37
CA ARG A 146 -20.87 -24.21 -30.47
C ARG A 146 -21.13 -24.98 -29.18
N ASN A 147 -21.02 -24.31 -28.04
CA ASN A 147 -21.01 -25.04 -26.77
C ASN A 147 -22.34 -25.03 -26.01
N VAL A 148 -23.27 -24.20 -26.46
CA VAL A 148 -24.62 -24.14 -25.94
C VAL A 148 -25.65 -24.24 -27.06
N VAL A 149 -26.89 -24.57 -26.71
CA VAL A 149 -27.92 -24.87 -27.71
C VAL A 149 -29.16 -23.98 -27.52
N TRP A 150 -29.64 -23.39 -28.63
CA TRP A 150 -30.84 -22.58 -28.61
C TRP A 150 -32.09 -23.45 -28.79
N LEU A 151 -32.79 -23.70 -27.69
CA LEU A 151 -34.00 -24.52 -27.72
C LEU A 151 -35.23 -23.66 -28.02
N THR A 152 -36.08 -24.14 -28.92
CA THR A 152 -37.35 -23.47 -29.22
C THR A 152 -38.50 -24.49 -29.30
N LYS A 153 -39.72 -23.99 -29.39
CA LYS A 153 -40.91 -24.86 -29.46
C LYS A 153 -40.88 -25.80 -30.66
N LYS A 154 -41.52 -26.96 -30.48
CA LYS A 154 -41.69 -27.94 -31.54
C LYS A 154 -43.16 -28.31 -31.61
N ASP A 155 -43.72 -28.26 -32.82
CA ASP A 155 -45.16 -28.50 -33.04
C ASP A 155 -46.02 -27.59 -32.16
N ASN A 156 -45.68 -26.30 -32.12
CA ASN A 156 -46.37 -25.30 -31.31
C ASN A 156 -46.49 -25.66 -29.82
N ALA A 157 -45.54 -26.45 -29.32
CA ALA A 157 -45.52 -26.82 -27.92
C ALA A 157 -44.10 -26.75 -27.37
N TYR A 158 -43.99 -26.24 -26.15
CA TYR A 158 -42.73 -26.26 -25.44
C TYR A 158 -43.02 -26.89 -24.08
N PRO A 159 -42.91 -28.23 -24.01
CA PRO A 159 -43.14 -28.93 -22.74
C PRO A 159 -42.03 -28.61 -21.77
N THR A 160 -42.32 -28.73 -20.48
CA THR A 160 -41.34 -28.46 -19.43
C THR A 160 -40.14 -29.40 -19.54
N ILE A 161 -38.95 -28.79 -19.57
CA ILE A 161 -37.70 -29.54 -19.64
C ILE A 161 -37.23 -29.91 -18.25
N LYS A 162 -36.84 -31.17 -18.07
CA LYS A 162 -36.17 -31.62 -16.86
C LYS A 162 -34.95 -32.45 -17.23
N ARG A 163 -33.77 -31.84 -17.12
CA ARG A 163 -32.52 -32.52 -17.43
C ARG A 163 -31.50 -32.42 -16.30
N SER A 164 -30.81 -33.53 -16.05
CA SER A 164 -29.81 -33.60 -15.02
C SER A 164 -28.50 -34.09 -15.59
N TYR A 165 -27.40 -33.50 -15.12
CA TYR A 165 -26.08 -34.05 -15.37
C TYR A 165 -25.30 -34.28 -14.07
N ASN A 166 -24.89 -35.52 -13.87
CA ASN A 166 -24.05 -35.90 -12.73
C ASN A 166 -22.58 -35.91 -13.17
N ASN A 167 -21.75 -35.11 -12.51
CA ASN A 167 -20.30 -35.08 -12.78
C ASN A 167 -19.62 -36.35 -12.26
N THR A 168 -19.52 -37.34 -13.14
CA THR A 168 -18.89 -38.61 -12.82
C THR A 168 -17.36 -38.58 -12.99
N ASN A 169 -16.82 -37.44 -13.39
CA ASN A 169 -15.37 -37.25 -13.51
C ASN A 169 -14.75 -36.94 -12.15
N GLN A 170 -13.42 -36.94 -12.08
CA GLN A 170 -12.71 -36.64 -10.85
C GLN A 170 -12.30 -35.18 -10.74
N GLU A 171 -12.44 -34.44 -11.85
CA GLU A 171 -12.11 -33.03 -11.89
C GLU A 171 -13.35 -32.14 -11.74
N ASP A 172 -13.14 -30.92 -11.24
CA ASP A 172 -14.17 -29.88 -11.28
C ASP A 172 -14.60 -29.63 -12.73
N LEU A 173 -15.89 -29.32 -12.91
CA LEU A 173 -16.44 -29.08 -14.23
C LEU A 173 -17.05 -27.68 -14.35
N LEU A 174 -16.58 -26.92 -15.34
CA LEU A 174 -17.12 -25.59 -15.61
C LEU A 174 -18.30 -25.75 -16.56
N VAL A 175 -19.48 -25.41 -16.07
CA VAL A 175 -20.70 -25.56 -16.86
C VAL A 175 -21.24 -24.19 -17.25
N LEU A 176 -21.66 -24.05 -18.50
CA LEU A 176 -22.22 -22.80 -19.01
C LEU A 176 -23.62 -23.01 -19.57
N TRP A 177 -24.51 -22.05 -19.29
CA TRP A 177 -25.87 -22.03 -19.85
C TRP A 177 -26.32 -20.57 -19.96
N GLY A 178 -27.47 -20.34 -20.57
CA GLY A 178 -27.95 -18.97 -20.73
C GLY A 178 -29.45 -18.81 -20.82
N ILE A 179 -29.89 -17.56 -20.77
CA ILE A 179 -31.30 -17.23 -20.94
C ILE A 179 -31.45 -16.28 -22.13
N HIS A 180 -32.52 -16.46 -22.91
CA HIS A 180 -32.82 -15.52 -23.99
C HIS A 180 -33.88 -14.49 -23.57
N HIS A 181 -33.54 -13.22 -23.71
CA HIS A 181 -34.48 -12.13 -23.45
C HIS A 181 -35.03 -11.63 -24.78
N PRO A 182 -36.31 -11.91 -25.06
CA PRO A 182 -36.96 -11.54 -26.32
C PRO A 182 -37.33 -10.07 -26.44
N ASN A 183 -37.76 -9.68 -27.63
CA ASN A 183 -38.10 -8.29 -27.96
C ASN A 183 -39.49 -7.86 -27.50
N ASP A 184 -40.45 -8.77 -27.62
CA ASP A 184 -41.84 -8.51 -27.23
C ASP A 184 -42.63 -9.80 -26.99
N ALA A 185 -43.85 -9.65 -26.49
CA ALA A 185 -44.74 -10.79 -26.17
C ALA A 185 -45.00 -11.71 -27.38
N ALA A 186 -45.20 -11.11 -28.55
CA ALA A 186 -45.45 -11.88 -29.77
C ALA A 186 -44.28 -12.79 -30.12
N GLU A 187 -43.07 -12.27 -29.99
CA GLU A 187 -41.85 -13.03 -30.26
C GLU A 187 -41.69 -14.17 -29.24
N GLN A 188 -42.02 -13.87 -27.98
CA GLN A 188 -42.00 -14.85 -26.90
C GLN A 188 -42.80 -16.12 -27.24
N THR A 189 -44.06 -15.92 -27.65
CA THR A 189 -44.93 -17.05 -27.96
C THR A 189 -44.52 -17.69 -29.28
N ARG A 190 -44.08 -16.87 -30.23
CA ARG A 190 -43.58 -17.38 -31.50
C ARG A 190 -42.40 -18.35 -31.32
N LEU A 191 -41.50 -18.03 -30.39
CA LEU A 191 -40.32 -18.86 -30.15
C LEU A 191 -40.55 -19.99 -29.13
N TYR A 192 -41.34 -19.71 -28.09
CA TYR A 192 -41.42 -20.61 -26.94
C TYR A 192 -42.84 -21.03 -26.53
N GLN A 193 -43.84 -20.50 -27.24
CA GLN A 193 -45.25 -20.79 -26.98
C GLN A 193 -45.79 -20.24 -25.67
N ASN A 194 -45.20 -20.66 -24.56
CA ASN A 194 -45.62 -20.23 -23.22
C ASN A 194 -45.25 -18.76 -23.00
N PRO A 195 -46.23 -17.94 -22.58
CA PRO A 195 -45.99 -16.50 -22.39
C PRO A 195 -45.21 -16.18 -21.12
N THR A 196 -45.35 -17.01 -20.09
CA THR A 196 -44.70 -16.79 -18.81
C THR A 196 -43.77 -17.97 -18.52
N THR A 197 -42.47 -17.68 -18.44
CA THR A 197 -41.46 -18.75 -18.38
C THR A 197 -40.41 -18.52 -17.29
N TYR A 198 -39.59 -19.56 -17.10
CA TYR A 198 -38.54 -19.57 -16.10
C TYR A 198 -37.50 -20.62 -16.48
N ILE A 199 -36.31 -20.47 -15.93
CA ILE A 199 -35.31 -21.52 -15.91
C ILE A 199 -34.87 -21.68 -14.46
N SER A 200 -34.99 -22.89 -13.92
CA SER A 200 -34.45 -23.15 -12.59
C SER A 200 -33.23 -24.04 -12.71
N VAL A 201 -32.20 -23.69 -11.94
CA VAL A 201 -30.96 -24.46 -11.92
C VAL A 201 -30.57 -24.75 -10.47
N GLY A 202 -30.25 -26.01 -10.19
CA GLY A 202 -29.87 -26.41 -8.84
C GLY A 202 -28.69 -27.37 -8.83
N THR A 203 -27.78 -27.15 -7.89
CA THR A 203 -26.72 -28.12 -7.57
C THR A 203 -26.74 -28.29 -6.06
N SER A 204 -25.62 -28.70 -5.47
CA SER A 204 -25.54 -28.76 -4.02
C SER A 204 -25.41 -27.36 -3.42
N THR A 205 -25.03 -26.39 -4.25
CA THR A 205 -24.82 -25.02 -3.78
C THR A 205 -25.62 -23.97 -4.57
N LEU A 206 -25.92 -24.27 -5.83
CA LEU A 206 -26.63 -23.34 -6.68
C LEU A 206 -28.14 -23.45 -6.48
N ASN A 207 -28.80 -22.30 -6.34
CA ASN A 207 -30.26 -22.22 -6.28
C ASN A 207 -30.78 -21.04 -7.11
N GLN A 208 -30.90 -21.26 -8.41
CA GLN A 208 -31.16 -20.18 -9.34
C GLN A 208 -32.55 -20.33 -9.97
N ARG A 209 -33.28 -19.21 -10.04
CA ARG A 209 -34.49 -19.15 -10.85
C ARG A 209 -34.52 -17.88 -11.69
N LEU A 210 -34.28 -18.04 -12.98
CA LEU A 210 -34.24 -16.92 -13.92
C LEU A 210 -35.60 -16.74 -14.61
N VAL A 211 -35.94 -15.47 -14.86
CA VAL A 211 -37.15 -15.09 -15.57
C VAL A 211 -36.72 -14.11 -16.68
N PRO A 212 -37.19 -14.32 -17.92
CA PRO A 212 -36.81 -13.47 -19.06
C PRO A 212 -37.23 -12.03 -18.84
N LYS A 213 -36.45 -11.09 -19.38
CA LYS A 213 -36.76 -9.67 -19.34
C LYS A 213 -37.05 -9.17 -20.75
N ILE A 214 -38.33 -8.95 -21.04
CA ILE A 214 -38.72 -8.34 -22.30
C ILE A 214 -38.56 -6.82 -22.18
N ALA A 215 -37.89 -6.23 -23.18
CA ALA A 215 -37.64 -4.80 -23.22
C ALA A 215 -37.34 -4.39 -24.67
N THR A 216 -37.64 -3.14 -24.99
CA THR A 216 -37.41 -2.61 -26.33
C THR A 216 -36.00 -2.05 -26.36
N ARG A 217 -35.14 -2.69 -27.15
CA ARG A 217 -33.71 -2.44 -27.09
C ARG A 217 -33.14 -2.12 -28.48
N SER A 218 -32.01 -1.42 -28.49
CA SER A 218 -31.32 -1.06 -29.73
C SER A 218 -30.71 -2.30 -30.38
N LYS A 219 -30.56 -2.25 -31.70
CA LYS A 219 -29.87 -3.31 -32.43
C LYS A 219 -28.38 -3.34 -32.11
N VAL A 220 -27.88 -4.53 -31.78
CA VAL A 220 -26.46 -4.79 -31.64
C VAL A 220 -26.19 -6.06 -32.45
N ASN A 221 -25.25 -5.96 -33.38
CA ASN A 221 -25.03 -7.00 -34.40
C ASN A 221 -26.31 -7.36 -35.13
N GLY A 222 -27.15 -6.35 -35.39
CA GLY A 222 -28.42 -6.54 -36.09
C GLY A 222 -29.58 -7.11 -35.27
N GLN A 223 -29.35 -7.37 -33.98
CA GLN A 223 -30.40 -7.99 -33.16
C GLN A 223 -30.71 -7.19 -31.90
N SER A 224 -32.01 -7.07 -31.62
CA SER A 224 -32.49 -6.33 -30.46
C SER A 224 -32.71 -7.26 -29.25
N GLY A 225 -32.75 -8.57 -29.51
CA GLY A 225 -32.81 -9.57 -28.45
C GLY A 225 -31.49 -9.64 -27.69
N ARG A 226 -31.50 -10.29 -26.52
CA ARG A 226 -30.30 -10.44 -25.72
C ARG A 226 -30.18 -11.85 -25.16
N MET A 227 -28.94 -12.31 -25.02
CA MET A 227 -28.69 -13.54 -24.27
C MET A 227 -27.76 -13.28 -23.10
N GLU A 228 -28.18 -13.75 -21.94
CA GLU A 228 -27.45 -13.59 -20.69
C GLU A 228 -26.94 -14.95 -20.28
N PHE A 229 -25.63 -15.04 -20.08
CA PHE A 229 -25.02 -16.33 -19.78
C PHE A 229 -24.59 -16.46 -18.32
N PHE A 230 -24.65 -17.69 -17.81
CA PHE A 230 -24.31 -17.99 -16.44
C PHE A 230 -23.35 -19.16 -16.38
N TRP A 231 -22.70 -19.32 -15.24
CA TRP A 231 -21.73 -20.39 -15.06
C TRP A 231 -21.70 -20.87 -13.62
N THR A 232 -21.22 -22.10 -13.44
CA THR A 232 -20.93 -22.64 -12.12
C THR A 232 -19.82 -23.67 -12.23
N ILE A 233 -19.22 -23.97 -11.10
CA ILE A 233 -18.24 -25.05 -11.02
C ILE A 233 -18.97 -26.21 -10.36
N LEU A 234 -19.12 -27.30 -11.11
CA LEU A 234 -19.77 -28.50 -10.60
C LEU A 234 -18.72 -29.47 -10.04
N LYS A 235 -18.78 -29.71 -8.74
CA LYS A 235 -17.84 -30.58 -8.05
C LYS A 235 -18.02 -32.04 -8.49
N PRO A 236 -16.93 -32.85 -8.41
CA PRO A 236 -17.06 -34.28 -8.67
C PRO A 236 -18.16 -34.89 -7.81
N ASN A 237 -19.00 -35.72 -8.43
CA ASN A 237 -20.09 -36.44 -7.77
C ASN A 237 -21.31 -35.61 -7.41
N ASP A 238 -21.24 -34.31 -7.65
CA ASP A 238 -22.41 -33.45 -7.57
C ASP A 238 -23.14 -33.50 -8.90
N ALA A 239 -24.39 -33.03 -8.90
CA ALA A 239 -25.21 -33.02 -10.11
C ALA A 239 -25.84 -31.66 -10.33
N ILE A 240 -26.01 -31.29 -11.60
CA ILE A 240 -26.72 -30.07 -11.97
C ILE A 240 -28.10 -30.41 -12.57
N ASN A 241 -29.13 -29.70 -12.13
CA ASN A 241 -30.49 -29.98 -12.53
C ASN A 241 -31.14 -28.76 -13.14
N PHE A 242 -31.51 -28.88 -14.41
CA PHE A 242 -32.17 -27.80 -15.15
C PHE A 242 -33.66 -28.09 -15.30
N GLU A 243 -34.47 -27.07 -15.09
CA GLU A 243 -35.90 -27.13 -15.42
C GLU A 243 -36.31 -25.84 -16.11
N SER A 244 -37.07 -25.97 -17.18
CA SER A 244 -37.50 -24.77 -17.92
C SER A 244 -38.69 -25.04 -18.80
N ASN A 245 -39.53 -24.01 -18.97
CA ASN A 245 -40.62 -24.03 -19.93
C ASN A 245 -40.42 -22.92 -20.97
N GLY A 246 -39.18 -22.46 -21.14
CA GLY A 246 -38.86 -21.51 -22.19
C GLY A 246 -37.63 -20.64 -21.95
N ASN A 247 -37.10 -20.11 -23.06
CA ASN A 247 -36.00 -19.14 -23.05
C ASN A 247 -34.65 -19.71 -22.63
N PHE A 248 -34.59 -21.04 -22.56
CA PHE A 248 -33.43 -21.79 -22.09
C PHE A 248 -32.39 -21.98 -23.18
N ILE A 249 -31.19 -21.46 -22.93
CA ILE A 249 -30.05 -21.76 -23.77
C ILE A 249 -29.27 -22.87 -23.06
N ALA A 250 -29.47 -24.10 -23.50
CA ALA A 250 -28.96 -25.27 -22.78
C ALA A 250 -27.48 -25.52 -23.05
N PRO A 251 -26.78 -26.04 -22.03
CA PRO A 251 -25.40 -26.52 -22.23
C PRO A 251 -25.36 -27.62 -23.27
N GLU A 252 -24.28 -27.67 -24.05
CA GLU A 252 -23.98 -28.88 -24.82
C GLU A 252 -22.65 -29.45 -24.33
N ASN A 253 -21.62 -28.60 -24.37
CA ASN A 253 -20.29 -28.92 -23.91
C ASN A 253 -19.96 -28.18 -22.63
N ALA A 254 -19.16 -28.82 -21.78
CA ALA A 254 -18.65 -28.22 -20.55
C ALA A 254 -17.16 -28.54 -20.44
N TYR A 255 -16.47 -27.85 -19.53
CA TYR A 255 -15.02 -27.89 -19.43
C TYR A 255 -14.48 -28.56 -18.16
N LYS A 256 -13.83 -29.71 -18.31
CA LYS A 256 -13.10 -30.33 -17.20
C LYS A 256 -11.86 -29.49 -16.90
N ILE A 257 -11.68 -29.14 -15.63
CA ILE A 257 -10.49 -28.41 -15.21
C ILE A 257 -9.41 -29.45 -14.87
N VAL A 258 -8.47 -29.63 -15.80
CA VAL A 258 -7.52 -30.74 -15.72
C VAL A 258 -6.14 -30.38 -15.19
N LYS A 259 -5.73 -29.13 -15.41
CA LYS A 259 -4.46 -28.65 -14.86
C LYS A 259 -4.58 -27.27 -14.23
N LYS A 260 -4.31 -27.19 -12.93
CA LYS A 260 -4.34 -25.94 -12.18
C LYS A 260 -2.92 -25.52 -11.82
N GLY A 261 -2.64 -24.23 -11.98
CA GLY A 261 -1.34 -23.69 -11.61
C GLY A 261 -1.30 -22.19 -11.80
N ASP A 262 -0.10 -21.65 -11.89
CA ASP A 262 0.07 -20.21 -12.13
C ASP A 262 -0.18 -19.85 -13.57
N SER A 263 -1.05 -18.87 -13.77
CA SER A 263 -1.36 -18.35 -15.10
C SER A 263 -1.74 -16.89 -14.95
N THR A 264 -1.99 -16.24 -16.08
CA THR A 264 -2.49 -14.87 -16.06
C THR A 264 -3.21 -14.59 -17.35
N ILE A 265 -4.11 -13.61 -17.33
CA ILE A 265 -4.66 -13.07 -18.57
C ILE A 265 -3.98 -11.75 -18.86
N MET A 266 -3.15 -11.77 -19.90
CA MET A 266 -2.38 -10.61 -20.31
C MET A 266 -3.10 -9.84 -21.40
N LYS A 267 -3.14 -8.52 -21.26
CA LYS A 267 -3.70 -7.66 -22.29
C LYS A 267 -2.59 -7.18 -23.20
N SER A 268 -2.68 -7.54 -24.49
CA SER A 268 -1.66 -7.16 -25.45
C SER A 268 -2.18 -7.23 -26.88
N GLU A 269 -1.61 -6.40 -27.74
CA GLU A 269 -1.97 -6.39 -29.15
C GLU A 269 -1.07 -7.28 -30.00
N LEU A 270 0.03 -7.77 -29.42
CA LEU A 270 1.02 -8.58 -30.14
C LEU A 270 0.55 -10.00 -30.46
N GLU A 271 1.15 -10.60 -31.49
CA GLU A 271 0.93 -12.01 -31.81
C GLU A 271 2.06 -12.90 -31.28
N TYR A 272 1.97 -14.20 -31.56
CA TYR A 272 2.98 -15.17 -31.15
C TYR A 272 4.34 -14.87 -31.78
N GLY A 273 5.42 -15.07 -31.02
CA GLY A 273 6.77 -14.72 -31.46
C GLY A 273 7.72 -15.86 -31.80
N ASN A 274 7.19 -17.08 -31.89
CA ASN A 274 8.00 -18.30 -32.13
C ASN A 274 9.30 -18.29 -31.34
N CYS A 275 9.15 -18.28 -30.02
CA CYS A 275 10.23 -17.87 -29.14
C CYS A 275 10.01 -18.43 -27.74
N ASN A 276 11.10 -18.56 -26.97
CA ASN A 276 10.99 -19.04 -25.60
C ASN A 276 11.68 -18.11 -24.59
N THR A 277 11.03 -17.89 -23.44
CA THR A 277 11.53 -16.99 -22.40
C THR A 277 11.26 -17.50 -20.99
N LYS A 278 11.97 -16.94 -20.01
CA LYS A 278 11.70 -17.18 -18.61
C LYS A 278 10.87 -16.06 -18.01
N CYS A 279 10.85 -14.90 -18.66
CA CYS A 279 10.14 -13.72 -18.15
C CYS A 279 9.39 -13.00 -19.28
N GLN A 280 8.07 -12.90 -19.15
CA GLN A 280 7.23 -12.28 -20.18
C GLN A 280 6.49 -11.06 -19.65
N THR A 281 6.45 -10.01 -20.48
CA THR A 281 5.62 -8.83 -20.23
C THR A 281 4.68 -8.61 -21.43
N PRO A 282 3.63 -7.78 -21.27
CA PRO A 282 2.66 -7.59 -22.34
C PRO A 282 3.23 -6.90 -23.58
N ILE A 283 4.42 -6.32 -23.46
CA ILE A 283 5.04 -5.63 -24.61
C ILE A 283 6.30 -6.31 -25.15
N GLY A 284 6.79 -7.33 -24.43
CA GLY A 284 7.98 -8.07 -24.84
C GLY A 284 8.54 -8.93 -23.72
N ALA A 285 9.38 -9.89 -24.11
CA ALA A 285 10.02 -10.80 -23.16
C ALA A 285 11.35 -10.22 -22.64
N ILE A 286 11.76 -10.67 -21.45
CA ILE A 286 12.99 -10.23 -20.82
C ILE A 286 13.96 -11.40 -20.63
N ASN A 287 15.18 -11.25 -21.12
CA ASN A 287 16.26 -12.21 -20.87
C ASN A 287 17.44 -11.46 -20.25
N SER A 288 17.45 -11.41 -18.91
CA SER A 288 18.34 -10.52 -18.19
C SER A 288 18.81 -11.16 -16.89
N SER A 289 19.98 -10.72 -16.40
CA SER A 289 20.44 -11.10 -15.06
C SER A 289 20.51 -9.89 -14.12
N MET A 290 20.03 -8.76 -14.60
CA MET A 290 19.84 -7.56 -13.79
C MET A 290 18.83 -7.82 -12.67
N PRO A 291 19.02 -7.17 -11.50
CA PRO A 291 18.03 -7.34 -10.42
C PRO A 291 16.76 -6.53 -10.63
N PHE A 292 16.86 -5.44 -11.39
CA PHE A 292 15.71 -4.59 -11.69
C PHE A 292 15.45 -4.46 -13.17
N HIS A 293 14.22 -4.07 -13.51
CA HIS A 293 13.84 -3.73 -14.87
C HIS A 293 12.75 -2.65 -14.84
N ASN A 294 12.60 -1.92 -15.95
CA ASN A 294 11.59 -0.87 -16.06
C ASN A 294 10.66 -1.06 -17.27
N ILE A 295 10.61 -2.28 -17.79
CA ILE A 295 9.86 -2.60 -19.01
C ILE A 295 8.35 -2.37 -18.88
N HIS A 296 7.75 -3.00 -17.87
CA HIS A 296 6.30 -3.01 -17.69
C HIS A 296 6.01 -3.61 -16.32
N PRO A 297 5.06 -3.03 -15.56
CA PRO A 297 4.78 -3.55 -14.22
C PRO A 297 4.15 -4.96 -14.16
N LEU A 298 3.53 -5.42 -15.24
CA LEU A 298 2.85 -6.73 -15.23
C LEU A 298 3.65 -7.84 -15.91
N THR A 299 4.22 -8.73 -15.11
CA THR A 299 5.06 -9.80 -15.65
C THR A 299 4.68 -11.17 -15.09
N ILE A 300 5.01 -12.21 -15.83
CA ILE A 300 4.89 -13.60 -15.36
C ILE A 300 6.20 -14.33 -15.59
N GLY A 301 6.57 -15.19 -14.64
CA GLY A 301 7.78 -16.00 -14.74
C GLY A 301 8.86 -15.61 -13.76
N GLU A 302 10.10 -15.98 -14.07
CA GLU A 302 11.26 -15.61 -13.25
C GLU A 302 11.79 -14.27 -13.75
N CYS A 303 11.50 -13.20 -13.00
CA CYS A 303 11.72 -11.84 -13.49
C CYS A 303 12.53 -10.96 -12.54
N PRO A 304 13.21 -9.94 -13.08
CA PRO A 304 13.78 -8.89 -12.23
C PRO A 304 12.64 -8.12 -11.58
N LYS A 305 12.94 -7.38 -10.52
CA LYS A 305 11.93 -6.56 -9.84
C LYS A 305 11.64 -5.29 -10.65
N TYR A 306 10.36 -4.96 -10.83
CA TYR A 306 9.99 -3.78 -11.61
C TYR A 306 10.10 -2.48 -10.82
N VAL A 307 10.74 -1.48 -11.43
CA VAL A 307 10.77 -0.11 -10.88
C VAL A 307 10.48 0.89 -11.99
N LYS A 308 10.03 2.09 -11.61
CA LYS A 308 9.69 3.13 -12.59
C LYS A 308 10.90 3.96 -13.05
N SER A 309 12.07 3.66 -12.51
CA SER A 309 13.29 4.42 -12.79
C SER A 309 13.69 4.43 -14.25
N SER A 310 14.23 5.55 -14.70
CA SER A 310 14.88 5.63 -15.99
C SER A 310 16.35 5.17 -15.90
N ARG A 311 16.91 5.21 -14.68
CA ARG A 311 18.32 4.88 -14.45
C ARG A 311 18.61 4.39 -13.03
N LEU A 312 19.31 3.27 -12.91
CA LEU A 312 19.85 2.80 -11.62
C LEU A 312 21.27 2.28 -11.82
N VAL A 313 22.24 2.98 -11.24
CA VAL A 313 23.64 2.62 -11.41
C VAL A 313 24.38 2.78 -10.08
N LEU A 314 24.98 1.69 -9.60
CA LEU A 314 25.76 1.71 -8.38
C LEU A 314 27.22 2.04 -8.67
N ALA A 315 27.80 2.92 -7.85
CA ALA A 315 29.24 3.11 -7.83
C ALA A 315 29.89 1.87 -7.23
N THR A 316 30.91 1.36 -7.91
CA THR A 316 31.69 0.24 -7.37
C THR A 316 33.15 0.68 -7.20
N GLY A 317 33.70 1.27 -8.26
CA GLY A 317 35.04 1.84 -8.22
C GLY A 317 35.02 3.19 -7.53
N LEU A 318 36.08 3.96 -7.71
CA LEU A 318 36.18 5.24 -7.02
C LEU A 318 36.07 6.45 -7.94
N ARG A 319 36.08 7.63 -7.33
CA ARG A 319 36.03 8.89 -8.04
C ARG A 319 37.20 8.94 -9.02
N ASN A 320 36.89 8.99 -10.31
CA ASN A 320 37.91 9.00 -11.35
C ASN A 320 38.43 10.42 -11.61
N SER A 321 39.64 10.68 -11.13
CA SER A 321 40.30 11.96 -11.35
C SER A 321 41.78 11.75 -11.65
N PRO A 322 42.11 11.46 -12.93
CA PRO A 322 43.51 11.31 -13.33
C PRO A 322 44.28 12.61 -13.19
N GLN A 323 45.55 12.51 -12.80
CA GLN A 323 46.47 13.65 -12.81
C GLN A 323 46.64 14.11 -14.25
N ARG A 324 46.73 15.42 -14.46
CA ARG A 324 46.72 15.99 -15.81
C ARG A 324 48.06 16.55 -16.26
N GLY B 1 36.42 12.97 -0.76
CA GLY B 1 35.12 13.13 -0.06
C GLY B 1 35.24 13.75 1.33
N LEU B 2 34.66 13.06 2.32
CA LEU B 2 34.63 13.53 3.70
C LEU B 2 35.98 13.39 4.42
N PHE B 3 36.83 12.50 3.92
CA PHE B 3 38.10 12.19 4.57
C PHE B 3 39.31 12.89 3.94
N GLY B 4 39.04 13.70 2.91
CA GLY B 4 40.00 14.66 2.35
C GLY B 4 41.29 14.14 1.76
N ALA B 5 41.27 12.92 1.25
CA ALA B 5 42.45 12.34 0.59
C ALA B 5 42.27 12.26 -0.93
N ILE B 6 41.20 11.58 -1.36
CA ILE B 6 40.82 11.53 -2.78
C ILE B 6 40.35 12.92 -3.22
N ALA B 7 41.08 13.49 -4.18
CA ALA B 7 40.98 14.92 -4.54
C ALA B 7 41.21 15.82 -3.31
N GLY B 8 42.16 15.41 -2.46
CA GLY B 8 42.49 16.14 -1.24
C GLY B 8 43.96 16.54 -1.22
N PHE B 9 44.77 15.85 -0.42
CA PHE B 9 46.22 16.10 -0.43
C PHE B 9 46.94 15.36 -1.55
N ILE B 10 46.49 14.14 -1.83
CA ILE B 10 46.93 13.40 -3.01
C ILE B 10 46.07 13.89 -4.17
N GLU B 11 46.62 14.83 -4.94
CA GLU B 11 45.83 15.62 -5.88
C GLU B 11 45.05 14.83 -6.94
N GLY B 12 45.65 13.76 -7.46
CA GLY B 12 44.97 12.94 -8.46
C GLY B 12 45.34 11.46 -8.45
N GLY B 13 44.58 10.66 -9.20
CA GLY B 13 44.82 9.24 -9.30
C GLY B 13 45.90 8.84 -10.29
N TRP B 14 46.40 7.63 -10.13
CA TRP B 14 47.44 7.07 -10.98
C TRP B 14 46.86 6.13 -12.02
N GLN B 15 47.00 6.50 -13.29
CA GLN B 15 46.63 5.60 -14.36
C GLN B 15 47.66 4.47 -14.48
N GLY B 16 48.89 4.73 -14.01
CA GLY B 16 49.96 3.73 -14.05
C GLY B 16 49.80 2.54 -13.12
N MET B 17 48.96 2.67 -12.09
CA MET B 17 48.69 1.56 -11.16
C MET B 17 47.43 0.80 -11.56
N VAL B 18 47.62 -0.26 -12.33
CA VAL B 18 46.52 -1.00 -12.96
C VAL B 18 46.21 -2.24 -12.13
N ASP B 19 46.63 -2.16 -10.88
CA ASP B 19 46.96 -3.30 -10.05
C ASP B 19 45.91 -3.54 -8.97
N GLY B 20 45.30 -2.45 -8.53
CA GLY B 20 44.33 -2.45 -7.44
C GLY B 20 43.86 -1.02 -7.26
N TRP B 21 43.04 -0.81 -6.25
CA TRP B 21 42.44 0.50 -6.04
C TRP B 21 43.36 1.50 -5.32
N TYR B 22 44.13 1.02 -4.36
CA TYR B 22 45.03 1.87 -3.58
C TYR B 22 46.40 1.23 -3.49
N GLY B 23 47.44 2.05 -3.43
CA GLY B 23 48.79 1.52 -3.34
C GLY B 23 49.88 2.57 -3.30
N TYR B 24 51.04 2.17 -3.82
CA TYR B 24 52.27 2.92 -3.63
C TYR B 24 52.97 3.18 -4.94
N HIS B 25 53.65 4.31 -5.02
CA HIS B 25 54.70 4.51 -6.00
C HIS B 25 56.02 4.77 -5.26
N HIS B 26 57.03 3.98 -5.59
CA HIS B 26 58.35 4.14 -4.98
C HIS B 26 59.36 4.56 -6.05
N SER B 27 60.36 5.33 -5.64
CA SER B 27 61.52 5.57 -6.50
C SER B 27 62.78 5.58 -5.66
N ASN B 28 63.66 4.63 -5.96
CA ASN B 28 64.98 4.56 -5.33
C ASN B 28 66.06 4.37 -6.39
N GLU B 29 67.26 3.97 -5.95
CA GLU B 29 68.40 3.81 -6.86
C GLU B 29 68.22 2.65 -7.85
N GLN B 30 67.51 1.61 -7.43
CA GLN B 30 67.24 0.45 -8.29
C GLN B 30 66.18 0.73 -9.36
N GLY B 31 65.42 1.81 -9.16
CA GLY B 31 64.37 2.18 -10.11
C GLY B 31 63.11 2.63 -9.42
N SER B 32 61.99 2.52 -10.14
CA SER B 32 60.71 3.01 -9.66
C SER B 32 59.55 2.17 -10.19
N GLY B 33 58.42 2.23 -9.50
CA GLY B 33 57.23 1.49 -9.92
C GLY B 33 56.03 1.64 -9.01
N TYR B 34 54.88 1.22 -9.52
CA TYR B 34 53.63 1.21 -8.77
C TYR B 34 53.39 -0.18 -8.19
N ALA B 35 52.70 -0.23 -7.07
CA ALA B 35 52.31 -1.50 -6.47
C ALA B 35 51.05 -1.27 -5.66
N ALA B 36 50.05 -2.11 -5.90
CA ALA B 36 48.82 -2.07 -5.13
C ALA B 36 49.07 -2.62 -3.74
N ASP B 37 48.43 -1.97 -2.75
CA ASP B 37 48.36 -2.53 -1.41
C ASP B 37 47.30 -3.63 -1.42
N LYS B 38 47.75 -4.85 -1.15
CA LYS B 38 46.91 -6.03 -1.35
C LYS B 38 45.75 -6.16 -0.37
N GLU B 39 45.99 -5.90 0.92
CA GLU B 39 44.95 -6.16 1.92
C GLU B 39 43.83 -5.13 1.86
N SER B 40 44.19 -3.84 1.81
CA SER B 40 43.20 -2.76 1.77
C SER B 40 42.35 -2.79 0.49
N THR B 41 42.97 -3.18 -0.63
CA THR B 41 42.25 -3.37 -1.90
C THR B 41 41.28 -4.56 -1.80
N GLN B 42 41.76 -5.69 -1.30
CA GLN B 42 40.92 -6.87 -1.12
C GLN B 42 39.81 -6.61 -0.11
N LYS B 43 40.13 -5.83 0.92
CA LYS B 43 39.19 -5.39 1.94
C LYS B 43 38.04 -4.59 1.30
N ALA B 44 38.41 -3.63 0.46
CA ALA B 44 37.43 -2.77 -0.21
C ALA B 44 36.59 -3.53 -1.24
N ILE B 45 37.25 -4.42 -2.00
CA ILE B 45 36.55 -5.28 -2.95
C ILE B 45 35.46 -6.11 -2.23
N ASP B 46 35.80 -6.61 -1.05
CA ASP B 46 34.88 -7.41 -0.23
C ASP B 46 33.67 -6.62 0.25
N GLY B 47 33.91 -5.43 0.82
CA GLY B 47 32.86 -4.56 1.31
C GLY B 47 31.91 -4.05 0.23
N VAL B 48 32.46 -3.71 -0.94
CA VAL B 48 31.66 -3.18 -2.05
C VAL B 48 30.80 -4.27 -2.69
N THR B 49 31.38 -5.46 -2.87
CA THR B 49 30.65 -6.64 -3.38
C THR B 49 29.48 -7.01 -2.45
N ASN B 50 29.74 -7.03 -1.14
CA ASN B 50 28.71 -7.30 -0.13
C ASN B 50 27.60 -6.24 -0.12
N LYS B 51 27.98 -4.98 -0.29
CA LYS B 51 27.02 -3.87 -0.39
C LYS B 51 26.07 -4.09 -1.58
N VAL B 52 26.64 -4.45 -2.73
CA VAL B 52 25.87 -4.70 -3.94
C VAL B 52 24.86 -5.83 -3.74
N ASN B 53 25.33 -6.95 -3.19
CA ASN B 53 24.47 -8.09 -2.89
C ASN B 53 23.38 -7.77 -1.87
N SER B 54 23.71 -6.97 -0.86
CA SER B 54 22.76 -6.56 0.18
C SER B 54 21.61 -5.73 -0.37
N ILE B 55 21.95 -4.80 -1.28
CA ILE B 55 20.96 -3.96 -1.94
C ILE B 55 20.01 -4.81 -2.79
N ILE B 56 20.58 -5.74 -3.57
CA ILE B 56 19.78 -6.66 -4.37
C ILE B 56 18.88 -7.56 -3.50
N ASP B 57 19.47 -8.18 -2.47
CA ASP B 57 18.75 -9.13 -1.63
C ASP B 57 17.71 -8.50 -0.70
N LYS B 58 17.90 -7.23 -0.36
CA LYS B 58 16.93 -6.49 0.46
C LYS B 58 15.64 -6.16 -0.29
N MET B 59 15.74 -6.03 -1.61
CA MET B 59 14.58 -5.73 -2.46
C MET B 59 13.80 -6.97 -2.86
N ASN B 60 14.38 -8.15 -2.66
CA ASN B 60 13.82 -9.41 -3.18
C ASN B 60 12.34 -9.68 -2.86
N THR B 61 11.87 -9.18 -1.72
CA THR B 61 10.47 -9.29 -1.34
C THR B 61 9.68 -8.06 -1.82
N GLN B 62 9.98 -7.61 -3.03
CA GLN B 62 9.32 -6.43 -3.59
C GLN B 62 7.87 -6.71 -3.97
N PHE B 63 7.10 -5.65 -4.17
CA PHE B 63 5.72 -5.78 -4.63
C PHE B 63 5.68 -6.24 -6.09
N GLU B 64 4.69 -7.07 -6.40
CA GLU B 64 4.50 -7.55 -7.77
C GLU B 64 3.05 -7.34 -8.15
N ALA B 65 2.83 -6.52 -9.18
CA ALA B 65 1.49 -6.17 -9.63
C ALA B 65 0.81 -7.33 -10.37
N VAL B 66 -0.50 -7.44 -10.17
CA VAL B 66 -1.29 -8.49 -10.79
C VAL B 66 -2.41 -7.83 -11.60
N GLY B 67 -2.64 -8.31 -12.81
CA GLY B 67 -3.76 -7.83 -13.62
C GLY B 67 -5.11 -8.24 -13.04
N ARG B 68 -5.93 -7.26 -12.72
CA ARG B 68 -7.29 -7.49 -12.24
C ARG B 68 -8.30 -6.75 -13.11
N GLU B 69 -9.41 -7.39 -13.44
CA GLU B 69 -10.42 -6.78 -14.31
C GLU B 69 -11.73 -6.42 -13.60
N PHE B 70 -12.30 -5.29 -13.98
CA PHE B 70 -13.51 -4.76 -13.38
C PHE B 70 -14.52 -4.32 -14.43
N ASN B 71 -15.81 -4.39 -14.10
CA ASN B 71 -16.84 -3.97 -15.05
C ASN B 71 -17.19 -2.49 -14.94
N ASN B 72 -18.08 -2.04 -15.82
CA ASN B 72 -18.49 -0.65 -15.92
C ASN B 72 -19.09 -0.06 -14.63
N LEU B 73 -19.66 -0.92 -13.79
CA LEU B 73 -20.22 -0.45 -12.52
C LEU B 73 -19.36 -0.80 -11.31
N GLU B 74 -18.09 -1.14 -11.56
CA GLU B 74 -17.10 -1.39 -10.49
C GLU B 74 -15.98 -0.36 -10.55
N ARG B 75 -16.32 0.88 -10.88
CA ARG B 75 -15.30 1.90 -11.12
C ARG B 75 -14.57 2.33 -9.86
N ARG B 76 -15.23 2.30 -8.71
CA ARG B 76 -14.62 2.72 -7.47
C ARG B 76 -13.51 1.74 -7.06
N ILE B 77 -13.79 0.43 -7.16
CA ILE B 77 -12.79 -0.55 -6.78
C ILE B 77 -11.70 -0.68 -7.84
N GLU B 78 -12.07 -0.42 -9.10
CA GLU B 78 -11.10 -0.40 -10.17
C GLU B 78 -10.06 0.69 -9.89
N ASN B 79 -10.54 1.86 -9.48
CA ASN B 79 -9.68 2.98 -9.16
C ASN B 79 -8.85 2.69 -7.92
N LEU B 80 -9.49 2.06 -6.92
CA LEU B 80 -8.83 1.64 -5.69
C LEU B 80 -7.69 0.69 -6.03
N ASN B 81 -7.98 -0.31 -6.86
CA ASN B 81 -6.99 -1.26 -7.29
C ASN B 81 -5.79 -0.59 -7.98
N LYS B 82 -6.09 0.37 -8.86
CA LYS B 82 -5.07 1.07 -9.63
C LYS B 82 -4.17 1.90 -8.73
N LYS B 83 -4.80 2.70 -7.85
CA LYS B 83 -4.06 3.58 -6.94
C LYS B 83 -3.22 2.79 -5.93
N MET B 84 -3.69 1.60 -5.57
CA MET B 84 -2.96 0.72 -4.67
C MET B 84 -1.69 0.18 -5.33
N GLU B 85 -1.84 -0.34 -6.55
CA GLU B 85 -0.72 -0.91 -7.29
C GLU B 85 0.31 0.15 -7.65
N ASP B 86 -0.16 1.28 -8.16
CA ASP B 86 0.71 2.43 -8.41
C ASP B 86 1.37 2.90 -7.13
N GLY B 87 0.63 2.83 -6.03
CA GLY B 87 1.11 3.22 -4.71
C GLY B 87 2.35 2.44 -4.31
N PHE B 88 2.29 1.12 -4.40
CA PHE B 88 3.43 0.29 -4.08
C PHE B 88 4.58 0.43 -5.08
N LEU B 89 4.27 0.55 -6.38
CA LEU B 89 5.31 0.76 -7.37
C LEU B 89 6.11 2.02 -7.07
N ASP B 90 5.43 3.09 -6.64
CA ASP B 90 6.10 4.33 -6.27
C ASP B 90 6.93 4.20 -5.00
N VAL B 91 6.40 3.48 -4.00
CA VAL B 91 7.14 3.23 -2.76
C VAL B 91 8.45 2.50 -3.03
N TRP B 92 8.37 1.43 -3.82
CA TRP B 92 9.55 0.62 -4.12
C TRP B 92 10.52 1.27 -5.10
N THR B 93 10.01 2.08 -6.02
CA THR B 93 10.86 2.87 -6.90
C THR B 93 11.66 3.87 -6.07
N TYR B 94 11.01 4.49 -5.10
CA TYR B 94 11.66 5.41 -4.16
C TYR B 94 12.74 4.68 -3.36
N ASN B 95 12.40 3.54 -2.78
CA ASN B 95 13.35 2.75 -1.98
C ASN B 95 14.60 2.37 -2.74
N ALA B 96 14.42 1.92 -3.99
CA ALA B 96 15.53 1.56 -4.86
C ALA B 96 16.42 2.76 -5.20
N GLU B 97 15.81 3.82 -5.72
CA GLU B 97 16.56 5.02 -6.10
C GLU B 97 17.29 5.65 -4.91
N LEU B 98 16.61 5.77 -3.78
CA LEU B 98 17.20 6.39 -2.61
C LEU B 98 18.35 5.55 -2.03
N LEU B 99 18.16 4.24 -1.93
CA LEU B 99 19.20 3.35 -1.43
C LEU B 99 20.46 3.44 -2.29
N VAL B 100 20.30 3.38 -3.60
CA VAL B 100 21.42 3.50 -4.53
C VAL B 100 22.17 4.82 -4.31
N LEU B 101 21.43 5.91 -4.19
CA LEU B 101 22.01 7.25 -3.95
C LEU B 101 22.81 7.34 -2.66
N MET B 102 22.19 6.95 -1.54
CA MET B 102 22.85 7.00 -0.25
C MET B 102 24.07 6.10 -0.20
N GLU B 103 23.98 4.94 -0.86
CA GLU B 103 25.07 3.98 -0.85
C GLU B 103 26.19 4.32 -1.83
N ASN B 104 25.86 5.01 -2.92
CA ASN B 104 26.88 5.56 -3.81
C ASN B 104 27.76 6.55 -3.07
N GLU B 105 27.13 7.39 -2.25
CA GLU B 105 27.82 8.36 -1.42
C GLU B 105 28.72 7.71 -0.39
N ARG B 106 28.23 6.63 0.22
CA ARG B 106 29.01 5.90 1.23
C ARG B 106 30.19 5.16 0.58
N THR B 107 29.97 4.64 -0.61
CA THR B 107 31.02 3.95 -1.37
C THR B 107 32.19 4.87 -1.70
N LEU B 108 31.89 6.09 -2.12
CA LEU B 108 32.93 7.04 -2.49
C LEU B 108 33.70 7.51 -1.26
N ASP B 109 32.97 7.77 -0.18
CA ASP B 109 33.58 8.12 1.11
C ASP B 109 34.41 6.97 1.69
N PHE B 110 33.97 5.74 1.42
CA PHE B 110 34.66 4.53 1.85
C PHE B 110 36.05 4.47 1.20
N HIS B 111 36.10 4.72 -0.11
CA HIS B 111 37.36 4.76 -0.85
C HIS B 111 38.28 5.86 -0.29
N ASP B 112 37.71 7.05 -0.10
CA ASP B 112 38.45 8.19 0.41
C ASP B 112 39.05 7.86 1.78
N SER B 113 38.25 7.23 2.63
CA SER B 113 38.69 6.76 3.94
C SER B 113 39.83 5.73 3.86
N ASN B 114 39.72 4.79 2.93
CA ASN B 114 40.71 3.72 2.76
C ASN B 114 42.09 4.25 2.36
N VAL B 115 42.09 5.27 1.51
CA VAL B 115 43.33 5.93 1.08
C VAL B 115 43.96 6.66 2.27
N LYS B 116 43.14 7.42 2.99
CA LYS B 116 43.59 8.14 4.18
C LYS B 116 44.20 7.19 5.21
N ASN B 117 43.53 6.08 5.45
CA ASN B 117 43.98 5.05 6.39
C ASN B 117 45.30 4.42 5.94
N LEU B 118 45.43 4.19 4.64
CA LEU B 118 46.67 3.64 4.06
C LEU B 118 47.85 4.61 4.19
N TYR B 119 47.57 5.89 3.97
CA TYR B 119 48.58 6.93 4.12
C TYR B 119 49.08 7.04 5.57
N ASP B 120 48.16 6.89 6.52
CA ASP B 120 48.49 6.95 7.95
C ASP B 120 49.26 5.72 8.41
N LYS B 121 48.93 4.56 7.84
CA LYS B 121 49.62 3.29 8.12
C LYS B 121 51.12 3.40 7.81
N VAL B 122 51.43 4.07 6.70
CA VAL B 122 52.80 4.34 6.30
C VAL B 122 53.43 5.43 7.18
N ARG B 123 52.68 6.51 7.40
CA ARG B 123 53.17 7.64 8.19
C ARG B 123 53.65 7.24 9.58
N LEU B 124 52.87 6.38 10.24
CA LEU B 124 53.15 5.93 11.60
C LEU B 124 54.35 4.97 11.67
N GLN B 125 54.67 4.34 10.55
CA GLN B 125 55.84 3.48 10.44
C GLN B 125 57.13 4.28 10.26
N LEU B 126 57.08 5.29 9.40
CA LEU B 126 58.27 6.05 9.02
C LEU B 126 58.73 7.04 10.09
N ARG B 127 57.81 7.84 10.62
CA ARG B 127 58.06 8.77 11.72
C ARG B 127 59.14 9.82 11.41
N ASP B 128 60.26 9.75 12.14
CA ASP B 128 61.38 10.68 12.01
C ASP B 128 62.25 10.38 10.79
N ASN B 129 62.18 9.15 10.28
CA ASN B 129 63.09 8.67 9.24
C ASN B 129 62.81 9.19 7.83
N ALA B 130 61.64 9.82 7.65
CA ALA B 130 61.27 10.38 6.36
C ALA B 130 60.53 11.72 6.50
N LYS B 131 60.66 12.57 5.48
CA LYS B 131 60.00 13.86 5.43
C LYS B 131 58.62 13.75 4.77
N GLU B 132 57.60 14.23 5.48
CA GLU B 132 56.22 14.28 4.97
C GLU B 132 56.07 15.48 4.03
N LEU B 133 56.00 15.21 2.73
CA LEU B 133 55.92 16.27 1.72
C LEU B 133 54.55 16.95 1.64
N GLY B 134 53.50 16.20 1.97
CA GLY B 134 52.14 16.74 2.00
C GLY B 134 51.32 16.46 0.74
N ASN B 135 52.00 15.98 -0.30
CA ASN B 135 51.35 15.63 -1.57
C ASN B 135 50.96 14.15 -1.63
N GLY B 136 51.15 13.45 -0.52
CA GLY B 136 50.94 12.00 -0.46
C GLY B 136 52.23 11.22 -0.51
N CYS B 137 53.34 11.94 -0.68
CA CYS B 137 54.67 11.34 -0.74
C CYS B 137 55.49 11.61 0.52
N PHE B 138 56.36 10.64 0.84
CA PHE B 138 57.34 10.80 1.90
C PHE B 138 58.74 10.75 1.29
N GLU B 139 59.61 11.67 1.71
CA GLU B 139 60.99 11.72 1.24
C GLU B 139 61.91 11.18 2.32
N PHE B 140 62.62 10.10 1.99
CA PHE B 140 63.48 9.39 2.94
C PHE B 140 64.77 10.14 3.26
N TYR B 141 65.13 10.17 4.53
CA TYR B 141 66.43 10.71 4.93
C TYR B 141 67.55 9.72 4.62
N HIS B 142 67.31 8.45 4.90
CA HIS B 142 68.26 7.39 4.57
C HIS B 142 67.92 6.77 3.21
N ARG B 143 68.81 5.93 2.70
CA ARG B 143 68.54 5.18 1.48
C ARG B 143 67.64 3.99 1.77
N CYS B 144 66.60 3.84 0.96
CA CYS B 144 65.63 2.75 1.12
C CYS B 144 65.59 1.92 -0.16
N ASP B 145 66.25 0.76 -0.12
CA ASP B 145 66.31 -0.15 -1.26
C ASP B 145 65.00 -0.91 -1.44
N ASN B 146 64.94 -1.80 -2.42
CA ASN B 146 63.72 -2.53 -2.78
C ASN B 146 63.10 -3.32 -1.66
N GLU B 147 63.96 -3.96 -0.86
CA GLU B 147 63.54 -4.77 0.27
C GLU B 147 63.06 -3.88 1.40
N CYS B 148 63.69 -2.71 1.52
CA CYS B 148 63.27 -1.67 2.46
C CYS B 148 61.89 -1.11 2.08
N MET B 149 61.68 -0.89 0.79
CA MET B 149 60.40 -0.40 0.26
C MET B 149 59.31 -1.42 0.47
N GLU B 150 59.65 -2.69 0.29
CA GLU B 150 58.71 -3.80 0.43
C GLU B 150 58.21 -3.94 1.88
N SER B 151 59.09 -3.67 2.83
CA SER B 151 58.76 -3.76 4.26
C SER B 151 57.82 -2.65 4.70
N VAL B 152 57.93 -1.49 4.05
CA VAL B 152 57.00 -0.37 4.25
C VAL B 152 55.59 -0.76 3.80
N ARG B 153 55.49 -1.38 2.62
CA ARG B 153 54.21 -1.85 2.08
C ARG B 153 53.65 -2.98 2.93
N ASN B 154 54.54 -3.87 3.40
CA ASN B 154 54.23 -4.96 4.31
C ASN B 154 53.61 -4.52 5.63
N GLY B 155 54.07 -3.39 6.14
CA GLY B 155 53.82 -3.01 7.52
C GLY B 155 54.87 -3.63 8.43
N THR B 156 56.00 -4.03 7.85
CA THR B 156 57.12 -4.65 8.59
C THR B 156 58.35 -3.74 8.63
N TYR B 157 58.19 -2.47 8.25
CA TYR B 157 59.29 -1.51 8.25
C TYR B 157 59.89 -1.38 9.64
N ASP B 158 61.21 -1.56 9.73
CA ASP B 158 61.92 -1.54 11.00
C ASP B 158 62.49 -0.15 11.28
N TYR B 159 61.85 0.56 12.21
CA TYR B 159 62.23 1.93 12.56
C TYR B 159 63.63 2.09 13.20
N PRO B 160 63.93 1.34 14.30
CA PRO B 160 65.24 1.48 14.97
C PRO B 160 66.45 1.18 14.10
N GLN B 161 66.24 0.38 13.04
CA GLN B 161 67.31 -0.03 12.13
C GLN B 161 67.95 1.12 11.33
N TYR B 162 67.14 2.13 10.99
CA TYR B 162 67.59 3.23 10.15
C TYR B 162 67.75 4.57 10.87
N SER B 163 67.15 4.70 12.05
CA SER B 163 67.27 5.93 12.85
C SER B 163 68.45 5.87 13.82
N ASP C 1 61.59 0.03 29.44
CA ASP C 1 61.84 0.78 30.70
C ASP C 1 61.13 2.15 30.80
N PRO C 2 61.17 2.98 29.72
CA PRO C 2 60.51 4.30 29.77
C PRO C 2 58.98 4.26 29.88
N ASP C 3 58.42 5.28 30.53
CA ASP C 3 56.98 5.39 30.74
C ASP C 3 56.19 5.53 29.43
N GLN C 4 54.94 5.07 29.44
CA GLN C 4 54.04 5.22 28.28
C GLN C 4 52.55 5.16 28.60
N ILE C 5 51.77 5.97 27.88
CA ILE C 5 50.32 5.95 27.95
C ILE C 5 49.75 5.46 26.60
N CYS C 6 48.73 4.60 26.67
CA CYS C 6 48.12 4.05 25.46
C CYS C 6 46.65 4.41 25.38
N ILE C 7 46.15 4.51 24.16
CA ILE C 7 44.71 4.65 23.91
C ILE C 7 44.18 3.30 23.46
N GLY C 8 43.00 2.95 23.96
CA GLY C 8 42.40 1.67 23.63
C GLY C 8 40.92 1.65 23.92
N TYR C 9 40.30 0.53 23.57
CA TYR C 9 38.86 0.38 23.65
C TYR C 9 38.49 -0.94 24.32
N HIS C 10 37.24 -1.01 24.75
CA HIS C 10 36.71 -2.14 25.51
C HIS C 10 36.58 -3.41 24.67
N ALA C 11 37.05 -4.52 25.23
CA ALA C 11 36.76 -5.85 24.71
C ALA C 11 36.21 -6.71 25.85
N ASN C 12 35.44 -7.73 25.51
CA ASN C 12 34.86 -8.64 26.50
C ASN C 12 34.64 -10.06 25.94
N ASN C 13 33.81 -10.85 26.62
CA ASN C 13 33.58 -12.25 26.26
C ASN C 13 32.37 -12.49 25.35
N SER C 14 31.73 -11.40 24.92
CA SER C 14 30.54 -11.48 24.08
C SER C 14 30.79 -12.16 22.73
N THR C 15 29.84 -12.99 22.33
CA THR C 15 29.80 -13.55 20.98
C THR C 15 28.55 -13.07 20.22
N GLU C 16 27.95 -11.98 20.69
CA GLU C 16 26.79 -11.40 20.00
C GLU C 16 27.22 -10.88 18.63
N GLN C 17 26.41 -11.17 17.61
CA GLN C 17 26.70 -10.79 16.23
C GLN C 17 25.64 -9.84 15.67
N VAL C 18 26.07 -8.84 14.93
CA VAL C 18 25.14 -7.95 14.23
C VAL C 18 25.51 -7.86 12.74
N ASP C 19 24.58 -7.38 11.93
CA ASP C 19 24.83 -7.21 10.49
C ASP C 19 24.87 -5.75 10.07
N THR C 20 25.63 -5.47 9.01
CA THR C 20 25.64 -4.17 8.35
C THR C 20 25.42 -4.37 6.86
N ILE C 21 25.41 -3.27 6.09
CA ILE C 21 25.36 -3.36 4.64
C ILE C 21 26.62 -4.04 4.08
N MET C 22 27.79 -3.63 4.57
CA MET C 22 29.06 -4.13 4.03
C MET C 22 29.60 -5.41 4.68
N GLU C 23 29.01 -5.80 5.81
CA GLU C 23 29.54 -6.90 6.62
C GLU C 23 28.44 -7.68 7.33
N LYS C 24 28.60 -9.00 7.39
CA LYS C 24 27.70 -9.86 8.13
C LYS C 24 28.45 -10.51 9.30
N ASN C 25 27.69 -10.97 10.30
CA ASN C 25 28.25 -11.62 11.50
C ASN C 25 29.38 -10.87 12.18
N VAL C 26 29.18 -9.58 12.45
CA VAL C 26 30.16 -8.79 13.18
C VAL C 26 29.97 -8.98 14.68
N THR C 27 30.99 -9.54 15.32
CA THR C 27 30.98 -9.76 16.77
C THR C 27 31.15 -8.42 17.49
N VAL C 28 30.24 -8.15 18.40
CA VAL C 28 30.24 -6.89 19.14
C VAL C 28 30.21 -7.15 20.64
N THR C 29 30.61 -6.13 21.40
CA THR C 29 30.70 -6.23 22.84
C THR C 29 29.30 -6.25 23.46
N HIS C 30 28.40 -5.46 22.88
CA HIS C 30 27.02 -5.38 23.35
C HIS C 30 26.07 -5.29 22.17
N ALA C 31 24.91 -5.91 22.32
CA ALA C 31 23.88 -5.86 21.30
C ALA C 31 22.50 -5.84 21.96
N GLN C 32 21.49 -5.44 21.22
CA GLN C 32 20.12 -5.46 21.70
C GLN C 32 19.18 -6.07 20.66
N ASP C 33 18.67 -7.25 21.00
CA ASP C 33 17.64 -7.92 20.22
C ASP C 33 16.35 -7.13 20.39
N ILE C 34 15.69 -6.81 19.27
CA ILE C 34 14.43 -6.06 19.31
C ILE C 34 13.24 -6.83 18.70
N LEU C 35 13.44 -8.12 18.43
CA LEU C 35 12.42 -8.95 17.80
C LEU C 35 11.93 -10.07 18.73
N GLU C 36 10.65 -10.06 19.07
CA GLU C 36 10.08 -11.13 19.88
C GLU C 36 9.77 -12.33 19.00
N LYS C 37 10.28 -13.49 19.37
CA LYS C 37 10.18 -14.67 18.53
C LYS C 37 9.40 -15.81 19.16
N THR C 38 8.90 -15.60 20.38
CA THR C 38 8.22 -16.66 21.12
C THR C 38 6.79 -16.27 21.52
N HIS C 39 5.90 -17.28 21.58
CA HIS C 39 4.53 -17.11 22.03
C HIS C 39 4.16 -18.32 22.88
N ASN C 40 3.04 -18.25 23.61
CA ASN C 40 2.70 -19.32 24.57
C ASN C 40 1.82 -20.45 23.99
N GLY C 41 1.47 -20.35 22.71
CA GLY C 41 0.64 -21.36 22.05
C GLY C 41 -0.78 -21.49 22.56
N LYS C 42 -1.25 -20.47 23.29
CA LYS C 42 -2.54 -20.54 23.95
C LYS C 42 -3.48 -19.41 23.52
N LEU C 43 -4.78 -19.67 23.63
CA LEU C 43 -5.78 -18.62 23.50
C LEU C 43 -6.16 -18.15 24.90
N CYS C 44 -5.88 -16.88 25.19
CA CYS C 44 -6.05 -16.36 26.54
C CYS C 44 -7.11 -15.26 26.65
N ASP C 45 -7.48 -14.95 27.88
CA ASP C 45 -8.25 -13.75 28.17
C ASP C 45 -7.43 -12.56 27.71
N LEU C 46 -8.11 -11.53 27.21
CA LEU C 46 -7.44 -10.32 26.83
C LEU C 46 -7.66 -9.27 27.92
N ASP C 47 -6.60 -8.99 28.68
CA ASP C 47 -6.66 -8.00 29.75
C ASP C 47 -7.82 -8.27 30.73
N GLY C 48 -8.03 -9.54 31.06
CA GLY C 48 -9.05 -9.94 32.02
C GLY C 48 -10.42 -10.24 31.46
N VAL C 49 -10.57 -10.08 30.14
CA VAL C 49 -11.85 -10.36 29.47
C VAL C 49 -11.73 -11.61 28.61
N LYS C 50 -12.53 -12.63 28.92
CA LYS C 50 -12.50 -13.90 28.21
C LYS C 50 -12.98 -13.77 26.76
N PRO C 51 -12.35 -14.53 25.83
CA PRO C 51 -12.86 -14.52 24.47
C PRO C 51 -14.12 -15.38 24.32
N LEU C 52 -14.82 -15.22 23.20
CA LEU C 52 -15.89 -16.15 22.87
C LEU C 52 -15.32 -17.22 21.95
N ILE C 53 -15.18 -18.42 22.48
CA ILE C 53 -14.69 -19.57 21.73
C ILE C 53 -15.88 -20.36 21.20
N LEU C 54 -16.15 -20.20 19.91
CA LEU C 54 -17.34 -20.83 19.32
C LEU C 54 -17.24 -22.35 19.13
N ARG C 55 -16.12 -22.94 19.55
CA ARG C 55 -15.92 -24.39 19.50
C ARG C 55 -16.13 -24.92 18.08
N ASP C 56 -17.19 -25.70 17.86
CA ASP C 56 -17.49 -26.28 16.56
C ASP C 56 -18.59 -25.52 15.81
N CYS C 57 -18.98 -24.36 16.34
CA CYS C 57 -20.08 -23.60 15.77
C CYS C 57 -19.57 -22.40 14.97
N SER C 58 -20.33 -22.01 13.95
CA SER C 58 -20.02 -20.79 13.20
C SER C 58 -20.80 -19.62 13.77
N VAL C 59 -20.51 -18.42 13.28
CA VAL C 59 -21.26 -17.23 13.70
C VAL C 59 -22.72 -17.40 13.30
N ALA C 60 -22.96 -17.93 12.08
CA ALA C 60 -24.31 -18.30 11.64
C ALA C 60 -25.00 -19.27 12.61
N GLY C 61 -24.31 -20.36 12.94
CA GLY C 61 -24.83 -21.39 13.84
C GLY C 61 -25.20 -20.81 15.20
N TRP C 62 -24.35 -19.94 15.72
CA TRP C 62 -24.55 -19.24 16.98
C TRP C 62 -25.79 -18.36 16.94
N LEU C 63 -25.85 -17.44 15.99
CA LEU C 63 -26.88 -16.41 15.99
C LEU C 63 -28.28 -16.95 15.68
N LEU C 64 -28.35 -17.85 14.70
CA LEU C 64 -29.61 -18.46 14.31
C LEU C 64 -30.12 -19.48 15.33
N GLY C 65 -29.20 -20.09 16.08
CA GLY C 65 -29.53 -21.08 17.08
C GLY C 65 -29.55 -22.50 16.57
N ASN C 66 -28.57 -22.87 15.74
CA ASN C 66 -28.35 -24.28 15.39
C ASN C 66 -28.41 -25.09 16.70
N PRO C 67 -29.29 -26.10 16.75
CA PRO C 67 -29.51 -26.89 17.97
C PRO C 67 -28.24 -27.48 18.60
N MET C 68 -27.18 -27.64 17.82
CA MET C 68 -25.90 -28.15 18.33
C MET C 68 -25.08 -27.07 19.01
N CYS C 69 -25.60 -25.84 18.98
CA CYS C 69 -24.88 -24.67 19.48
C CYS C 69 -25.52 -24.08 20.73
N ASP C 70 -26.32 -24.87 21.43
CA ASP C 70 -27.03 -24.45 22.64
C ASP C 70 -26.13 -23.87 23.75
N GLU C 71 -24.91 -24.37 23.83
CA GLU C 71 -23.84 -23.75 24.64
C GLU C 71 -23.80 -22.21 24.53
N PHE C 72 -24.11 -21.68 23.35
CA PHE C 72 -24.01 -20.24 23.07
C PHE C 72 -25.32 -19.46 23.03
N LEU C 73 -26.33 -19.93 23.76
CA LEU C 73 -27.68 -19.29 23.73
C LEU C 73 -27.71 -17.87 24.29
N ASN C 74 -26.92 -17.63 25.35
CA ASN C 74 -26.79 -16.32 25.97
C ASN C 74 -25.36 -16.10 26.49
N VAL C 75 -24.44 -15.81 25.59
CA VAL C 75 -23.02 -15.67 25.96
C VAL C 75 -22.73 -14.34 26.69
N PRO C 76 -21.75 -14.35 27.61
CA PRO C 76 -21.37 -13.09 28.25
C PRO C 76 -20.50 -12.24 27.33
N GLU C 77 -20.16 -11.03 27.76
CA GLU C 77 -19.35 -10.15 26.92
C GLU C 77 -17.96 -10.73 26.64
N TRP C 78 -17.46 -10.49 25.44
CA TRP C 78 -16.23 -11.12 24.99
C TRP C 78 -15.20 -10.06 24.61
N SER C 79 -13.93 -10.46 24.55
CA SER C 79 -12.85 -9.57 24.11
C SER C 79 -12.56 -9.78 22.63
N TYR C 80 -12.60 -11.03 22.19
CA TYR C 80 -12.50 -11.35 20.77
C TYR C 80 -13.25 -12.65 20.55
N ILE C 81 -13.50 -12.98 19.29
CA ILE C 81 -14.25 -14.20 18.94
C ILE C 81 -13.31 -15.16 18.22
N VAL C 82 -13.40 -16.45 18.59
CA VAL C 82 -12.65 -17.48 17.90
C VAL C 82 -13.56 -18.49 17.19
N GLU C 83 -13.31 -18.66 15.89
CA GLU C 83 -14.07 -19.57 15.06
C GLU C 83 -13.07 -20.51 14.41
N LYS C 84 -13.39 -21.79 14.30
CA LYS C 84 -12.57 -22.72 13.54
C LYS C 84 -12.64 -22.42 12.03
N ILE C 85 -11.73 -23.02 11.25
CA ILE C 85 -11.69 -22.76 9.80
C ILE C 85 -12.94 -23.31 9.10
N ASN C 86 -13.27 -24.58 9.31
CA ASN C 86 -14.55 -25.12 8.82
C ASN C 86 -15.40 -25.67 9.97
N PRO C 87 -16.14 -24.77 10.66
CA PRO C 87 -16.97 -25.19 11.80
C PRO C 87 -18.03 -26.19 11.35
N ALA C 88 -18.17 -27.30 12.08
CA ALA C 88 -19.09 -28.36 11.68
C ALA C 88 -20.55 -27.97 11.81
N ASN C 89 -20.84 -27.07 12.75
CA ASN C 89 -22.22 -26.68 13.05
C ASN C 89 -22.49 -25.28 12.56
N ASP C 90 -23.10 -25.20 11.38
CA ASP C 90 -23.28 -23.94 10.69
C ASP C 90 -24.77 -23.85 10.36
N LEU C 91 -25.10 -23.83 9.07
CA LEU C 91 -26.48 -23.89 8.62
C LEU C 91 -26.91 -25.35 8.52
N CYS C 92 -27.51 -25.86 9.60
CA CYS C 92 -27.90 -27.28 9.66
C CYS C 92 -28.89 -27.59 8.54
N TYR C 93 -29.97 -26.82 8.47
CA TYR C 93 -30.79 -26.80 7.27
C TYR C 93 -30.02 -26.04 6.17
N PRO C 94 -29.74 -26.70 5.04
CA PRO C 94 -28.87 -26.10 4.03
C PRO C 94 -29.44 -24.81 3.43
N GLY C 95 -28.54 -23.96 2.95
CA GLY C 95 -28.91 -22.70 2.35
C GLY C 95 -27.78 -21.71 2.45
N ASN C 96 -28.11 -20.46 2.75
CA ASN C 96 -27.10 -19.43 2.89
C ASN C 96 -27.59 -18.25 3.72
N PHE C 97 -26.64 -17.42 4.13
CA PHE C 97 -26.88 -16.29 4.98
C PHE C 97 -26.54 -15.08 4.12
N ASN C 98 -27.55 -14.29 3.78
CA ASN C 98 -27.34 -13.12 2.92
C ASN C 98 -26.44 -12.07 3.59
N ASP C 99 -25.52 -11.52 2.78
CA ASP C 99 -24.53 -10.54 3.26
C ASP C 99 -23.86 -10.99 4.58
N TYR C 100 -23.46 -12.27 4.61
CA TYR C 100 -22.85 -12.86 5.80
C TYR C 100 -21.55 -12.17 6.21
N GLU C 101 -20.71 -11.87 5.22
CA GLU C 101 -19.42 -11.25 5.46
C GLU C 101 -19.54 -9.83 6.02
N GLU C 102 -20.48 -9.06 5.48
CA GLU C 102 -20.80 -7.74 6.04
C GLU C 102 -21.34 -7.83 7.48
N LEU C 103 -22.11 -8.86 7.80
CA LEU C 103 -22.53 -9.09 9.19
C LEU C 103 -21.34 -9.39 10.12
N LYS C 104 -20.47 -10.31 9.70
CA LYS C 104 -19.27 -10.64 10.48
C LYS C 104 -18.40 -9.42 10.70
N HIS C 105 -18.42 -8.49 9.74
CA HIS C 105 -17.66 -7.26 9.86
C HIS C 105 -18.18 -6.38 11.00
N LEU C 106 -19.50 -6.27 11.10
CA LEU C 106 -20.15 -5.58 12.20
C LEU C 106 -19.81 -6.21 13.55
N LEU C 107 -19.79 -7.54 13.61
CA LEU C 107 -19.38 -8.27 14.82
C LEU C 107 -18.00 -7.86 15.34
N SER C 108 -17.09 -7.51 14.42
CA SER C 108 -15.74 -7.09 14.76
C SER C 108 -15.72 -5.81 15.59
N ARG C 109 -16.84 -5.09 15.62
CA ARG C 109 -16.99 -3.89 16.44
C ARG C 109 -17.89 -4.08 17.65
N ILE C 110 -18.31 -5.32 17.91
CA ILE C 110 -19.25 -5.60 18.99
C ILE C 110 -18.62 -6.52 20.04
N ASN C 111 -18.79 -6.18 21.31
CA ASN C 111 -18.29 -7.00 22.41
C ASN C 111 -19.39 -7.77 23.16
N HIS C 112 -20.65 -7.37 23.00
CA HIS C 112 -21.78 -8.04 23.69
C HIS C 112 -23.15 -7.82 23.06
N PHE C 113 -23.87 -8.93 22.83
CA PHE C 113 -25.30 -8.88 22.56
C PHE C 113 -26.09 -9.19 23.84
N GLU C 114 -27.28 -8.63 23.95
CA GLU C 114 -28.28 -9.18 24.87
C GLU C 114 -29.46 -9.69 24.04
N LYS C 115 -29.63 -11.00 24.01
CA LYS C 115 -30.69 -11.61 23.21
C LYS C 115 -32.07 -11.43 23.87
N ILE C 116 -33.04 -10.97 23.09
CA ILE C 116 -34.40 -10.72 23.59
C ILE C 116 -35.45 -11.30 22.64
N GLN C 117 -36.64 -11.56 23.17
CA GLN C 117 -37.76 -12.03 22.36
C GLN C 117 -38.37 -10.84 21.63
N ILE C 118 -38.65 -11.02 20.35
CA ILE C 118 -39.37 -10.00 19.62
C ILE C 118 -40.71 -10.49 19.06
N ILE C 119 -40.83 -11.78 18.77
CA ILE C 119 -42.13 -12.38 18.44
C ILE C 119 -42.30 -13.68 19.19
N PRO C 120 -43.19 -13.71 20.22
CA PRO C 120 -43.38 -14.93 21.01
C PRO C 120 -44.07 -16.03 20.20
N LYS C 121 -43.81 -17.29 20.54
CA LYS C 121 -44.52 -18.40 19.92
C LYS C 121 -46.03 -18.29 20.08
N SER C 122 -46.47 -17.64 21.16
CA SER C 122 -47.90 -17.49 21.46
C SER C 122 -48.62 -16.62 20.43
N SER C 123 -47.84 -16.00 19.56
CA SER C 123 -48.36 -15.12 18.54
C SER C 123 -49.04 -15.90 17.41
N TRP C 124 -48.60 -17.15 17.22
CA TRP C 124 -49.01 -17.98 16.08
C TRP C 124 -50.25 -18.85 16.32
N SER C 125 -51.43 -18.24 16.23
CA SER C 125 -52.70 -18.92 16.49
C SER C 125 -53.27 -19.65 15.28
N ASP C 126 -52.97 -19.13 14.09
CA ASP C 126 -53.56 -19.64 12.86
C ASP C 126 -52.53 -20.35 11.98
N HIS C 127 -51.34 -20.60 12.53
CA HIS C 127 -50.31 -21.34 11.82
C HIS C 127 -49.66 -22.37 12.74
N GLU C 128 -49.12 -23.43 12.15
CA GLU C 128 -48.27 -24.38 12.87
C GLU C 128 -46.89 -23.77 13.04
N ALA C 129 -46.35 -23.88 14.25
CA ALA C 129 -45.09 -23.23 14.60
C ALA C 129 -44.03 -24.22 15.09
N SER C 130 -44.22 -25.50 14.79
CA SER C 130 -43.33 -26.54 15.31
C SER C 130 -42.57 -27.32 14.23
N GLY C 131 -42.40 -26.72 13.06
CA GLY C 131 -41.70 -27.38 11.95
C GLY C 131 -40.26 -27.72 12.29
N VAL C 132 -39.84 -28.93 11.92
CA VAL C 132 -38.48 -29.41 12.22
C VAL C 132 -37.88 -30.11 11.01
N SER C 133 -36.57 -30.37 11.07
CA SER C 133 -35.90 -31.10 10.02
C SER C 133 -34.87 -32.07 10.60
N SER C 134 -34.69 -33.20 9.93
CA SER C 134 -33.63 -34.14 10.27
C SER C 134 -32.26 -33.58 9.88
N ALA C 135 -32.25 -32.50 9.09
CA ALA C 135 -31.01 -31.75 8.82
C ALA C 135 -30.57 -30.94 10.05
N CYS C 136 -31.47 -30.75 11.02
CA CYS C 136 -31.12 -30.07 12.27
C CYS C 136 -31.35 -31.00 13.45
N PRO C 137 -30.54 -32.08 13.56
CA PRO C 137 -30.77 -33.01 14.67
C PRO C 137 -30.41 -32.41 16.01
N TYR C 138 -31.11 -32.86 17.04
CA TYR C 138 -30.76 -32.60 18.42
C TYR C 138 -31.18 -33.84 19.20
N GLN C 139 -30.23 -34.41 19.93
CA GLN C 139 -30.47 -35.64 20.68
C GLN C 139 -31.00 -36.77 19.80
N GLY C 140 -30.56 -36.79 18.55
CA GLY C 140 -30.92 -37.84 17.61
C GLY C 140 -32.32 -37.75 17.04
N ARG C 141 -32.94 -36.58 17.16
CA ARG C 141 -34.25 -36.36 16.57
C ARG C 141 -34.31 -35.03 15.82
N SER C 142 -35.27 -34.93 14.91
CA SER C 142 -35.43 -33.72 14.12
C SER C 142 -35.73 -32.51 15.00
N SER C 143 -35.05 -31.41 14.72
CA SER C 143 -35.21 -30.19 15.48
C SER C 143 -35.08 -29.01 14.52
N PHE C 144 -34.78 -27.82 15.04
CA PHE C 144 -34.68 -26.62 14.21
C PHE C 144 -33.92 -25.53 14.94
N PHE C 145 -33.47 -24.51 14.22
CA PHE C 145 -32.88 -23.31 14.81
C PHE C 145 -33.71 -22.79 15.99
N ARG C 146 -33.04 -22.35 17.05
CA ARG C 146 -33.73 -21.89 18.26
C ARG C 146 -34.32 -20.47 18.17
N ASN C 147 -33.79 -19.62 17.29
CA ASN C 147 -34.08 -18.18 17.34
C ASN C 147 -35.07 -17.67 16.29
N VAL C 148 -35.41 -18.57 15.37
CA VAL C 148 -36.38 -18.32 14.32
C VAL C 148 -37.34 -19.52 14.29
N VAL C 149 -38.52 -19.32 13.73
CA VAL C 149 -39.57 -20.35 13.74
C VAL C 149 -40.04 -20.72 12.32
N TRP C 150 -40.17 -22.03 12.07
CA TRP C 150 -40.69 -22.53 10.80
C TRP C 150 -42.21 -22.59 10.83
N LEU C 151 -42.87 -21.63 10.20
CA LEU C 151 -44.32 -21.63 10.14
C LEU C 151 -44.84 -22.43 8.95
N THR C 152 -45.87 -23.24 9.19
CA THR C 152 -46.55 -23.96 8.12
C THR C 152 -48.07 -23.84 8.26
N LYS C 153 -48.80 -24.33 7.26
CA LYS C 153 -50.26 -24.22 7.24
C LYS C 153 -50.90 -24.94 8.40
N LYS C 154 -52.07 -24.46 8.81
CA LYS C 154 -52.86 -25.08 9.86
C LYS C 154 -54.29 -25.19 9.37
N ASP C 155 -54.90 -26.35 9.58
CA ASP C 155 -56.25 -26.65 9.09
C ASP C 155 -56.33 -26.37 7.59
N ASN C 156 -55.30 -26.78 6.86
CA ASN C 156 -55.24 -26.65 5.40
C ASN C 156 -55.34 -25.20 4.90
N ALA C 157 -54.86 -24.26 5.72
CA ALA C 157 -54.92 -22.84 5.39
C ALA C 157 -53.69 -22.12 5.94
N TYR C 158 -53.26 -21.10 5.21
CA TYR C 158 -52.17 -20.26 5.66
C TYR C 158 -52.64 -18.84 5.40
N PRO C 159 -53.36 -18.25 6.38
CA PRO C 159 -53.77 -16.86 6.23
C PRO C 159 -52.57 -15.91 6.27
N THR C 160 -52.75 -14.74 5.69
CA THR C 160 -51.68 -13.76 5.57
C THR C 160 -51.20 -13.28 6.94
N ILE C 161 -49.89 -13.31 7.15
CA ILE C 161 -49.28 -12.86 8.40
C ILE C 161 -48.92 -11.38 8.33
N LYS C 162 -49.40 -10.62 9.30
CA LYS C 162 -48.93 -9.27 9.54
C LYS C 162 -48.40 -9.17 10.97
N ARG C 163 -47.12 -8.84 11.09
CA ARG C 163 -46.41 -8.77 12.37
C ARG C 163 -45.52 -7.53 12.41
N SER C 164 -45.62 -6.75 13.49
CA SER C 164 -44.74 -5.60 13.68
C SER C 164 -43.99 -5.69 15.00
N TYR C 165 -42.77 -5.16 15.02
CA TYR C 165 -42.04 -4.93 16.26
C TYR C 165 -41.41 -3.55 16.29
N ASN C 166 -41.72 -2.79 17.31
CA ASN C 166 -41.15 -1.46 17.53
C ASN C 166 -39.98 -1.58 18.49
N ASN C 167 -38.81 -1.13 18.06
CA ASN C 167 -37.65 -1.14 18.95
C ASN C 167 -37.73 -0.05 20.02
N THR C 168 -38.35 -0.41 21.14
CA THR C 168 -38.50 0.49 22.28
C THR C 168 -37.25 0.53 23.17
N ASN C 169 -36.24 -0.28 22.81
CA ASN C 169 -34.96 -0.26 23.53
C ASN C 169 -34.10 0.93 23.13
N GLN C 170 -33.07 1.20 23.92
CA GLN C 170 -32.13 2.28 23.64
C GLN C 170 -31.01 1.85 22.68
N GLU C 171 -30.88 0.54 22.47
CA GLU C 171 -29.80 -0.03 21.67
C GLU C 171 -30.30 -0.41 20.28
N ASP C 172 -29.39 -0.42 19.29
CA ASP C 172 -29.68 -1.00 17.98
C ASP C 172 -29.99 -2.49 18.14
N LEU C 173 -30.80 -3.02 17.23
CA LEU C 173 -31.27 -4.39 17.33
C LEU C 173 -30.99 -5.17 16.06
N LEU C 174 -30.25 -6.27 16.19
CA LEU C 174 -30.00 -7.18 15.10
C LEU C 174 -31.16 -8.17 14.96
N VAL C 175 -31.87 -8.08 13.84
CA VAL C 175 -33.05 -8.91 13.57
C VAL C 175 -32.72 -9.88 12.43
N LEU C 176 -33.15 -11.13 12.60
CA LEU C 176 -32.89 -12.18 11.60
C LEU C 176 -34.18 -12.86 11.19
N TRP C 177 -34.30 -13.20 9.92
CA TRP C 177 -35.45 -13.94 9.40
C TRP C 177 -34.98 -14.70 8.17
N GLY C 178 -35.81 -15.62 7.68
CA GLY C 178 -35.45 -16.38 6.51
C GLY C 178 -36.61 -16.72 5.59
N ILE C 179 -36.26 -17.26 4.42
CA ILE C 179 -37.25 -17.76 3.49
C ILE C 179 -36.91 -19.22 3.21
N HIS C 180 -37.94 -20.04 3.07
CA HIS C 180 -37.75 -21.43 2.67
C HIS C 180 -38.03 -21.61 1.18
N HIS C 181 -37.03 -22.16 0.47
CA HIS C 181 -37.17 -22.51 -0.94
C HIS C 181 -37.47 -24.01 -1.04
N PRO C 182 -38.70 -24.36 -1.46
CA PRO C 182 -39.14 -25.76 -1.52
C PRO C 182 -38.60 -26.57 -2.71
N ASN C 183 -38.87 -27.87 -2.71
CA ASN C 183 -38.37 -28.77 -3.75
C ASN C 183 -39.20 -28.78 -5.03
N ASP C 184 -40.52 -28.64 -4.89
CA ASP C 184 -41.46 -28.65 -6.00
C ASP C 184 -42.81 -28.04 -5.58
N ALA C 185 -43.71 -27.91 -6.55
CA ALA C 185 -45.00 -27.26 -6.31
C ALA C 185 -45.86 -28.01 -5.30
N ALA C 186 -45.83 -29.34 -5.36
CA ALA C 186 -46.60 -30.16 -4.43
C ALA C 186 -46.12 -29.91 -2.99
N GLU C 187 -44.81 -29.80 -2.80
CA GLU C 187 -44.25 -29.48 -1.49
C GLU C 187 -44.70 -28.10 -1.02
N GLN C 188 -44.75 -27.14 -1.96
CA GLN C 188 -45.19 -25.78 -1.67
C GLN C 188 -46.59 -25.75 -1.05
N THR C 189 -47.55 -26.40 -1.70
CA THR C 189 -48.93 -26.44 -1.21
C THR C 189 -49.04 -27.31 0.05
N ARG C 190 -48.32 -28.43 0.07
CA ARG C 190 -48.28 -29.30 1.25
C ARG C 190 -47.85 -28.56 2.53
N LEU C 191 -46.85 -27.69 2.44
CA LEU C 191 -46.41 -26.95 3.62
C LEU C 191 -47.15 -25.63 3.86
N TYR C 192 -47.53 -24.94 2.77
CA TYR C 192 -47.98 -23.55 2.86
C TYR C 192 -49.34 -23.27 2.23
N GLN C 193 -49.93 -24.28 1.60
CA GLN C 193 -51.24 -24.16 0.93
C GLN C 193 -51.24 -23.24 -0.30
N ASN C 194 -50.84 -21.98 -0.11
CA ASN C 194 -50.79 -21.00 -1.19
C ASN C 194 -49.66 -21.34 -2.19
N PRO C 195 -50.00 -21.40 -3.49
CA PRO C 195 -48.99 -21.73 -4.50
C PRO C 195 -48.02 -20.59 -4.83
N THR C 196 -48.48 -19.35 -4.68
CA THR C 196 -47.70 -18.17 -5.04
C THR C 196 -47.55 -17.28 -3.83
N THR C 197 -46.32 -17.12 -3.36
CA THR C 197 -46.11 -16.54 -2.04
C THR C 197 -45.04 -15.47 -2.03
N TYR C 198 -44.97 -14.74 -0.91
CA TYR C 198 -44.01 -13.67 -0.72
C TYR C 198 -43.76 -13.40 0.76
N ILE C 199 -42.67 -12.69 1.03
CA ILE C 199 -42.41 -12.11 2.33
C ILE C 199 -41.96 -10.68 2.09
N SER C 200 -42.70 -9.75 2.65
CA SER C 200 -42.31 -8.36 2.54
C SER C 200 -41.86 -7.86 3.90
N VAL C 201 -40.76 -7.12 3.90
CA VAL C 201 -40.19 -6.61 5.14
C VAL C 201 -39.87 -5.15 4.95
N GLY C 202 -40.34 -4.33 5.88
CA GLY C 202 -40.09 -2.89 5.83
C GLY C 202 -39.68 -2.30 7.17
N THR C 203 -38.77 -1.33 7.10
CA THR C 203 -38.43 -0.47 8.23
C THR C 203 -38.41 0.96 7.68
N SER C 204 -37.70 1.86 8.35
CA SER C 204 -37.52 3.20 7.80
C SER C 204 -36.55 3.20 6.60
N THR C 205 -35.74 2.16 6.49
CA THR C 205 -34.72 2.06 5.42
C THR C 205 -34.85 0.78 4.60
N LEU C 206 -35.36 -0.28 5.20
CA LEU C 206 -35.50 -1.55 4.50
C LEU C 206 -36.76 -1.61 3.65
N ASN C 207 -36.61 -2.05 2.41
CA ASN C 207 -37.73 -2.26 1.51
C ASN C 207 -37.57 -3.58 0.75
N GLN C 208 -37.97 -4.67 1.38
CA GLN C 208 -37.70 -6.02 0.89
C GLN C 208 -38.97 -6.77 0.51
N ARG C 209 -38.90 -7.51 -0.60
CA ARG C 209 -39.97 -8.42 -0.97
C ARG C 209 -39.38 -9.67 -1.61
N LEU C 210 -39.33 -10.75 -0.84
CA LEU C 210 -38.76 -12.02 -1.29
C LEU C 210 -39.85 -12.96 -1.81
N VAL C 211 -39.46 -13.79 -2.77
CA VAL C 211 -40.33 -14.76 -3.41
C VAL C 211 -39.51 -16.05 -3.47
N PRO C 212 -40.10 -17.19 -3.08
CA PRO C 212 -39.31 -18.41 -2.99
C PRO C 212 -38.93 -18.90 -4.38
N LYS C 213 -37.85 -19.67 -4.45
CA LYS C 213 -37.37 -20.25 -5.69
C LYS C 213 -37.42 -21.76 -5.58
N ILE C 214 -38.35 -22.36 -6.32
CA ILE C 214 -38.36 -23.80 -6.54
C ILE C 214 -37.27 -24.13 -7.58
N ALA C 215 -36.43 -25.10 -7.23
CA ALA C 215 -35.46 -25.67 -8.16
C ALA C 215 -35.14 -27.08 -7.66
N THR C 216 -34.63 -27.91 -8.57
CA THR C 216 -34.24 -29.27 -8.22
C THR C 216 -32.77 -29.25 -7.82
N ARG C 217 -32.53 -29.59 -6.56
CA ARG C 217 -31.23 -29.41 -5.94
C ARG C 217 -30.70 -30.70 -5.32
N SER C 218 -29.38 -30.80 -5.15
CA SER C 218 -28.73 -31.95 -4.51
C SER C 218 -29.07 -31.98 -3.03
N LYS C 219 -29.08 -33.18 -2.45
CA LYS C 219 -29.27 -33.30 -1.01
C LYS C 219 -28.04 -32.80 -0.27
N VAL C 220 -28.23 -31.88 0.68
CA VAL C 220 -27.19 -31.45 1.59
C VAL C 220 -27.74 -31.63 3.00
N ASN C 221 -26.98 -32.32 3.85
CA ASN C 221 -27.49 -32.78 5.16
C ASN C 221 -28.80 -33.52 5.05
N GLY C 222 -28.96 -34.27 3.95
CA GLY C 222 -30.16 -35.07 3.71
C GLY C 222 -31.33 -34.37 3.03
N GLN C 223 -31.24 -33.04 2.86
CA GLN C 223 -32.36 -32.27 2.32
C GLN C 223 -32.03 -31.46 1.06
N SER C 224 -32.93 -31.51 0.09
CA SER C 224 -32.82 -30.74 -1.16
C SER C 224 -33.40 -29.32 -1.06
N GLY C 225 -34.21 -29.07 -0.04
CA GLY C 225 -34.75 -27.74 0.22
C GLY C 225 -33.68 -26.80 0.72
N ARG C 226 -33.97 -25.50 0.73
CA ARG C 226 -32.97 -24.53 1.16
C ARG C 226 -33.62 -23.44 1.98
N MET C 227 -32.85 -22.88 2.90
CA MET C 227 -33.27 -21.67 3.61
C MET C 227 -32.25 -20.56 3.42
N GLU C 228 -32.75 -19.38 3.11
CA GLU C 228 -31.92 -18.21 2.87
C GLU C 228 -32.29 -17.23 3.96
N PHE C 229 -31.29 -16.76 4.70
CA PHE C 229 -31.54 -15.89 5.84
C PHE C 229 -31.09 -14.47 5.56
N PHE C 230 -31.78 -13.53 6.19
CA PHE C 230 -31.53 -12.12 5.96
C PHE C 230 -31.45 -11.45 7.32
N TRP C 231 -30.91 -10.24 7.34
CA TRP C 231 -30.74 -9.51 8.58
C TRP C 231 -30.81 -8.02 8.35
N THR C 232 -31.24 -7.27 9.36
CA THR C 232 -31.17 -5.81 9.35
C THR C 232 -30.78 -5.30 10.75
N ILE C 233 -30.29 -4.07 10.83
CA ILE C 233 -30.12 -3.37 12.09
C ILE C 233 -31.31 -2.46 12.29
N LEU C 234 -32.08 -2.71 13.34
CA LEU C 234 -33.23 -1.89 13.64
C LEU C 234 -32.87 -0.84 14.69
N LYS C 235 -32.94 0.43 14.30
CA LYS C 235 -32.59 1.55 15.17
C LYS C 235 -33.61 1.74 16.29
N PRO C 236 -33.20 2.37 17.41
CA PRO C 236 -34.19 2.71 18.44
C PRO C 236 -35.32 3.56 17.86
N ASN C 237 -36.55 3.26 18.26
CA ASN C 237 -37.76 3.97 17.82
C ASN C 237 -38.23 3.67 16.42
N ASP C 238 -37.46 2.90 15.66
CA ASP C 238 -37.93 2.41 14.38
C ASP C 238 -38.70 1.11 14.62
N ALA C 239 -39.49 0.71 13.63
CA ALA C 239 -40.21 -0.55 13.71
C ALA C 239 -40.02 -1.36 12.44
N ILE C 240 -40.09 -2.68 12.58
CA ILE C 240 -40.02 -3.60 11.46
C ILE C 240 -41.38 -4.25 11.25
N ASN C 241 -41.82 -4.30 9.99
CA ASN C 241 -43.10 -4.90 9.64
C ASN C 241 -42.93 -6.05 8.66
N PHE C 242 -43.35 -7.23 9.07
CA PHE C 242 -43.33 -8.40 8.20
C PHE C 242 -44.73 -8.69 7.68
N GLU C 243 -44.79 -9.15 6.45
CA GLU C 243 -46.02 -9.67 5.88
C GLU C 243 -45.66 -10.83 4.97
N SER C 244 -46.46 -11.90 5.04
CA SER C 244 -46.19 -13.12 4.29
C SER C 244 -47.41 -14.01 4.19
N ASN C 245 -47.49 -14.76 3.11
CA ASN C 245 -48.53 -15.76 2.91
C ASN C 245 -47.91 -17.13 2.67
N GLY C 246 -46.68 -17.30 3.17
CA GLY C 246 -46.01 -18.60 3.10
C GLY C 246 -44.49 -18.50 2.99
N ASN C 247 -43.82 -19.60 3.33
CA ASN C 247 -42.35 -19.76 3.21
C ASN C 247 -41.57 -18.87 4.17
N PHE C 248 -42.29 -18.29 5.13
CA PHE C 248 -41.71 -17.38 6.11
C PHE C 248 -41.06 -18.15 7.28
N ILE C 249 -39.75 -17.96 7.45
CA ILE C 249 -39.08 -18.43 8.65
C ILE C 249 -39.01 -17.22 9.57
N ALA C 250 -39.90 -17.20 10.56
CA ALA C 250 -40.17 -15.98 11.31
C ALA C 250 -39.18 -15.80 12.45
N PRO C 251 -38.86 -14.54 12.78
CA PRO C 251 -38.07 -14.28 13.98
C PRO C 251 -38.79 -14.74 15.23
N GLU C 252 -38.04 -15.16 16.24
CA GLU C 252 -38.54 -15.30 17.61
C GLU C 252 -37.70 -14.40 18.50
N ASN C 253 -36.38 -14.57 18.45
CA ASN C 253 -35.44 -13.80 19.25
C ASN C 253 -34.58 -12.91 18.37
N ALA C 254 -34.17 -11.76 18.90
CA ALA C 254 -33.25 -10.86 18.24
C ALA C 254 -32.20 -10.38 19.24
N TYR C 255 -31.20 -9.64 18.76
CA TYR C 255 -30.05 -9.31 19.59
C TYR C 255 -29.87 -7.81 19.80
N LYS C 256 -30.02 -7.35 21.04
CA LYS C 256 -29.66 -5.98 21.39
C LYS C 256 -28.14 -5.85 21.34
N ILE C 257 -27.65 -4.83 20.63
CA ILE C 257 -26.22 -4.55 20.60
C ILE C 257 -25.89 -3.64 21.79
N VAL C 258 -25.38 -4.23 22.87
CA VAL C 258 -25.21 -3.50 24.12
C VAL C 258 -23.80 -3.00 24.39
N LYS C 259 -22.80 -3.66 23.82
CA LYS C 259 -21.41 -3.22 24.00
C LYS C 259 -20.63 -3.20 22.68
N LYS C 260 -20.15 -2.01 22.32
CA LYS C 260 -19.34 -1.83 21.13
C LYS C 260 -17.91 -1.45 21.51
N GLY C 261 -16.95 -1.92 20.73
CA GLY C 261 -15.55 -1.60 20.96
C GLY C 261 -14.64 -2.38 20.04
N ASP C 262 -13.38 -2.50 20.44
CA ASP C 262 -12.40 -3.28 19.69
C ASP C 262 -12.64 -4.77 19.87
N SER C 263 -12.76 -5.46 18.75
CA SER C 263 -12.94 -6.90 18.74
C SER C 263 -12.44 -7.42 17.42
N THR C 264 -12.48 -8.75 17.24
CA THR C 264 -12.12 -9.36 15.98
C THR C 264 -12.63 -10.79 15.98
N ILE C 265 -12.76 -11.35 14.80
CA ILE C 265 -13.04 -12.77 14.66
C ILE C 265 -11.76 -13.45 14.16
N MET C 266 -11.12 -14.22 15.04
CA MET C 266 -9.90 -14.96 14.74
C MET C 266 -10.25 -16.34 14.25
N LYS C 267 -9.60 -16.79 13.19
CA LYS C 267 -9.64 -18.18 12.77
C LYS C 267 -8.53 -18.97 13.47
N SER C 268 -8.90 -20.00 14.22
CA SER C 268 -7.94 -20.81 14.97
C SER C 268 -8.51 -22.18 15.31
N GLU C 269 -7.65 -23.19 15.35
CA GLU C 269 -8.07 -24.52 15.79
C GLU C 269 -7.86 -24.71 17.30
N LEU C 270 -7.18 -23.76 17.92
CA LEU C 270 -6.85 -23.83 19.35
C LEU C 270 -8.07 -23.70 20.25
N GLU C 271 -8.02 -24.38 21.41
CA GLU C 271 -9.08 -24.29 22.43
C GLU C 271 -8.67 -23.27 23.49
N TYR C 272 -9.58 -22.97 24.42
CA TYR C 272 -9.29 -22.00 25.49
C TYR C 272 -8.13 -22.44 26.38
N GLY C 273 -7.29 -21.49 26.76
CA GLY C 273 -6.05 -21.81 27.48
C GLY C 273 -6.00 -21.46 28.95
N ASN C 274 -7.11 -20.99 29.51
CA ASN C 274 -7.15 -20.64 30.94
C ASN C 274 -5.97 -19.75 31.34
N CYS C 275 -5.79 -18.65 30.61
CA CYS C 275 -4.68 -17.74 30.82
C CYS C 275 -5.12 -16.32 30.53
N ASN C 276 -4.27 -15.35 30.88
CA ASN C 276 -4.49 -13.95 30.61
C ASN C 276 -3.34 -13.35 29.81
N THR C 277 -3.66 -12.46 28.87
CA THR C 277 -2.63 -11.79 28.08
C THR C 277 -3.03 -10.36 27.77
N LYS C 278 -2.07 -9.58 27.31
CA LYS C 278 -2.37 -8.25 26.79
C LYS C 278 -2.26 -8.20 25.27
N CYS C 279 -1.70 -9.25 24.68
CA CYS C 279 -1.58 -9.34 23.23
C CYS C 279 -1.82 -10.78 22.75
N GLN C 280 -2.80 -10.95 21.86
CA GLN C 280 -3.20 -12.28 21.39
C GLN C 280 -3.09 -12.41 19.87
N THR C 281 -2.61 -13.57 19.41
CA THR C 281 -2.63 -13.93 17.99
C THR C 281 -3.37 -15.25 17.86
N PRO C 282 -3.75 -15.65 16.62
CA PRO C 282 -4.50 -16.90 16.42
C PRO C 282 -3.74 -18.17 16.77
N ILE C 283 -2.41 -18.07 16.91
CA ILE C 283 -1.59 -19.25 17.21
C ILE C 283 -1.03 -19.24 18.64
N GLY C 284 -1.19 -18.13 19.35
CA GLY C 284 -0.70 -18.03 20.72
C GLY C 284 -0.58 -16.59 21.18
N ALA C 285 -0.51 -16.40 22.48
CA ALA C 285 -0.40 -15.07 23.08
C ALA C 285 1.06 -14.61 23.23
N ILE C 286 1.24 -13.30 23.34
CA ILE C 286 2.57 -12.67 23.37
C ILE C 286 2.72 -11.86 24.64
N ASN C 287 3.82 -12.12 25.37
CA ASN C 287 4.16 -11.35 26.55
C ASN C 287 5.59 -10.86 26.41
N SER C 288 5.72 -9.61 25.98
CA SER C 288 7.00 -9.09 25.51
C SER C 288 7.07 -7.58 25.65
N SER C 289 8.28 -7.07 25.84
CA SER C 289 8.53 -5.64 25.77
C SER C 289 9.33 -5.31 24.51
N MET C 290 9.55 -6.31 23.65
CA MET C 290 10.17 -6.10 22.35
C MET C 290 9.28 -5.17 21.50
N PRO C 291 9.90 -4.25 20.76
CA PRO C 291 9.12 -3.37 19.87
C PRO C 291 8.55 -4.08 18.64
N PHE C 292 9.18 -5.19 18.24
CA PHE C 292 8.72 -5.98 17.10
C PHE C 292 8.46 -7.43 17.48
N HIS C 293 7.67 -8.11 16.66
CA HIS C 293 7.53 -9.56 16.75
C HIS C 293 7.29 -10.13 15.37
N ASN C 294 7.45 -11.46 15.24
CA ASN C 294 7.23 -12.14 13.97
C ASN C 294 6.30 -13.34 14.09
N ILE C 295 5.42 -13.31 15.09
CA ILE C 295 4.60 -14.47 15.40
C ILE C 295 3.50 -14.68 14.36
N HIS C 296 2.71 -13.64 14.13
CA HIS C 296 1.54 -13.70 13.25
C HIS C 296 1.10 -12.27 12.96
N PRO C 297 0.68 -11.99 11.71
CA PRO C 297 0.24 -10.62 11.36
C PRO C 297 -1.05 -10.15 12.02
N LEU C 298 -1.95 -11.07 12.36
CA LEU C 298 -3.23 -10.69 12.94
C LEU C 298 -3.15 -10.76 14.46
N THR C 299 -3.17 -9.59 15.10
CA THR C 299 -3.11 -9.53 16.56
C THR C 299 -4.19 -8.62 17.11
N ILE C 300 -4.49 -8.77 18.39
CA ILE C 300 -5.37 -7.84 19.10
C ILE C 300 -4.77 -7.55 20.47
N GLY C 301 -4.85 -6.30 20.90
CA GLY C 301 -4.33 -5.87 22.19
C GLY C 301 -3.19 -4.87 22.08
N GLU C 302 -2.41 -4.73 23.15
CA GLU C 302 -1.21 -3.91 23.12
C GLU C 302 -0.08 -4.81 22.66
N CYS C 303 0.32 -4.65 21.40
CA CYS C 303 1.23 -5.59 20.76
C CYS C 303 2.48 -4.92 20.21
N PRO C 304 3.57 -5.69 20.10
CA PRO C 304 4.71 -5.22 19.31
C PRO C 304 4.29 -5.11 17.83
N LYS C 305 5.09 -4.43 17.02
CA LYS C 305 4.77 -4.31 15.60
C LYS C 305 5.23 -5.57 14.90
N TYR C 306 4.40 -6.11 14.02
CA TYR C 306 4.74 -7.33 13.31
C TYR C 306 5.65 -7.04 12.11
N VAL C 307 6.72 -7.82 11.99
CA VAL C 307 7.57 -7.85 10.80
C VAL C 307 7.80 -9.30 10.35
N LYS C 308 8.20 -9.50 9.11
CA LYS C 308 8.46 -10.84 8.60
C LYS C 308 9.90 -11.31 8.87
N SER C 309 10.69 -10.46 9.52
CA SER C 309 12.08 -10.74 9.81
C SER C 309 12.26 -11.99 10.67
N SER C 310 13.31 -12.75 10.38
CA SER C 310 13.70 -13.85 11.25
C SER C 310 14.65 -13.35 12.34
N ARG C 311 15.25 -12.18 12.10
CA ARG C 311 16.20 -11.60 13.04
C ARG C 311 16.28 -10.08 12.94
N LEU C 312 16.27 -9.40 14.09
CA LEU C 312 16.49 -7.97 14.16
C LEU C 312 17.34 -7.63 15.40
N VAL C 313 18.61 -7.31 15.16
CA VAL C 313 19.53 -7.03 16.26
C VAL C 313 20.31 -5.74 16.01
N LEU C 314 20.17 -4.81 16.94
CA LEU C 314 20.90 -3.55 16.90
C LEU C 314 22.22 -3.63 17.65
N ALA C 315 23.27 -3.12 17.03
CA ALA C 315 24.55 -2.95 17.72
C ALA C 315 24.44 -1.80 18.71
N THR C 316 24.89 -2.04 19.93
CA THR C 316 25.04 -0.96 20.91
C THR C 316 26.52 -0.79 21.30
N GLY C 317 27.20 -1.90 21.57
CA GLY C 317 28.62 -1.86 21.89
C GLY C 317 29.48 -1.71 20.65
N LEU C 318 30.78 -1.98 20.79
CA LEU C 318 31.68 -1.83 19.66
C LEU C 318 32.22 -3.17 19.17
N ARG C 319 32.98 -3.14 18.07
CA ARG C 319 33.54 -4.35 17.46
C ARG C 319 34.42 -5.08 18.48
N ASN C 320 34.06 -6.33 18.78
CA ASN C 320 34.76 -7.10 19.81
C ASN C 320 35.91 -7.96 19.27
N SER C 321 37.14 -7.59 19.61
CA SER C 321 38.32 -8.33 19.15
C SER C 321 38.53 -9.66 19.91
N PRO C 322 38.81 -10.76 19.17
CA PRO C 322 39.08 -12.08 19.77
C PRO C 322 40.30 -12.10 20.68
N GLY D 1 36.74 0.17 10.79
CA GLY D 1 35.74 1.23 10.44
C GLY D 1 36.31 2.32 9.53
N LEU D 2 35.51 3.38 9.33
CA LEU D 2 35.90 4.49 8.45
C LEU D 2 37.00 5.38 9.01
N PHE D 3 37.27 5.28 10.31
CA PHE D 3 38.19 6.20 10.98
C PHE D 3 39.55 5.60 11.36
N GLY D 4 39.74 4.32 11.04
CA GLY D 4 41.04 3.66 11.12
C GLY D 4 41.68 3.51 12.49
N ALA D 5 40.87 3.53 13.53
CA ALA D 5 41.36 3.42 14.92
C ALA D 5 41.06 2.07 15.56
N ILE D 6 39.78 1.69 15.62
CA ILE D 6 39.38 0.35 16.10
C ILE D 6 39.83 -0.68 15.06
N ALA D 7 40.73 -1.58 15.47
CA ALA D 7 41.42 -2.53 14.58
C ALA D 7 42.16 -1.82 13.43
N GLY D 8 42.80 -0.69 13.77
CA GLY D 8 43.57 0.10 12.83
C GLY D 8 45.00 0.23 13.33
N PHE D 9 45.36 1.40 13.84
CA PHE D 9 46.65 1.57 14.51
C PHE D 9 46.64 0.96 15.91
N ILE D 10 45.47 1.01 16.55
CA ILE D 10 45.25 0.28 17.79
C ILE D 10 44.76 -1.12 17.40
N GLU D 11 45.68 -2.09 17.50
CA GLU D 11 45.44 -3.43 16.96
C GLU D 11 44.24 -4.17 17.58
N GLY D 12 44.02 -3.99 18.88
CA GLY D 12 42.92 -4.67 19.55
C GLY D 12 42.27 -3.96 20.73
N GLY D 13 41.20 -4.56 21.24
CA GLY D 13 40.55 -4.08 22.46
C GLY D 13 41.20 -4.62 23.72
N TRP D 14 40.79 -4.07 24.86
CA TRP D 14 41.31 -4.48 26.15
C TRP D 14 40.25 -5.19 26.98
N GLN D 15 40.53 -6.43 27.36
CA GLN D 15 39.71 -7.20 28.29
C GLN D 15 39.75 -6.56 29.68
N GLY D 16 40.91 -5.99 30.01
CA GLY D 16 41.17 -5.40 31.31
C GLY D 16 40.41 -4.12 31.61
N MET D 17 39.96 -3.43 30.56
CA MET D 17 39.22 -2.19 30.76
C MET D 17 37.74 -2.48 30.83
N VAL D 18 37.25 -2.67 32.05
CA VAL D 18 35.86 -3.01 32.30
C VAL D 18 34.97 -1.78 32.54
N ASP D 19 35.60 -0.64 32.85
CA ASP D 19 34.90 0.55 33.32
C ASP D 19 34.11 1.32 32.26
N GLY D 20 34.55 1.27 31.02
CA GLY D 20 33.89 2.03 29.95
C GLY D 20 34.20 1.51 28.56
N TRP D 21 33.76 2.23 27.54
CA TRP D 21 34.02 1.85 26.16
C TRP D 21 35.40 2.29 25.69
N TYR D 22 35.80 3.50 26.07
CA TYR D 22 37.09 4.05 25.66
C TYR D 22 37.89 4.49 26.88
N GLY D 23 39.22 4.36 26.79
CA GLY D 23 40.08 4.82 27.87
C GLY D 23 41.58 4.70 27.62
N TYR D 24 42.33 4.53 28.70
CA TYR D 24 43.79 4.52 28.66
C TYR D 24 44.40 3.37 29.46
N HIS D 25 45.55 2.89 28.97
CA HIS D 25 46.42 2.00 29.73
C HIS D 25 47.75 2.73 29.89
N HIS D 26 48.13 2.99 31.14
CA HIS D 26 49.42 3.63 31.44
C HIS D 26 50.37 2.63 32.08
N SER D 27 51.67 2.97 32.04
CA SER D 27 52.70 2.17 32.69
C SER D 27 53.78 3.07 33.29
N ASN D 28 53.73 3.23 34.61
CA ASN D 28 54.75 3.97 35.35
C ASN D 28 55.34 3.15 36.49
N GLU D 29 56.21 3.77 37.27
CA GLU D 29 56.87 3.12 38.40
C GLU D 29 55.89 2.74 39.52
N GLN D 30 54.82 3.53 39.67
CA GLN D 30 53.77 3.28 40.66
C GLN D 30 52.90 2.06 40.36
N GLY D 31 52.95 1.59 39.10
CA GLY D 31 52.19 0.43 38.69
C GLY D 31 51.29 0.74 37.52
N SER D 32 51.24 -0.18 36.56
CA SER D 32 50.40 -0.03 35.37
C SER D 32 48.93 -0.22 35.72
N GLY D 33 48.06 0.47 34.98
CA GLY D 33 46.63 0.44 35.26
C GLY D 33 45.75 0.79 34.08
N TYR D 34 44.47 0.42 34.21
CA TYR D 34 43.44 0.72 33.22
C TYR D 34 42.48 1.77 33.76
N ALA D 35 42.28 2.84 32.99
CA ALA D 35 41.33 3.89 33.36
C ALA D 35 40.49 4.35 32.16
N ALA D 36 39.18 4.17 32.25
CA ALA D 36 38.26 4.56 31.19
C ALA D 36 38.05 6.08 31.18
N ASP D 37 37.86 6.64 29.99
CA ASP D 37 37.59 8.08 29.85
C ASP D 37 36.11 8.37 30.03
N LYS D 38 35.80 9.28 30.95
CA LYS D 38 34.44 9.52 31.45
C LYS D 38 33.48 10.15 30.45
N GLU D 39 33.89 11.24 29.83
CA GLU D 39 33.03 12.03 28.94
C GLU D 39 32.66 11.27 27.67
N SER D 40 33.66 10.75 26.98
CA SER D 40 33.47 10.08 25.68
C SER D 40 32.65 8.80 25.80
N THR D 41 32.84 8.06 26.88
CA THR D 41 32.02 6.87 27.16
C THR D 41 30.57 7.27 27.44
N GLN D 42 30.38 8.30 28.27
CA GLN D 42 29.05 8.81 28.61
C GLN D 42 28.31 9.41 27.40
N LYS D 43 29.04 10.18 26.59
CA LYS D 43 28.52 10.74 25.34
C LYS D 43 27.99 9.65 24.41
N ALA D 44 28.80 8.60 24.25
CA ALA D 44 28.44 7.46 23.39
C ALA D 44 27.20 6.71 23.89
N ILE D 45 27.07 6.56 25.20
CA ILE D 45 25.90 5.91 25.80
C ILE D 45 24.64 6.73 25.51
N ASP D 46 24.72 8.05 25.70
CA ASP D 46 23.61 8.96 25.40
C ASP D 46 23.21 8.91 23.93
N GLY D 47 24.20 8.92 23.04
CA GLY D 47 23.96 8.86 21.59
C GLY D 47 23.37 7.55 21.10
N VAL D 48 23.89 6.42 21.62
CA VAL D 48 23.44 5.09 21.22
C VAL D 48 22.03 4.78 21.76
N THR D 49 21.79 5.13 23.03
CA THR D 49 20.47 4.95 23.65
C THR D 49 19.39 5.72 22.88
N ASN D 50 19.72 6.96 22.51
CA ASN D 50 18.82 7.80 21.73
C ASN D 50 18.53 7.26 20.34
N LYS D 51 19.58 6.76 19.67
CA LYS D 51 19.44 6.11 18.38
C LYS D 51 18.44 4.96 18.44
N VAL D 52 18.55 4.14 19.49
CA VAL D 52 17.63 3.02 19.74
C VAL D 52 16.19 3.51 19.87
N ASN D 53 15.97 4.50 20.73
CA ASN D 53 14.64 5.07 20.97
C ASN D 53 14.03 5.71 19.72
N SER D 54 14.86 6.40 18.93
CA SER D 54 14.44 7.02 17.67
C SER D 54 13.96 5.97 16.65
N ILE D 55 14.69 4.86 16.57
CA ILE D 55 14.34 3.76 15.67
C ILE D 55 13.00 3.13 16.07
N ILE D 56 12.82 2.86 17.36
CA ILE D 56 11.55 2.34 17.90
C ILE D 56 10.39 3.32 17.64
N ASP D 57 10.61 4.60 17.95
CA ASP D 57 9.60 5.65 17.82
C ASP D 57 9.17 5.94 16.38
N LYS D 58 10.07 5.71 15.43
CA LYS D 58 9.77 5.92 14.01
C LYS D 58 8.89 4.80 13.45
N MET D 59 9.03 3.61 14.02
CA MET D 59 8.21 2.47 13.63
C MET D 59 6.88 2.48 14.40
N ASN D 60 6.72 3.46 15.28
CA ASN D 60 5.56 3.59 16.17
C ASN D 60 4.19 3.46 15.51
N THR D 61 4.06 3.96 14.28
CA THR D 61 2.81 3.90 13.54
C THR D 61 2.94 3.09 12.25
N GLN D 62 3.37 1.83 12.38
CA GLN D 62 3.39 0.90 11.25
C GLN D 62 1.99 0.45 10.86
N PHE D 63 1.92 -0.32 9.78
CA PHE D 63 0.67 -0.87 9.28
C PHE D 63 0.16 -1.98 10.20
N GLU D 64 -1.16 -2.07 10.34
CA GLU D 64 -1.76 -3.15 11.14
C GLU D 64 -2.78 -3.94 10.33
N ALA D 65 -2.51 -5.22 10.13
CA ALA D 65 -3.39 -6.09 9.37
C ALA D 65 -4.68 -6.41 10.13
N VAL D 66 -5.79 -6.43 9.40
CA VAL D 66 -7.10 -6.72 9.97
C VAL D 66 -7.73 -7.83 9.16
N GLY D 67 -8.30 -8.82 9.84
CA GLY D 67 -8.98 -9.93 9.18
C GLY D 67 -10.26 -9.47 8.49
N ARG D 68 -10.31 -9.66 7.16
CA ARG D 68 -11.52 -9.39 6.38
C ARG D 68 -11.93 -10.68 5.67
N GLU D 69 -13.23 -10.95 5.61
CA GLU D 69 -13.71 -12.15 4.95
C GLU D 69 -14.48 -11.85 3.68
N PHE D 70 -14.39 -12.78 2.74
CA PHE D 70 -15.00 -12.66 1.41
C PHE D 70 -15.63 -13.96 0.98
N ASN D 71 -16.67 -13.89 0.14
CA ASN D 71 -17.32 -15.10 -0.31
C ASN D 71 -16.76 -15.64 -1.63
N ASN D 72 -17.35 -16.74 -2.09
CA ASN D 72 -16.88 -17.47 -3.26
C ASN D 72 -16.86 -16.67 -4.55
N LEU D 73 -17.63 -15.58 -4.59
CA LEU D 73 -17.71 -14.74 -5.79
C LEU D 73 -17.17 -13.32 -5.54
N GLU D 74 -16.29 -13.20 -4.56
CA GLU D 74 -15.58 -11.97 -4.27
C GLU D 74 -14.07 -12.23 -4.29
N ARG D 75 -13.65 -13.13 -5.17
CA ARG D 75 -12.26 -13.56 -5.29
C ARG D 75 -11.27 -12.45 -5.65
N ARG D 76 -11.72 -11.52 -6.51
CA ARG D 76 -10.86 -10.45 -7.00
C ARG D 76 -10.53 -9.47 -5.87
N ILE D 77 -11.55 -9.10 -5.09
CA ILE D 77 -11.34 -8.20 -3.96
C ILE D 77 -10.63 -8.92 -2.80
N GLU D 78 -10.85 -10.22 -2.66
CA GLU D 78 -10.12 -11.01 -1.69
C GLU D 78 -8.62 -10.98 -2.02
N ASN D 79 -8.30 -11.20 -3.29
CA ASN D 79 -6.93 -11.18 -3.78
C ASN D 79 -6.31 -9.79 -3.63
N LEU D 80 -7.09 -8.78 -3.98
CA LEU D 80 -6.71 -7.39 -3.83
C LEU D 80 -6.38 -7.10 -2.36
N ASN D 81 -7.25 -7.51 -1.45
CA ASN D 81 -7.07 -7.30 -0.03
C ASN D 81 -5.78 -7.95 0.50
N LYS D 82 -5.58 -9.21 0.12
CA LYS D 82 -4.39 -9.97 0.51
C LYS D 82 -3.09 -9.32 0.05
N LYS D 83 -3.03 -8.94 -1.23
CA LYS D 83 -1.83 -8.29 -1.79
C LYS D 83 -1.56 -6.94 -1.16
N MET D 84 -2.61 -6.21 -0.81
CA MET D 84 -2.46 -4.93 -0.14
C MET D 84 -1.85 -5.11 1.25
N GLU D 85 -2.32 -6.13 1.98
CA GLU D 85 -1.85 -6.39 3.33
C GLU D 85 -0.43 -6.93 3.35
N ASP D 86 -0.17 -7.95 2.53
CA ASP D 86 1.20 -8.46 2.28
C ASP D 86 2.13 -7.33 1.85
N GLY D 87 1.62 -6.46 0.98
CA GLY D 87 2.36 -5.31 0.47
C GLY D 87 2.93 -4.41 1.56
N PHE D 88 2.06 -3.93 2.44
CA PHE D 88 2.50 -3.10 3.56
C PHE D 88 3.41 -3.85 4.54
N LEU D 89 3.17 -5.13 4.76
CA LEU D 89 4.02 -5.90 5.66
C LEU D 89 5.44 -6.00 5.10
N ASP D 90 5.56 -6.23 3.79
CA ASP D 90 6.84 -6.27 3.09
C ASP D 90 7.56 -4.92 3.12
N VAL D 91 6.80 -3.85 2.92
CA VAL D 91 7.33 -2.50 3.00
C VAL D 91 7.92 -2.22 4.39
N TRP D 92 7.17 -2.53 5.44
CA TRP D 92 7.62 -2.26 6.80
C TRP D 92 8.70 -3.22 7.31
N THR D 93 8.68 -4.47 6.83
CA THR D 93 9.74 -5.42 7.11
C THR D 93 11.05 -4.89 6.52
N TYR D 94 10.96 -4.40 5.28
CA TYR D 94 12.09 -3.80 4.58
C TYR D 94 12.62 -2.60 5.37
N ASN D 95 11.72 -1.72 5.78
CA ASN D 95 12.08 -0.52 6.51
C ASN D 95 12.81 -0.83 7.80
N ALA D 96 12.29 -1.81 8.55
CA ALA D 96 12.90 -2.21 9.81
C ALA D 96 14.29 -2.82 9.60
N GLU D 97 14.39 -3.82 8.72
CA GLU D 97 15.66 -4.49 8.43
C GLU D 97 16.74 -3.53 7.90
N LEU D 98 16.37 -2.65 6.96
CA LEU D 98 17.31 -1.72 6.34
C LEU D 98 17.83 -0.68 7.34
N LEU D 99 16.91 -0.10 8.11
CA LEU D 99 17.30 0.92 9.08
C LEU D 99 18.31 0.34 10.07
N VAL D 100 18.04 -0.87 10.54
CA VAL D 100 18.92 -1.55 11.49
C VAL D 100 20.32 -1.76 10.90
N LEU D 101 20.40 -2.28 9.68
CA LEU D 101 21.67 -2.50 8.99
C LEU D 101 22.46 -1.20 8.84
N MET D 102 21.77 -0.16 8.37
CA MET D 102 22.37 1.15 8.16
C MET D 102 22.84 1.78 9.47
N GLU D 103 22.03 1.67 10.52
CA GLU D 103 22.39 2.27 11.81
C GLU D 103 23.42 1.43 12.58
N ASN D 104 23.44 0.12 12.36
CA ASN D 104 24.49 -0.72 12.90
C ASN D 104 25.87 -0.29 12.38
N GLU D 105 25.93 0.01 11.08
CA GLU D 105 27.14 0.50 10.43
C GLU D 105 27.58 1.84 10.99
N ARG D 106 26.62 2.74 11.17
CA ARG D 106 26.88 4.05 11.74
C ARG D 106 27.35 3.97 13.20
N THR D 107 26.79 3.04 13.96
CA THR D 107 27.17 2.86 15.37
C THR D 107 28.62 2.40 15.51
N LEU D 108 29.03 1.46 14.67
CA LEU D 108 30.41 0.98 14.69
C LEU D 108 31.40 2.07 14.25
N ASP D 109 31.03 2.85 13.24
CA ASP D 109 31.83 4.00 12.81
C ASP D 109 31.90 5.07 13.89
N PHE D 110 30.81 5.24 14.63
CA PHE D 110 30.72 6.20 15.72
C PHE D 110 31.72 5.87 16.83
N HIS D 111 31.76 4.60 17.23
CA HIS D 111 32.72 4.12 18.22
C HIS D 111 34.13 4.31 17.70
N ASP D 112 34.36 3.90 16.46
CA ASP D 112 35.65 4.04 15.81
C ASP D 112 36.12 5.51 15.82
N SER D 113 35.19 6.41 15.49
CA SER D 113 35.44 7.86 15.52
C SER D 113 35.76 8.36 16.93
N ASN D 114 34.98 7.92 17.91
CA ASN D 114 35.19 8.30 19.30
C ASN D 114 36.57 7.89 19.82
N VAL D 115 37.07 6.75 19.34
CA VAL D 115 38.39 6.26 19.73
C VAL D 115 39.49 7.17 19.16
N LYS D 116 39.37 7.48 17.87
CA LYS D 116 40.31 8.38 17.19
C LYS D 116 40.35 9.76 17.85
N ASN D 117 39.17 10.33 18.09
CA ASN D 117 39.04 11.64 18.75
C ASN D 117 39.73 11.71 20.11
N LEU D 118 39.64 10.61 20.86
CA LEU D 118 40.29 10.51 22.16
C LEU D 118 41.82 10.41 22.02
N TYR D 119 42.27 9.68 21.01
CA TYR D 119 43.69 9.55 20.69
C TYR D 119 44.31 10.90 20.30
N ASP D 120 43.58 11.65 19.47
CA ASP D 120 44.02 12.97 19.02
C ASP D 120 44.01 14.01 20.15
N LYS D 121 43.04 13.88 21.06
CA LYS D 121 42.96 14.74 22.25
C LYS D 121 44.21 14.59 23.11
N VAL D 122 44.71 13.36 23.20
CA VAL D 122 45.97 13.07 23.88
C VAL D 122 47.16 13.55 23.06
N ARG D 123 47.12 13.32 21.76
CA ARG D 123 48.21 13.70 20.84
C ARG D 123 48.45 15.21 20.81
N LEU D 124 47.39 16.00 20.65
CA LEU D 124 47.49 17.45 20.59
C LEU D 124 47.82 18.08 21.96
N GLN D 125 47.53 17.35 23.03
CA GLN D 125 47.87 17.81 24.37
C GLN D 125 49.36 17.59 24.68
N LEU D 126 49.90 16.48 24.19
CA LEU D 126 51.30 16.11 24.43
C LEU D 126 52.27 16.83 23.51
N ARG D 127 52.05 16.71 22.20
CA ARG D 127 52.93 17.30 21.17
C ARG D 127 54.38 16.81 21.30
N ASP D 128 55.28 17.71 21.70
CA ASP D 128 56.73 17.41 21.79
C ASP D 128 57.14 16.61 23.02
N ASN D 129 56.31 16.65 24.06
CA ASN D 129 56.64 16.02 25.36
C ASN D 129 56.63 14.49 25.36
N ALA D 130 56.16 13.89 24.27
CA ALA D 130 56.08 12.44 24.15
C ALA D 130 56.37 11.93 22.73
N LYS D 131 56.83 10.69 22.66
CA LYS D 131 57.11 9.99 21.40
C LYS D 131 55.83 9.29 20.91
N GLU D 132 55.75 9.06 19.60
CA GLU D 132 54.58 8.41 19.00
C GLU D 132 54.97 7.09 18.32
N LEU D 133 54.75 5.98 19.02
CA LEU D 133 55.14 4.66 18.51
C LEU D 133 54.27 4.19 17.35
N GLY D 134 53.03 4.68 17.30
CA GLY D 134 52.12 4.38 16.20
C GLY D 134 51.16 3.23 16.45
N ASN D 135 51.26 2.61 17.63
CA ASN D 135 50.35 1.53 18.01
C ASN D 135 49.24 2.02 18.95
N GLY D 136 49.03 3.33 18.96
CA GLY D 136 48.05 3.95 19.84
C GLY D 136 48.66 4.34 21.18
N CYS D 137 49.98 4.30 21.26
CA CYS D 137 50.69 4.59 22.50
C CYS D 137 51.66 5.78 22.36
N PHE D 138 51.95 6.41 23.50
CA PHE D 138 52.87 7.53 23.55
C PHE D 138 53.98 7.29 24.57
N GLU D 139 55.21 7.14 24.10
CA GLU D 139 56.38 7.00 24.97
C GLU D 139 56.80 8.33 25.58
N PHE D 140 56.84 8.37 26.90
CA PHE D 140 57.30 9.56 27.62
C PHE D 140 58.83 9.62 27.63
N TYR D 141 59.35 10.84 27.62
CA TYR D 141 60.78 11.07 27.80
C TYR D 141 61.07 11.12 29.29
N HIS D 142 60.39 12.03 29.98
CA HIS D 142 60.48 12.15 31.44
C HIS D 142 59.60 11.10 32.10
N ARG D 143 60.06 10.62 33.26
CA ARG D 143 59.31 9.63 34.04
C ARG D 143 58.04 10.25 34.60
N CYS D 144 56.89 9.90 34.01
CA CYS D 144 55.61 10.46 34.44
C CYS D 144 54.91 9.62 35.50
N ASP D 145 54.79 10.21 36.69
CA ASP D 145 54.14 9.55 37.82
C ASP D 145 52.62 9.59 37.69
N ASN D 146 51.92 9.15 38.74
CA ASN D 146 50.47 9.15 38.76
C ASN D 146 49.84 10.54 38.57
N GLU D 147 50.48 11.57 39.12
CA GLU D 147 49.99 12.95 38.97
C GLU D 147 50.07 13.47 37.54
N CYS D 148 51.03 12.95 36.76
CA CYS D 148 51.14 13.27 35.35
C CYS D 148 50.03 12.62 34.53
N MET D 149 49.75 11.36 34.81
CA MET D 149 48.70 10.61 34.11
C MET D 149 47.31 11.19 34.38
N GLU D 150 47.12 11.73 35.58
CA GLU D 150 45.86 12.35 36.01
C GLU D 150 45.51 13.62 35.20
N SER D 151 46.51 14.47 34.98
CA SER D 151 46.31 15.74 34.27
C SER D 151 45.91 15.56 32.80
N VAL D 152 46.27 14.42 32.21
CA VAL D 152 45.94 14.12 30.81
C VAL D 152 44.45 13.87 30.65
N ARG D 153 43.89 13.04 31.52
CA ARG D 153 42.47 12.66 31.49
C ARG D 153 41.54 13.84 31.77
N ASN D 154 41.91 14.66 32.76
CA ASN D 154 41.14 15.87 33.10
C ASN D 154 41.20 16.94 32.02
N GLY D 155 42.32 16.99 31.31
CA GLY D 155 42.59 18.06 30.36
C GLY D 155 43.37 19.20 31.02
N THR D 156 43.81 18.96 32.26
CA THR D 156 44.53 19.95 33.06
C THR D 156 45.99 20.11 32.59
N TYR D 157 46.47 19.15 31.81
CA TYR D 157 47.88 19.04 31.40
C TYR D 157 48.53 20.36 30.97
N ASP D 158 49.45 20.85 31.80
CA ASP D 158 50.24 22.05 31.49
C ASP D 158 51.48 21.69 30.67
N TYR D 159 51.45 22.05 29.38
CA TYR D 159 52.58 21.81 28.48
C TYR D 159 53.86 22.55 28.90
N PRO D 160 53.76 23.87 29.24
CA PRO D 160 54.94 24.65 29.60
C PRO D 160 55.74 24.12 30.80
N GLN D 161 55.07 23.36 31.68
CA GLN D 161 55.71 22.78 32.86
C GLN D 161 56.70 21.67 32.51
N TYR D 162 56.42 20.93 31.44
CA TYR D 162 57.23 19.77 31.06
C TYR D 162 58.18 20.02 29.88
N SER D 163 58.16 21.24 29.33
CA SER D 163 59.04 21.59 28.22
C SER D 163 59.97 22.75 28.59
N ASP E 1 55.13 37.85 21.04
CA ASP E 1 54.45 36.77 20.27
C ASP E 1 54.69 36.94 18.76
N PRO E 2 55.12 35.85 18.08
CA PRO E 2 55.25 35.89 16.62
C PRO E 2 53.88 35.74 15.92
N ASP E 3 53.86 35.86 14.59
CA ASP E 3 52.62 35.80 13.80
C ASP E 3 51.92 34.45 13.89
N GLN E 4 50.59 34.47 13.76
CA GLN E 4 49.78 33.25 13.78
C GLN E 4 48.49 33.33 12.95
N ILE E 5 48.02 32.17 12.50
CA ILE E 5 46.73 32.04 11.81
C ILE E 5 45.95 30.87 12.41
N CYS E 6 44.65 31.07 12.62
CA CYS E 6 43.79 30.02 13.18
C CYS E 6 42.68 29.61 12.21
N ILE E 7 42.24 28.37 12.34
CA ILE E 7 41.10 27.85 11.58
C ILE E 7 39.87 27.79 12.48
N GLY E 8 38.73 28.21 11.94
CA GLY E 8 37.49 28.22 12.70
C GLY E 8 36.27 28.32 11.82
N TYR E 9 35.11 28.41 12.46
CA TYR E 9 33.83 28.34 11.78
C TYR E 9 32.84 29.35 12.33
N HIS E 10 31.76 29.56 11.58
CA HIS E 10 30.76 30.58 11.89
C HIS E 10 29.91 30.23 13.11
N ALA E 11 29.73 31.22 13.98
CA ALA E 11 28.76 31.15 15.07
C ALA E 11 27.88 32.41 15.07
N ASN E 12 26.59 32.24 15.30
CA ASN E 12 25.66 33.37 15.40
C ASN E 12 24.74 33.28 16.62
N ASN E 13 23.74 34.16 16.68
CA ASN E 13 22.80 34.20 17.80
C ASN E 13 21.55 33.31 17.60
N SER E 14 21.59 32.46 16.57
CA SER E 14 20.46 31.58 16.23
C SER E 14 20.14 30.58 17.33
N THR E 15 18.85 30.36 17.55
CA THR E 15 18.37 29.33 18.46
C THR E 15 17.51 28.31 17.72
N GLU E 16 17.61 28.31 16.38
CA GLU E 16 16.94 27.32 15.53
C GLU E 16 17.45 25.91 15.82
N GLN E 17 16.52 24.97 15.89
CA GLN E 17 16.83 23.61 16.33
C GLN E 17 16.39 22.56 15.31
N VAL E 18 17.25 21.57 15.10
CA VAL E 18 16.94 20.44 14.23
C VAL E 18 17.14 19.14 15.00
N ASP E 19 16.62 18.05 14.44
CA ASP E 19 16.77 16.74 15.04
C ASP E 19 17.59 15.83 14.12
N THR E 20 18.29 14.87 14.73
CA THR E 20 19.01 13.82 14.01
C THR E 20 18.61 12.48 14.61
N ILE E 21 19.28 11.42 14.20
CA ILE E 21 19.05 10.08 14.76
C ILE E 21 19.52 10.00 16.22
N MET E 22 20.77 10.39 16.46
CA MET E 22 21.37 10.26 17.78
C MET E 22 21.03 11.43 18.72
N GLU E 23 20.50 12.51 18.17
CA GLU E 23 20.34 13.75 18.92
C GLU E 23 19.06 14.50 18.60
N LYS E 24 18.45 15.07 19.64
CA LYS E 24 17.27 15.92 19.49
C LYS E 24 17.62 17.37 19.86
N ASN E 25 16.86 18.32 19.32
CA ASN E 25 17.02 19.74 19.64
C ASN E 25 18.44 20.29 19.48
N VAL E 26 19.09 20.03 18.35
CA VAL E 26 20.44 20.54 18.09
C VAL E 26 20.39 21.97 17.54
N THR E 27 21.03 22.91 18.23
CA THR E 27 21.07 24.30 17.79
C THR E 27 21.98 24.46 16.59
N VAL E 28 21.43 25.03 15.52
CA VAL E 28 22.19 25.28 14.30
C VAL E 28 22.20 26.76 13.94
N THR E 29 23.18 27.15 13.13
CA THR E 29 23.32 28.54 12.70
C THR E 29 22.23 28.87 11.69
N HIS E 30 21.92 27.91 10.82
CA HIS E 30 20.87 28.06 9.82
C HIS E 30 20.07 26.77 9.68
N ALA E 31 18.76 26.93 9.49
CA ALA E 31 17.88 25.81 9.26
C ALA E 31 16.82 26.21 8.25
N GLN E 32 16.13 25.22 7.70
CA GLN E 32 15.08 25.47 6.72
C GLN E 32 13.85 24.60 7.00
N ASP E 33 12.77 25.27 7.38
CA ASP E 33 11.48 24.63 7.52
C ASP E 33 10.96 24.26 6.13
N ILE E 34 10.56 23.02 5.97
CA ILE E 34 10.00 22.53 4.70
C ILE E 34 8.54 22.06 4.83
N LEU E 35 7.89 22.43 5.93
CA LEU E 35 6.53 21.97 6.22
C LEU E 35 5.53 23.11 6.40
N GLU E 36 4.54 23.15 5.52
CA GLU E 36 3.48 24.15 5.62
C GLU E 36 2.46 23.71 6.67
N LYS E 37 2.18 24.58 7.61
CA LYS E 37 1.33 24.27 8.75
C LYS E 37 0.09 25.17 8.85
N THR E 38 -0.06 26.12 7.93
CA THR E 38 -1.20 27.03 7.98
C THR E 38 -2.07 26.97 6.72
N HIS E 39 -3.38 27.21 6.89
CA HIS E 39 -4.32 27.31 5.80
C HIS E 39 -5.21 28.53 6.06
N ASN E 40 -5.94 28.98 5.04
CA ASN E 40 -6.74 30.20 5.21
C ASN E 40 -8.14 29.96 5.79
N GLY E 41 -8.47 28.70 6.02
CA GLY E 41 -9.77 28.32 6.58
C GLY E 41 -10.98 28.59 5.71
N LYS E 42 -10.76 28.76 4.41
CA LYS E 42 -11.83 29.09 3.46
C LYS E 42 -11.92 28.13 2.28
N LEU E 43 -13.10 28.08 1.65
CA LEU E 43 -13.27 27.40 0.36
C LEU E 43 -13.20 28.44 -0.74
N CYS E 44 -12.24 28.28 -1.64
CA CYS E 44 -11.94 29.30 -2.63
C CYS E 44 -12.16 28.80 -4.04
N ASP E 45 -12.20 29.73 -4.99
CA ASP E 45 -12.08 29.39 -6.40
C ASP E 45 -10.76 28.65 -6.56
N LEU E 46 -10.76 27.63 -7.40
CA LEU E 46 -9.53 26.95 -7.75
C LEU E 46 -9.03 27.50 -9.08
N ASP E 47 -7.96 28.30 -9.01
CA ASP E 47 -7.32 28.89 -10.19
C ASP E 47 -8.32 29.69 -11.05
N GLY E 48 -9.13 30.50 -10.39
CA GLY E 48 -10.10 31.35 -11.06
C GLY E 48 -11.47 30.75 -11.32
N VAL E 49 -11.65 29.47 -10.99
CA VAL E 49 -12.91 28.76 -11.23
C VAL E 49 -13.62 28.40 -9.92
N LYS E 50 -14.83 28.95 -9.75
CA LYS E 50 -15.64 28.74 -8.56
C LYS E 50 -16.06 27.28 -8.39
N PRO E 51 -16.01 26.78 -7.14
CA PRO E 51 -16.56 25.47 -6.87
C PRO E 51 -18.10 25.47 -6.93
N LEU E 52 -18.69 24.29 -7.09
CA LEU E 52 -20.12 24.15 -6.87
C LEU E 52 -20.35 23.83 -5.39
N ILE E 53 -20.85 24.82 -4.65
CA ILE E 53 -21.20 24.64 -3.23
C ILE E 53 -22.66 24.25 -3.08
N LEU E 54 -22.91 22.96 -2.84
CA LEU E 54 -24.27 22.43 -2.78
C LEU E 54 -25.06 22.81 -1.52
N ARG E 55 -24.39 23.45 -0.57
CA ARG E 55 -25.02 23.95 0.67
C ARG E 55 -25.79 22.86 1.42
N ASP E 56 -27.11 23.00 1.52
CA ASP E 56 -27.93 22.00 2.23
C ASP E 56 -28.47 20.89 1.32
N CYS E 57 -28.05 20.89 0.06
CA CYS E 57 -28.49 19.86 -0.89
C CYS E 57 -27.44 18.77 -1.11
N SER E 58 -27.91 17.56 -1.37
CA SER E 58 -27.04 16.46 -1.75
C SER E 58 -26.93 16.40 -3.27
N VAL E 59 -26.07 15.52 -3.77
CA VAL E 59 -25.95 15.30 -5.20
C VAL E 59 -27.28 14.77 -5.76
N ALA E 60 -27.86 13.78 -5.08
CA ALA E 60 -29.17 13.26 -5.46
C ALA E 60 -30.21 14.37 -5.51
N GLY E 61 -30.25 15.20 -4.47
CA GLY E 61 -31.21 16.31 -4.38
C GLY E 61 -31.04 17.27 -5.55
N TRP E 62 -29.78 17.54 -5.89
CA TRP E 62 -29.44 18.43 -6.99
C TRP E 62 -29.91 17.87 -8.33
N LEU E 63 -29.48 16.65 -8.65
CA LEU E 63 -29.70 16.08 -9.97
C LEU E 63 -31.17 15.75 -10.25
N LEU E 64 -31.84 15.16 -9.27
CA LEU E 64 -33.26 14.84 -9.41
C LEU E 64 -34.17 16.06 -9.39
N GLY E 65 -33.75 17.11 -8.72
CA GLY E 65 -34.50 18.35 -8.66
C GLY E 65 -35.43 18.46 -7.46
N ASN E 66 -34.95 18.05 -6.29
CA ASN E 66 -35.64 18.31 -5.03
C ASN E 66 -35.97 19.80 -5.03
N PRO E 67 -37.27 20.16 -4.87
CA PRO E 67 -37.71 21.56 -4.98
C PRO E 67 -36.99 22.52 -4.04
N MET E 68 -36.47 22.01 -2.93
CA MET E 68 -35.67 22.80 -1.99
C MET E 68 -34.29 23.14 -2.56
N CYS E 69 -33.94 22.50 -3.68
CA CYS E 69 -32.63 22.69 -4.32
C CYS E 69 -32.69 23.52 -5.60
N ASP E 70 -33.68 24.39 -5.72
CA ASP E 70 -33.90 25.17 -6.96
C ASP E 70 -32.74 26.07 -7.35
N GLU E 71 -31.98 26.54 -6.35
CA GLU E 71 -30.74 27.29 -6.58
C GLU E 71 -29.83 26.60 -7.62
N PHE E 72 -29.91 25.27 -7.68
CA PHE E 72 -29.03 24.46 -8.53
C PHE E 72 -29.69 23.90 -9.79
N LEU E 73 -30.71 24.58 -10.31
CA LEU E 73 -31.41 24.08 -11.50
C LEU E 73 -30.53 24.05 -12.76
N ASN E 74 -29.62 25.02 -12.86
CA ASN E 74 -28.72 25.14 -14.01
C ASN E 74 -27.41 25.80 -13.57
N VAL E 75 -26.56 25.03 -12.91
CA VAL E 75 -25.32 25.55 -12.34
C VAL E 75 -24.28 25.74 -13.43
N PRO E 76 -23.41 26.76 -13.29
CA PRO E 76 -22.33 26.93 -14.27
C PRO E 76 -21.21 25.93 -14.00
N GLU E 77 -20.17 25.97 -14.85
CA GLU E 77 -19.07 25.02 -14.74
C GLU E 77 -18.35 25.19 -13.40
N TRP E 78 -17.89 24.08 -12.85
CA TRP E 78 -17.28 24.10 -11.53
C TRP E 78 -15.87 23.52 -11.56
N SER E 79 -15.08 23.87 -10.54
CA SER E 79 -13.72 23.35 -10.35
C SER E 79 -13.73 22.12 -9.45
N TYR E 80 -14.52 22.18 -8.38
CA TYR E 80 -14.79 21.04 -7.51
C TYR E 80 -16.17 21.23 -6.89
N ILE E 81 -16.69 20.16 -6.29
CA ILE E 81 -18.01 20.17 -5.69
C ILE E 81 -17.87 20.01 -4.18
N VAL E 82 -18.59 20.82 -3.43
CA VAL E 82 -18.62 20.72 -1.98
C VAL E 82 -20.00 20.29 -1.48
N GLU E 83 -20.01 19.21 -0.71
CA GLU E 83 -21.22 18.65 -0.13
C GLU E 83 -21.02 18.41 1.37
N LYS E 84 -22.03 18.74 2.17
CA LYS E 84 -21.97 18.54 3.61
C LYS E 84 -21.99 17.05 3.96
N ILE E 85 -21.54 16.72 5.15
CA ILE E 85 -21.59 15.34 5.64
C ILE E 85 -23.02 14.81 5.59
N ASN E 86 -23.97 15.63 6.04
CA ASN E 86 -25.37 15.23 6.11
C ASN E 86 -26.34 16.27 5.56
N PRO E 87 -26.41 16.39 4.22
CA PRO E 87 -27.27 17.42 3.63
C PRO E 87 -28.74 17.17 3.94
N ALA E 88 -29.44 18.19 4.41
CA ALA E 88 -30.86 18.07 4.77
C ALA E 88 -31.78 17.79 3.58
N ASN E 89 -31.40 18.29 2.39
CA ASN E 89 -32.22 18.12 1.19
C ASN E 89 -31.64 17.10 0.23
N ASP E 90 -32.24 15.92 0.26
CA ASP E 90 -31.72 14.76 -0.44
C ASP E 90 -32.91 14.22 -1.21
N LEU E 91 -33.24 12.95 -1.04
CA LEU E 91 -34.47 12.40 -1.59
C LEU E 91 -35.64 12.87 -0.74
N CYS E 92 -36.29 13.97 -1.15
CA CYS E 92 -37.46 14.50 -0.43
C CYS E 92 -38.53 13.42 -0.30
N TYR E 93 -38.91 12.82 -1.42
CA TYR E 93 -39.70 11.60 -1.37
C TYR E 93 -38.78 10.45 -0.99
N PRO E 94 -39.08 9.74 0.10
CA PRO E 94 -38.17 8.72 0.61
C PRO E 94 -37.91 7.58 -0.36
N GLY E 95 -36.73 6.98 -0.26
CA GLY E 95 -36.33 5.86 -1.10
C GLY E 95 -34.83 5.83 -1.20
N ASN E 96 -34.33 5.37 -2.35
CA ASN E 96 -32.89 5.34 -2.58
C ASN E 96 -32.53 5.52 -4.05
N PHE E 97 -31.24 5.78 -4.28
CA PHE E 97 -30.68 6.00 -5.58
C PHE E 97 -29.77 4.82 -5.89
N ASN E 98 -30.15 4.01 -6.87
CA ASN E 98 -29.36 2.83 -7.28
C ASN E 98 -27.96 3.20 -7.78
N ASP E 99 -26.95 2.44 -7.33
CA ASP E 99 -25.54 2.71 -7.66
C ASP E 99 -25.16 4.17 -7.50
N TYR E 100 -25.59 4.75 -6.38
CA TYR E 100 -25.37 6.15 -6.09
C TYR E 100 -23.88 6.50 -6.01
N GLU E 101 -23.11 5.65 -5.34
CA GLU E 101 -21.67 5.84 -5.16
C GLU E 101 -20.93 5.80 -6.51
N GLU E 102 -21.33 4.88 -7.38
CA GLU E 102 -20.76 4.80 -8.71
C GLU E 102 -21.07 6.05 -9.53
N LEU E 103 -22.25 6.62 -9.34
CA LEU E 103 -22.63 7.86 -10.01
C LEU E 103 -21.75 9.00 -9.51
N LYS E 104 -21.55 9.06 -8.19
CA LYS E 104 -20.72 10.10 -7.61
C LYS E 104 -19.26 9.99 -8.07
N HIS E 105 -18.79 8.78 -8.35
CA HIS E 105 -17.45 8.57 -8.90
C HIS E 105 -17.30 9.20 -10.28
N LEU E 106 -18.32 9.02 -11.12
CA LEU E 106 -18.37 9.65 -12.44
C LEU E 106 -18.32 11.17 -12.33
N LEU E 107 -19.06 11.70 -11.38
CA LEU E 107 -19.11 13.13 -11.10
C LEU E 107 -17.75 13.74 -10.83
N SER E 108 -16.87 12.96 -10.21
CA SER E 108 -15.50 13.36 -9.90
C SER E 108 -14.67 13.70 -11.13
N ARG E 109 -15.11 13.25 -12.30
CA ARG E 109 -14.40 13.54 -13.54
C ARG E 109 -15.16 14.50 -14.46
N ILE E 110 -16.22 15.11 -13.93
CA ILE E 110 -17.08 16.00 -14.70
C ILE E 110 -17.01 17.40 -14.10
N ASN E 111 -16.88 18.41 -14.97
CA ASN E 111 -16.85 19.81 -14.54
C ASN E 111 -18.09 20.60 -14.93
N HIS E 112 -18.88 20.08 -15.86
CA HIS E 112 -20.08 20.77 -16.31
C HIS E 112 -21.13 19.91 -17.01
N PHE E 113 -22.38 20.08 -16.59
CA PHE E 113 -23.51 19.51 -17.27
C PHE E 113 -24.22 20.62 -18.03
N GLU E 114 -24.91 20.26 -19.10
CA GLU E 114 -25.96 21.13 -19.62
C GLU E 114 -27.27 20.33 -19.57
N LYS E 115 -28.17 20.77 -18.71
CA LYS E 115 -29.47 20.11 -18.58
C LYS E 115 -30.38 20.41 -19.77
N ILE E 116 -30.94 19.36 -20.36
CA ILE E 116 -31.91 19.49 -21.46
C ILE E 116 -33.15 18.67 -21.17
N GLN E 117 -34.28 19.11 -21.74
CA GLN E 117 -35.51 18.34 -21.76
C GLN E 117 -35.38 17.16 -22.72
N ILE E 118 -35.79 15.98 -22.28
CA ILE E 118 -35.81 14.80 -23.16
C ILE E 118 -37.22 14.22 -23.38
N ILE E 119 -38.09 14.37 -22.37
CA ILE E 119 -39.52 14.06 -22.51
C ILE E 119 -40.36 15.21 -21.92
N PRO E 120 -41.06 15.99 -22.78
CA PRO E 120 -41.85 17.11 -22.25
C PRO E 120 -43.10 16.63 -21.50
N LYS E 121 -43.58 17.44 -20.56
CA LYS E 121 -44.83 17.19 -19.85
C LYS E 121 -46.01 17.02 -20.81
N SER E 122 -45.95 17.73 -21.95
CA SER E 122 -47.02 17.75 -22.95
C SER E 122 -47.20 16.40 -23.64
N SER E 123 -46.20 15.54 -23.47
CA SER E 123 -46.16 14.21 -24.05
C SER E 123 -47.22 13.29 -23.43
N TRP E 124 -47.61 13.57 -22.19
CA TRP E 124 -48.52 12.71 -21.44
C TRP E 124 -49.99 13.12 -21.58
N SER E 125 -50.61 12.70 -22.68
CA SER E 125 -52.02 13.00 -22.89
C SER E 125 -52.96 11.95 -22.29
N ASP E 126 -52.47 10.73 -22.13
CA ASP E 126 -53.30 9.62 -21.60
C ASP E 126 -53.07 9.30 -20.13
N HIS E 127 -52.25 10.11 -19.46
CA HIS E 127 -51.92 9.91 -18.05
C HIS E 127 -51.92 11.23 -17.29
N GLU E 128 -52.16 11.17 -15.98
CA GLU E 128 -51.97 12.36 -15.13
C GLU E 128 -50.48 12.57 -14.84
N ALA E 129 -50.03 13.81 -14.97
CA ALA E 129 -48.62 14.11 -14.81
C ALA E 129 -48.34 15.09 -13.67
N SER E 130 -49.33 15.38 -12.84
CA SER E 130 -49.18 16.38 -11.80
C SER E 130 -49.03 15.82 -10.38
N GLY E 131 -48.63 14.55 -10.27
CA GLY E 131 -48.45 13.90 -8.97
C GLY E 131 -47.47 14.64 -8.07
N VAL E 132 -47.91 14.93 -6.85
CA VAL E 132 -47.11 15.66 -5.87
C VAL E 132 -47.09 14.92 -4.53
N SER E 133 -46.25 15.37 -3.60
CA SER E 133 -46.22 14.83 -2.26
C SER E 133 -45.85 15.90 -1.25
N SER E 134 -46.45 15.79 -0.06
CA SER E 134 -46.10 16.62 1.09
C SER E 134 -44.69 16.29 1.62
N ALA E 135 -44.13 15.16 1.21
CA ALA E 135 -42.71 14.87 1.49
C ALA E 135 -41.76 15.75 0.67
N CYS E 136 -42.28 16.39 -0.38
CA CYS E 136 -41.46 17.27 -1.21
C CYS E 136 -42.04 18.67 -1.25
N PRO E 137 -41.98 19.41 -0.13
CA PRO E 137 -42.60 20.73 -0.15
C PRO E 137 -41.84 21.72 -1.03
N TYR E 138 -42.59 22.62 -1.65
CA TYR E 138 -42.03 23.80 -2.27
C TYR E 138 -42.86 24.97 -1.76
N GLN E 139 -42.19 25.93 -1.16
CA GLN E 139 -42.86 27.07 -0.51
C GLN E 139 -43.88 26.58 0.51
N GLY E 140 -43.61 25.41 1.08
CA GLY E 140 -44.47 24.83 2.10
C GLY E 140 -45.65 24.05 1.55
N ARG E 141 -45.78 24.01 0.23
CA ARG E 141 -46.89 23.30 -0.40
C ARG E 141 -46.39 22.02 -1.05
N SER E 142 -47.26 21.01 -1.17
CA SER E 142 -46.90 19.77 -1.84
C SER E 142 -46.40 19.98 -3.26
N SER E 143 -45.30 19.30 -3.58
CA SER E 143 -44.66 19.42 -4.89
C SER E 143 -43.92 18.12 -5.22
N PHE E 144 -42.96 18.20 -6.14
CA PHE E 144 -42.24 17.02 -6.60
C PHE E 144 -40.88 17.38 -7.19
N PHE E 145 -39.98 16.40 -7.29
CA PHE E 145 -38.72 16.57 -8.03
C PHE E 145 -38.97 17.25 -9.39
N ARG E 146 -38.11 18.20 -9.75
CA ARG E 146 -38.24 18.99 -11.00
C ARG E 146 -37.96 18.22 -12.29
N ASN E 147 -37.15 17.16 -12.21
CA ASN E 147 -36.52 16.62 -13.42
C ASN E 147 -37.11 15.28 -13.86
N VAL E 148 -38.00 14.76 -13.03
CA VAL E 148 -38.73 13.53 -13.31
C VAL E 148 -40.21 13.76 -13.01
N VAL E 149 -41.07 12.93 -13.59
CA VAL E 149 -42.51 13.15 -13.51
C VAL E 149 -43.22 11.94 -12.91
N TRP E 150 -44.09 12.19 -11.93
CA TRP E 150 -44.92 11.14 -11.30
C TRP E 150 -46.19 10.95 -12.14
N LEU E 151 -46.21 9.90 -12.95
CA LEU E 151 -47.38 9.60 -13.76
C LEU E 151 -48.36 8.74 -12.98
N THR E 152 -49.63 9.11 -13.03
CA THR E 152 -50.69 8.30 -12.42
C THR E 152 -51.83 8.09 -13.43
N LYS E 153 -52.80 7.26 -13.06
CA LYS E 153 -53.89 6.90 -13.97
C LYS E 153 -54.76 8.09 -14.36
N LYS E 154 -55.40 7.98 -15.51
CA LYS E 154 -56.32 9.00 -15.99
C LYS E 154 -57.61 8.33 -16.45
N ASP E 155 -58.73 8.83 -15.92
CA ASP E 155 -60.05 8.27 -16.21
C ASP E 155 -60.11 6.79 -15.83
N ASN E 156 -59.55 6.46 -14.66
CA ASN E 156 -59.49 5.07 -14.15
C ASN E 156 -58.78 4.11 -15.10
N ALA E 157 -57.80 4.64 -15.83
CA ALA E 157 -57.09 3.88 -16.83
C ALA E 157 -55.63 4.28 -16.85
N TYR E 158 -54.75 3.29 -16.94
CA TYR E 158 -53.32 3.52 -17.16
C TYR E 158 -52.87 2.62 -18.31
N PRO E 159 -53.03 3.11 -19.56
CA PRO E 159 -52.58 2.34 -20.71
C PRO E 159 -51.05 2.22 -20.77
N THR E 160 -50.58 1.20 -21.47
CA THR E 160 -49.15 0.93 -21.57
C THR E 160 -48.42 2.09 -22.24
N ILE E 161 -47.41 2.61 -21.54
CA ILE E 161 -46.54 3.68 -22.02
C ILE E 161 -45.40 3.11 -22.87
N LYS E 162 -45.16 3.76 -24.01
CA LYS E 162 -43.99 3.48 -24.83
C LYS E 162 -43.34 4.81 -25.23
N ARG E 163 -42.13 5.05 -24.73
CA ARG E 163 -41.37 6.24 -25.10
C ARG E 163 -39.95 5.90 -25.47
N SER E 164 -39.46 6.59 -26.49
CA SER E 164 -38.08 6.47 -26.94
C SER E 164 -37.44 7.84 -26.92
N TYR E 165 -36.15 7.86 -26.61
CA TYR E 165 -35.33 9.03 -26.82
C TYR E 165 -33.99 8.67 -27.43
N ASN E 166 -33.72 9.23 -28.61
CA ASN E 166 -32.47 9.04 -29.32
C ASN E 166 -31.54 10.18 -28.96
N ASN E 167 -30.34 9.85 -28.47
CA ASN E 167 -29.35 10.88 -28.17
C ASN E 167 -28.70 11.45 -29.44
N THR E 168 -29.29 12.52 -29.96
CA THR E 168 -28.81 13.17 -31.18
C THR E 168 -27.74 14.22 -30.85
N ASN E 169 -27.40 14.36 -29.57
CA ASN E 169 -26.35 15.27 -29.16
C ASN E 169 -24.98 14.63 -29.41
N GLN E 170 -23.93 15.44 -29.40
CA GLN E 170 -22.58 14.92 -29.52
C GLN E 170 -21.96 14.48 -28.18
N GLU E 171 -22.64 14.79 -27.07
CA GLU E 171 -22.15 14.47 -25.73
C GLU E 171 -22.84 13.24 -25.16
N ASP E 172 -22.17 12.55 -24.22
CA ASP E 172 -22.84 11.55 -23.39
C ASP E 172 -23.98 12.23 -22.64
N LEU E 173 -25.06 11.48 -22.42
CA LEU E 173 -26.21 12.00 -21.69
C LEU E 173 -26.49 11.20 -20.42
N LEU E 174 -26.54 11.89 -19.28
CA LEU E 174 -26.98 11.25 -18.04
C LEU E 174 -28.52 11.27 -17.97
N VAL E 175 -29.11 10.08 -17.96
CA VAL E 175 -30.57 9.93 -17.92
C VAL E 175 -31.01 9.35 -16.58
N LEU E 176 -32.00 9.97 -15.96
CA LEU E 176 -32.55 9.52 -14.67
C LEU E 176 -34.03 9.15 -14.78
N TRP E 177 -34.42 8.08 -14.07
CA TRP E 177 -35.82 7.66 -13.96
C TRP E 177 -36.00 6.90 -12.66
N GLY E 178 -37.25 6.57 -12.32
CA GLY E 178 -37.51 5.85 -11.08
C GLY E 178 -38.73 4.95 -11.07
N ILE E 179 -38.84 4.18 -10.00
CA ILE E 179 -40.01 3.36 -9.74
C ILE E 179 -40.62 3.72 -8.38
N HIS E 180 -41.94 3.73 -8.31
CA HIS E 180 -42.64 3.96 -7.05
C HIS E 180 -43.08 2.66 -6.38
N HIS E 181 -42.67 2.51 -5.12
CA HIS E 181 -43.07 1.38 -4.30
C HIS E 181 -44.23 1.78 -3.40
N PRO E 182 -45.44 1.31 -3.73
CA PRO E 182 -46.61 1.71 -2.95
C PRO E 182 -46.78 0.97 -1.62
N ASN E 183 -47.73 1.43 -0.82
CA ASN E 183 -47.95 0.93 0.53
C ASN E 183 -48.74 -0.37 0.62
N ASP E 184 -49.66 -0.58 -0.33
CA ASP E 184 -50.53 -1.76 -0.34
C ASP E 184 -51.24 -1.92 -1.68
N ALA E 185 -51.96 -3.03 -1.84
CA ALA E 185 -52.68 -3.33 -3.08
C ALA E 185 -53.72 -2.26 -3.42
N ALA E 186 -54.39 -1.72 -2.41
CA ALA E 186 -55.40 -0.68 -2.62
C ALA E 186 -54.79 0.60 -3.19
N GLU E 187 -53.65 1.01 -2.63
CA GLU E 187 -52.98 2.20 -3.09
C GLU E 187 -52.48 2.03 -4.53
N GLN E 188 -52.05 0.82 -4.86
CA GLN E 188 -51.58 0.49 -6.21
C GLN E 188 -52.65 0.77 -7.27
N THR E 189 -53.85 0.22 -7.07
CA THR E 189 -54.94 0.44 -8.02
C THR E 189 -55.46 1.88 -7.99
N ARG E 190 -55.48 2.48 -6.80
CA ARG E 190 -55.87 3.89 -6.67
C ARG E 190 -54.99 4.81 -7.53
N LEU E 191 -53.70 4.54 -7.59
CA LEU E 191 -52.79 5.39 -8.37
C LEU E 191 -52.60 4.96 -9.82
N TYR E 192 -52.52 3.64 -10.06
CA TYR E 192 -52.11 3.13 -11.36
C TYR E 192 -53.11 2.23 -12.06
N GLN E 193 -54.22 1.94 -11.37
CA GLN E 193 -55.28 1.04 -11.87
C GLN E 193 -54.88 -0.44 -12.00
N ASN E 194 -53.81 -0.71 -12.75
CA ASN E 194 -53.34 -2.07 -12.98
C ASN E 194 -52.68 -2.62 -11.72
N PRO E 195 -53.04 -3.85 -11.32
CA PRO E 195 -52.50 -4.42 -10.08
C PRO E 195 -51.09 -5.00 -10.22
N THR E 196 -50.74 -5.49 -11.41
CA THR E 196 -49.41 -6.09 -11.65
C THR E 196 -48.64 -5.33 -12.73
N THR E 197 -47.61 -4.60 -12.30
CA THR E 197 -46.97 -3.64 -13.19
C THR E 197 -45.46 -3.87 -13.37
N TYR E 198 -44.90 -3.19 -14.36
CA TYR E 198 -43.48 -3.26 -14.66
C TYR E 198 -43.01 -1.97 -15.32
N ILE E 199 -41.69 -1.79 -15.31
CA ILE E 199 -41.02 -0.78 -16.08
C ILE E 199 -39.88 -1.49 -16.79
N SER E 200 -39.91 -1.48 -18.12
CA SER E 200 -38.80 -2.04 -18.88
C SER E 200 -38.00 -0.91 -19.51
N VAL E 201 -36.67 -1.01 -19.44
CA VAL E 201 -35.78 -0.01 -20.01
C VAL E 201 -34.64 -0.65 -20.80
N GLY E 202 -34.48 -0.21 -22.04
CA GLY E 202 -33.44 -0.74 -22.90
C GLY E 202 -32.70 0.31 -23.69
N THR E 203 -31.39 0.10 -23.81
CA THR E 203 -30.53 0.88 -24.70
C THR E 203 -29.76 -0.14 -25.54
N SER E 204 -28.56 0.22 -26.00
CA SER E 204 -27.68 -0.77 -26.63
C SER E 204 -27.03 -1.69 -25.58
N THR E 205 -26.92 -1.21 -24.35
CA THR E 205 -26.25 -1.96 -23.29
C THR E 205 -27.18 -2.27 -22.11
N LEU E 206 -28.16 -1.42 -21.88
CA LEU E 206 -29.09 -1.61 -20.77
C LEU E 206 -30.23 -2.56 -21.14
N ASN E 207 -30.51 -3.49 -20.22
CA ASN E 207 -31.62 -4.42 -20.33
C ASN E 207 -32.25 -4.61 -18.94
N GLN E 208 -33.21 -3.76 -18.63
CA GLN E 208 -33.75 -3.68 -17.29
C GLN E 208 -35.27 -3.88 -17.28
N ARG E 209 -35.76 -4.63 -16.29
CA ARG E 209 -37.20 -4.75 -16.07
C ARG E 209 -37.46 -4.71 -14.58
N LEU E 210 -37.96 -3.58 -14.11
CA LEU E 210 -38.24 -3.35 -12.70
C LEU E 210 -39.68 -3.71 -12.36
N VAL E 211 -39.88 -4.25 -11.17
CA VAL E 211 -41.22 -4.57 -10.64
C VAL E 211 -41.36 -3.96 -9.24
N PRO E 212 -42.47 -3.27 -8.95
CA PRO E 212 -42.61 -2.59 -7.66
C PRO E 212 -42.67 -3.55 -6.49
N LYS E 213 -42.26 -3.10 -5.31
CA LYS E 213 -42.29 -3.91 -4.10
C LYS E 213 -43.20 -3.27 -3.07
N ILE E 214 -44.36 -3.89 -2.86
CA ILE E 214 -45.21 -3.50 -1.76
C ILE E 214 -44.66 -4.07 -0.45
N ALA E 215 -44.42 -3.17 0.51
CA ALA E 215 -44.04 -3.52 1.87
C ALA E 215 -44.67 -2.52 2.82
N THR E 216 -44.84 -2.94 4.08
CA THR E 216 -45.33 -2.06 5.13
C THR E 216 -44.14 -1.40 5.79
N ARG E 217 -44.06 -0.09 5.64
CA ARG E 217 -42.84 0.64 5.94
C ARG E 217 -43.10 1.78 6.93
N SER E 218 -42.06 2.14 7.68
CA SER E 218 -42.12 3.30 8.56
C SER E 218 -42.23 4.60 7.76
N LYS E 219 -42.84 5.62 8.34
CA LYS E 219 -42.91 6.91 7.67
C LYS E 219 -41.57 7.62 7.72
N VAL E 220 -41.15 8.14 6.56
CA VAL E 220 -39.99 9.00 6.45
C VAL E 220 -40.50 10.23 5.71
N ASN E 221 -40.19 11.41 6.23
CA ASN E 221 -40.72 12.67 5.71
C ASN E 221 -42.26 12.63 5.55
N GLY E 222 -42.90 11.90 6.46
CA GLY E 222 -44.34 11.73 6.48
C GLY E 222 -44.94 10.66 5.58
N GLN E 223 -44.11 9.94 4.83
CA GLN E 223 -44.61 8.99 3.84
C GLN E 223 -44.01 7.59 4.00
N SER E 224 -44.87 6.58 3.92
CA SER E 224 -44.44 5.18 4.01
C SER E 224 -44.10 4.58 2.65
N GLY E 225 -44.53 5.25 1.57
CA GLY E 225 -44.18 4.85 0.22
C GLY E 225 -42.71 5.11 -0.08
N ARG E 226 -42.20 4.52 -1.15
CA ARG E 226 -40.79 4.68 -1.51
C ARG E 226 -40.61 4.90 -3.00
N MET E 227 -39.59 5.67 -3.35
CA MET E 227 -39.17 5.77 -4.74
C MET E 227 -37.72 5.35 -4.91
N GLU E 228 -37.50 4.48 -5.90
CA GLU E 228 -36.18 3.99 -6.21
C GLU E 228 -35.76 4.50 -7.58
N PHE E 229 -34.65 5.25 -7.61
CA PHE E 229 -34.18 5.93 -8.81
C PHE E 229 -33.03 5.23 -9.50
N PHE E 230 -33.03 5.28 -10.83
CA PHE E 230 -32.00 4.61 -11.60
C PHE E 230 -31.39 5.60 -12.56
N TRP E 231 -30.23 5.25 -13.11
CA TRP E 231 -29.52 6.12 -14.04
C TRP E 231 -28.73 5.29 -15.05
N THR E 232 -28.47 5.89 -16.20
CA THR E 232 -27.58 5.32 -17.20
C THR E 232 -26.92 6.46 -17.98
N ILE E 233 -25.81 6.13 -18.63
CA ILE E 233 -25.18 7.06 -19.56
C ILE E 233 -25.63 6.65 -20.95
N LEU E 234 -26.34 7.55 -21.63
CA LEU E 234 -26.76 7.30 -23.00
C LEU E 234 -25.75 7.89 -24.00
N LYS E 235 -25.13 7.00 -24.77
CA LYS E 235 -24.09 7.38 -25.74
C LYS E 235 -24.64 8.19 -26.90
N PRO E 236 -23.80 9.05 -27.52
CA PRO E 236 -24.24 9.71 -28.74
C PRO E 236 -24.75 8.67 -29.75
N ASN E 237 -25.93 8.93 -30.30
CA ASN E 237 -26.52 8.09 -31.36
C ASN E 237 -27.16 6.79 -30.92
N ASP E 238 -27.07 6.47 -29.63
CA ASP E 238 -27.85 5.40 -29.06
C ASP E 238 -29.21 5.98 -28.64
N ALA E 239 -30.16 5.09 -28.34
CA ALA E 239 -31.50 5.49 -27.90
C ALA E 239 -31.93 4.70 -26.66
N ILE E 240 -32.71 5.35 -25.80
CA ILE E 240 -33.30 4.70 -24.63
C ILE E 240 -34.80 4.49 -24.82
N ASN E 241 -35.28 3.29 -24.49
CA ASN E 241 -36.69 2.92 -24.67
C ASN E 241 -37.34 2.51 -23.36
N PHE E 242 -38.40 3.24 -22.98
CA PHE E 242 -39.20 2.95 -21.79
C PHE E 242 -40.53 2.32 -22.15
N GLU E 243 -40.89 1.28 -21.41
CA GLU E 243 -42.24 0.72 -21.45
C GLU E 243 -42.71 0.44 -20.05
N SER E 244 -43.96 0.85 -19.76
CA SER E 244 -44.52 0.69 -18.41
C SER E 244 -46.04 0.71 -18.42
N ASN E 245 -46.63 -0.09 -17.54
CA ASN E 245 -48.07 -0.04 -17.27
C ASN E 245 -48.39 0.41 -15.84
N GLY E 246 -47.43 1.09 -15.20
CA GLY E 246 -47.66 1.69 -13.88
C GLY E 246 -46.38 1.88 -13.08
N ASN E 247 -46.45 2.76 -12.07
CA ASN E 247 -45.37 2.95 -11.07
C ASN E 247 -44.11 3.62 -11.61
N PHE E 248 -44.25 4.23 -12.78
CA PHE E 248 -43.15 4.79 -13.52
C PHE E 248 -42.99 6.26 -13.14
N ILE E 249 -41.81 6.61 -12.63
CA ILE E 249 -41.43 8.01 -12.40
C ILE E 249 -40.58 8.38 -13.61
N ALA E 250 -41.19 9.03 -14.59
CA ALA E 250 -40.56 9.21 -15.89
C ALA E 250 -39.57 10.38 -15.95
N PRO E 251 -38.54 10.26 -16.81
CA PRO E 251 -37.68 11.40 -17.10
C PRO E 251 -38.46 12.60 -17.63
N GLU E 252 -38.04 13.80 -17.26
CA GLU E 252 -38.39 15.02 -17.99
C GLU E 252 -37.11 15.65 -18.53
N ASN E 253 -36.17 15.92 -17.61
CA ASN E 253 -34.88 16.50 -17.96
C ASN E 253 -33.73 15.52 -17.76
N ALA E 254 -32.70 15.66 -18.60
CA ALA E 254 -31.48 14.85 -18.51
C ALA E 254 -30.26 15.76 -18.67
N TYR E 255 -29.06 15.22 -18.44
CA TYR E 255 -27.86 16.06 -18.39
C TYR E 255 -26.82 15.70 -19.46
N LYS E 256 -26.56 16.63 -20.38
CA LYS E 256 -25.43 16.47 -21.31
C LYS E 256 -24.14 16.68 -20.54
N ILE E 257 -23.19 15.78 -20.77
CA ILE E 257 -21.87 15.89 -20.14
C ILE E 257 -20.97 16.66 -21.09
N VAL E 258 -20.82 17.95 -20.82
CA VAL E 258 -20.19 18.86 -21.78
C VAL E 258 -18.75 19.23 -21.44
N LYS E 259 -18.33 18.98 -20.19
CA LYS E 259 -16.96 19.25 -19.77
C LYS E 259 -16.44 18.21 -18.77
N LYS E 260 -15.41 17.49 -19.20
CA LYS E 260 -14.76 16.48 -18.35
C LYS E 260 -13.36 16.94 -17.98
N GLY E 261 -12.94 16.58 -16.78
CA GLY E 261 -11.57 16.89 -16.34
C GLY E 261 -11.36 16.56 -14.88
N ASP E 262 -10.38 17.22 -14.28
CA ASP E 262 -10.10 17.04 -12.88
C ASP E 262 -11.12 17.76 -12.00
N SER E 263 -11.74 16.98 -11.12
CA SER E 263 -12.70 17.50 -10.16
C SER E 263 -12.71 16.56 -8.94
N THR E 264 -13.49 16.92 -7.94
CA THR E 264 -13.68 16.06 -6.77
C THR E 264 -14.96 16.43 -6.06
N ILE E 265 -15.47 15.51 -5.24
CA ILE E 265 -16.55 15.84 -4.32
C ILE E 265 -15.94 15.93 -2.92
N MET E 266 -15.87 17.16 -2.43
CA MET E 266 -15.23 17.46 -1.17
C MET E 266 -16.28 17.48 -0.07
N LYS E 267 -16.05 16.75 1.02
CA LYS E 267 -16.94 16.79 2.17
C LYS E 267 -16.50 17.90 3.12
N SER E 268 -17.33 18.92 3.25
CA SER E 268 -17.02 20.06 4.11
C SER E 268 -18.27 20.72 4.64
N GLU E 269 -18.16 21.32 5.81
CA GLU E 269 -19.25 22.10 6.40
C GLU E 269 -19.06 23.58 6.14
N LEU E 270 -17.93 23.93 5.51
CA LEU E 270 -17.63 25.31 5.17
C LEU E 270 -18.45 25.77 3.97
N GLU E 271 -18.54 27.09 3.77
CA GLU E 271 -19.12 27.61 2.54
C GLU E 271 -18.19 28.56 1.81
N TYR E 272 -18.69 29.26 0.80
CA TYR E 272 -17.87 30.04 -0.11
C TYR E 272 -17.09 31.15 0.61
N GLY E 273 -15.79 31.22 0.30
CA GLY E 273 -14.90 32.18 0.96
C GLY E 273 -14.67 33.47 0.20
N ASN E 274 -15.30 33.60 -0.98
CA ASN E 274 -15.09 34.75 -1.88
C ASN E 274 -13.61 35.03 -2.07
N CYS E 275 -12.94 34.06 -2.67
CA CYS E 275 -11.53 33.87 -2.50
C CYS E 275 -10.96 33.05 -3.64
N ASN E 276 -9.65 33.18 -3.89
CA ASN E 276 -8.98 32.40 -4.94
C ASN E 276 -7.71 31.67 -4.46
N THR E 277 -7.53 30.44 -4.90
CA THR E 277 -6.37 29.63 -4.50
C THR E 277 -5.88 28.71 -5.60
N LYS E 278 -4.67 28.19 -5.42
CA LYS E 278 -4.09 27.16 -6.28
C LYS E 278 -4.25 25.78 -5.64
N CYS E 279 -4.41 25.73 -4.32
CA CYS E 279 -4.52 24.47 -3.60
C CYS E 279 -5.60 24.55 -2.53
N GLN E 280 -6.59 23.65 -2.62
CA GLN E 280 -7.75 23.63 -1.73
C GLN E 280 -7.84 22.36 -0.91
N THR E 281 -8.16 22.51 0.38
CA THR E 281 -8.51 21.38 1.26
C THR E 281 -9.91 21.60 1.83
N PRO E 282 -10.54 20.53 2.35
CA PRO E 282 -11.90 20.63 2.88
C PRO E 282 -12.01 21.54 4.10
N ILE E 283 -10.86 21.87 4.70
CA ILE E 283 -10.82 22.75 5.88
C ILE E 283 -10.20 24.12 5.61
N GLY E 284 -9.65 24.30 4.41
CA GLY E 284 -9.08 25.60 4.03
C GLY E 284 -8.08 25.53 2.90
N ALA E 285 -7.75 26.67 2.33
CA ALA E 285 -6.86 26.73 1.17
C ALA E 285 -5.41 26.95 1.60
N ILE E 286 -4.49 26.55 0.72
CA ILE E 286 -3.06 26.65 0.99
C ILE E 286 -2.38 27.55 -0.05
N ASN E 287 -1.65 28.54 0.44
CA ASN E 287 -0.77 29.37 -0.38
C ASN E 287 0.64 29.21 0.17
N SER E 288 1.41 28.32 -0.45
CA SER E 288 2.72 27.94 0.11
C SER E 288 3.77 27.59 -0.94
N SER E 289 5.03 27.77 -0.58
CA SER E 289 6.14 27.30 -1.40
C SER E 289 6.84 26.09 -0.76
N MET E 290 6.35 25.67 0.41
CA MET E 290 6.86 24.48 1.09
C MET E 290 6.61 23.22 0.25
N PRO E 291 7.54 22.26 0.26
CA PRO E 291 7.28 21.02 -0.47
C PRO E 291 6.30 20.09 0.25
N PHE E 292 6.12 20.29 1.56
CA PHE E 292 5.23 19.46 2.36
C PHE E 292 4.21 20.30 3.12
N HIS E 293 3.07 19.67 3.43
CA HIS E 293 2.06 20.26 4.31
C HIS E 293 1.42 19.17 5.18
N ASN E 294 0.72 19.59 6.23
CA ASN E 294 0.02 18.65 7.12
C ASN E 294 -1.42 19.06 7.40
N ILE E 295 -1.99 19.87 6.52
CA ILE E 295 -3.33 20.43 6.72
C ILE E 295 -4.41 19.35 6.72
N HIS E 296 -4.42 18.53 5.67
CA HIS E 296 -5.48 17.57 5.42
C HIS E 296 -5.04 16.73 4.22
N PRO E 297 -5.31 15.42 4.25
CA PRO E 297 -4.87 14.57 3.13
C PRO E 297 -5.63 14.76 1.80
N LEU E 298 -6.86 15.25 1.85
CA LEU E 298 -7.66 15.34 0.64
C LEU E 298 -7.59 16.76 0.04
N THR E 299 -6.72 16.92 -0.96
CA THR E 299 -6.52 18.22 -1.60
C THR E 299 -6.84 18.16 -3.08
N ILE E 300 -7.08 19.33 -3.66
CA ILE E 300 -7.13 19.47 -5.12
C ILE E 300 -6.34 20.71 -5.56
N GLY E 301 -5.65 20.59 -6.69
CA GLY E 301 -4.89 21.69 -7.26
C GLY E 301 -3.40 21.38 -7.26
N GLU E 302 -2.58 22.42 -7.40
CA GLU E 302 -1.14 22.30 -7.26
C GLU E 302 -0.79 22.45 -5.78
N CYS E 303 -0.42 21.35 -5.14
CA CYS E 303 -0.29 21.32 -3.68
C CYS E 303 1.06 20.82 -3.23
N PRO E 304 1.48 21.20 -2.01
CA PRO E 304 2.58 20.48 -1.36
C PRO E 304 2.16 19.04 -1.10
N LYS E 305 3.13 18.17 -0.83
CA LYS E 305 2.83 16.78 -0.54
C LYS E 305 2.39 16.67 0.93
N TYR E 306 1.34 15.89 1.18
CA TYR E 306 0.82 15.76 2.54
C TYR E 306 1.60 14.75 3.39
N VAL E 307 1.91 15.13 4.62
CA VAL E 307 2.45 14.21 5.63
C VAL E 307 1.72 14.41 6.95
N LYS E 308 1.73 13.39 7.80
CA LYS E 308 1.09 13.48 9.11
C LYS E 308 1.97 14.20 10.16
N SER E 309 3.18 14.58 9.76
CA SER E 309 4.16 15.19 10.66
C SER E 309 3.71 16.50 11.29
N SER E 310 4.19 16.74 12.51
CA SER E 310 3.96 18.01 13.18
C SER E 310 5.11 19.00 12.92
N ARG E 311 6.25 18.48 12.45
CA ARG E 311 7.48 19.25 12.34
C ARG E 311 8.45 18.63 11.33
N LEU E 312 8.92 19.43 10.37
CA LEU E 312 9.98 18.99 9.45
C LEU E 312 10.95 20.13 9.18
N VAL E 313 12.13 20.03 9.77
CA VAL E 313 13.15 21.08 9.64
C VAL E 313 14.50 20.49 9.26
N LEU E 314 15.01 20.90 8.10
CA LEU E 314 16.34 20.47 7.64
C LEU E 314 17.43 21.39 8.14
N ALA E 315 18.55 20.80 8.54
CA ALA E 315 19.75 21.58 8.82
C ALA E 315 20.35 22.03 7.51
N THR E 316 20.75 23.30 7.46
CA THR E 316 21.49 23.86 6.33
C THR E 316 22.85 24.37 6.82
N GLY E 317 22.82 25.15 7.89
CA GLY E 317 24.03 25.65 8.52
C GLY E 317 24.72 24.61 9.38
N LEU E 318 25.58 25.07 10.28
CA LEU E 318 26.31 24.14 11.13
C LEU E 318 25.88 24.23 12.58
N ARG E 319 26.39 23.31 13.40
CA ARG E 319 26.13 23.28 14.84
C ARG E 319 26.52 24.61 15.48
N ASN E 320 25.56 25.25 16.13
CA ASN E 320 25.79 26.54 16.75
C ASN E 320 26.25 26.43 18.20
N SER E 321 27.57 26.56 18.40
CA SER E 321 28.18 26.49 19.71
C SER E 321 27.64 27.60 20.63
N PRO E 322 27.60 27.34 21.96
CA PRO E 322 27.09 28.34 22.92
C PRO E 322 28.02 29.56 23.06
N GLY F 1 30.64 15.98 16.83
CA GLY F 1 30.62 15.44 15.43
C GLY F 1 31.63 14.32 15.22
N LEU F 2 31.47 13.61 14.11
CA LEU F 2 32.30 12.44 13.77
C LEU F 2 33.76 12.76 13.43
N PHE F 3 34.05 14.01 13.11
CA PHE F 3 35.41 14.41 12.69
C PHE F 3 36.20 15.21 13.76
N GLY F 4 35.55 15.51 14.88
CA GLY F 4 36.19 16.09 16.05
C GLY F 4 36.79 17.48 15.91
N ALA F 5 36.28 18.28 14.97
CA ALA F 5 36.73 19.66 14.77
C ALA F 5 35.72 20.68 15.31
N ILE F 6 34.47 20.60 14.83
CA ILE F 6 33.37 21.38 15.40
C ILE F 6 33.06 20.79 16.79
N ALA F 7 33.12 21.64 17.81
CA ALA F 7 32.99 21.23 19.21
C ALA F 7 33.99 20.11 19.56
N GLY F 8 35.18 20.20 18.97
CA GLY F 8 36.26 19.25 19.18
C GLY F 8 37.50 19.98 19.69
N PHE F 9 38.56 19.99 18.88
CA PHE F 9 39.79 20.70 19.26
C PHE F 9 39.66 22.22 19.11
N ILE F 10 38.85 22.65 18.15
CA ILE F 10 38.38 24.03 18.09
C ILE F 10 37.19 24.09 19.04
N GLU F 11 37.36 24.83 20.13
CA GLU F 11 36.42 24.78 21.25
C GLU F 11 35.02 25.29 20.90
N GLY F 12 34.95 26.33 20.07
CA GLY F 12 33.67 26.89 19.64
C GLY F 12 33.79 27.68 18.35
N GLY F 13 32.67 28.21 17.88
CA GLY F 13 32.64 29.01 16.65
C GLY F 13 32.92 30.47 16.93
N TRP F 14 33.17 31.23 15.86
CA TRP F 14 33.44 32.66 16.00
C TRP F 14 32.23 33.51 15.67
N GLN F 15 31.83 34.36 16.61
CA GLN F 15 30.79 35.37 16.39
C GLN F 15 31.27 36.44 15.41
N GLY F 16 32.57 36.75 15.50
CA GLY F 16 33.21 37.81 14.72
C GLY F 16 33.37 37.50 13.24
N MET F 17 33.37 36.20 12.90
CA MET F 17 33.44 35.80 11.51
C MET F 17 32.03 35.66 10.93
N VAL F 18 31.42 36.79 10.61
CA VAL F 18 30.10 36.82 9.97
C VAL F 18 30.25 36.81 8.43
N ASP F 19 31.38 36.30 7.97
CA ASP F 19 31.80 36.38 6.58
C ASP F 19 31.36 35.17 5.75
N GLY F 20 31.67 33.99 6.26
CA GLY F 20 31.32 32.72 5.61
C GLY F 20 31.19 31.63 6.66
N TRP F 21 31.13 30.38 6.24
CA TRP F 21 30.98 29.25 7.17
C TRP F 21 32.30 28.79 7.79
N TYR F 22 33.33 28.67 6.97
CA TYR F 22 34.66 28.31 7.44
C TYR F 22 35.68 29.35 6.98
N GLY F 23 36.52 29.80 7.91
CA GLY F 23 37.50 30.85 7.62
C GLY F 23 38.70 30.89 8.54
N TYR F 24 39.43 32.00 8.47
CA TYR F 24 40.68 32.18 9.20
C TYR F 24 40.61 33.41 10.10
N HIS F 25 41.42 33.40 11.17
CA HIS F 25 41.65 34.58 12.01
C HIS F 25 43.15 34.87 12.13
N HIS F 26 43.69 35.66 11.20
CA HIS F 26 45.12 35.94 11.14
C HIS F 26 45.56 37.06 12.09
N SER F 27 46.81 36.97 12.55
CA SER F 27 47.45 38.01 13.36
C SER F 27 48.92 38.17 12.98
N ASN F 28 49.32 39.42 12.75
CA ASN F 28 50.72 39.76 12.47
C ASN F 28 51.01 41.17 13.00
N GLU F 29 52.17 41.73 12.63
CA GLU F 29 52.54 43.10 13.03
C GLU F 29 51.59 44.15 12.45
N GLN F 30 51.03 43.86 11.28
CA GLN F 30 50.16 44.80 10.59
C GLN F 30 48.73 44.88 11.17
N GLY F 31 48.37 43.87 11.97
CA GLY F 31 47.07 43.85 12.63
C GLY F 31 46.48 42.46 12.74
N SER F 32 45.15 42.39 12.81
CA SER F 32 44.42 41.13 12.90
C SER F 32 43.04 41.24 12.24
N GLY F 33 42.55 40.13 11.69
CA GLY F 33 41.25 40.12 11.02
C GLY F 33 40.67 38.75 10.70
N TYR F 34 39.39 38.74 10.35
CA TYR F 34 38.67 37.53 9.97
C TYR F 34 38.44 37.48 8.46
N ALA F 35 38.78 36.35 7.85
CA ALA F 35 38.57 36.13 6.42
C ALA F 35 38.07 34.72 6.16
N ALA F 36 36.94 34.61 5.44
CA ALA F 36 36.35 33.31 5.12
C ALA F 36 37.07 32.64 3.96
N ASP F 37 37.09 31.31 3.95
CA ASP F 37 37.68 30.55 2.85
C ASP F 37 36.66 30.38 1.74
N LYS F 38 37.01 30.82 0.53
CA LYS F 38 36.04 30.83 -0.57
C LYS F 38 35.76 29.46 -1.17
N GLU F 39 36.80 28.66 -1.43
CA GLU F 39 36.65 27.33 -2.02
C GLU F 39 35.79 26.39 -1.17
N SER F 40 36.08 26.34 0.13
CA SER F 40 35.37 25.42 1.02
C SER F 40 33.94 25.86 1.34
N THR F 41 33.73 27.16 1.55
CA THR F 41 32.39 27.71 1.79
C THR F 41 31.47 27.50 0.57
N GLN F 42 31.99 27.77 -0.62
CA GLN F 42 31.26 27.57 -1.88
C GLN F 42 30.93 26.10 -2.13
N LYS F 43 31.91 25.23 -1.89
CA LYS F 43 31.71 23.78 -1.93
C LYS F 43 30.56 23.37 -1.01
N ALA F 44 30.54 23.93 0.19
CA ALA F 44 29.51 23.63 1.20
C ALA F 44 28.10 24.06 0.79
N ILE F 45 27.97 25.27 0.23
CA ILE F 45 26.68 25.77 -0.26
C ILE F 45 26.14 24.87 -1.39
N ASP F 46 27.01 24.51 -2.32
CA ASP F 46 26.62 23.68 -3.47
C ASP F 46 26.14 22.29 -3.08
N GLY F 47 26.90 21.63 -2.21
CA GLY F 47 26.54 20.31 -1.71
C GLY F 47 25.27 20.30 -0.89
N VAL F 48 25.08 21.33 -0.07
CA VAL F 48 23.89 21.46 0.78
C VAL F 48 22.64 21.79 -0.02
N THR F 49 22.75 22.73 -0.97
CA THR F 49 21.63 23.08 -1.88
C THR F 49 21.18 21.87 -2.70
N ASN F 50 22.15 21.13 -3.26
CA ASN F 50 21.87 19.88 -3.98
C ASN F 50 21.17 18.83 -3.11
N LYS F 51 21.54 18.75 -1.83
CA LYS F 51 20.91 17.83 -0.89
C LYS F 51 19.42 18.16 -0.67
N VAL F 52 19.14 19.42 -0.35
CA VAL F 52 17.79 19.93 -0.13
C VAL F 52 16.89 19.63 -1.32
N ASN F 53 17.36 19.96 -2.51
CA ASN F 53 16.59 19.76 -3.73
C ASN F 53 16.35 18.29 -4.08
N SER F 54 17.36 17.44 -3.87
CA SER F 54 17.25 15.99 -4.09
C SER F 54 16.19 15.36 -3.20
N ILE F 55 16.15 15.80 -1.94
CA ILE F 55 15.17 15.33 -0.96
C ILE F 55 13.74 15.72 -1.38
N ILE F 56 13.56 16.99 -1.76
CA ILE F 56 12.27 17.47 -2.29
C ILE F 56 11.85 16.68 -3.54
N ASP F 57 12.79 16.48 -4.47
CA ASP F 57 12.51 15.82 -5.74
C ASP F 57 12.27 14.31 -5.64
N LYS F 58 12.86 13.65 -4.64
CA LYS F 58 12.60 12.23 -4.44
C LYS F 58 11.20 11.97 -3.90
N MET F 59 10.60 13.00 -3.28
CA MET F 59 9.23 12.89 -2.73
C MET F 59 8.17 13.25 -3.77
N ASN F 60 8.61 13.67 -4.95
CA ASN F 60 7.75 14.17 -6.04
C ASN F 60 6.56 13.29 -6.41
N THR F 61 6.76 11.97 -6.41
CA THR F 61 5.69 11.03 -6.74
C THR F 61 5.18 10.33 -5.49
N GLN F 62 4.92 11.12 -4.47
CA GLN F 62 4.32 10.66 -3.23
C GLN F 62 2.87 10.23 -3.50
N PHE F 63 2.33 9.42 -2.61
CA PHE F 63 0.94 8.99 -2.70
C PHE F 63 -0.03 10.15 -2.49
N GLU F 64 -1.12 10.14 -3.25
CA GLU F 64 -2.17 11.15 -3.08
C GLU F 64 -3.54 10.50 -2.83
N ALA F 65 -4.11 10.84 -1.68
CA ALA F 65 -5.39 10.27 -1.25
C ALA F 65 -6.55 10.84 -2.06
N VAL F 66 -7.49 9.98 -2.42
CA VAL F 66 -8.67 10.36 -3.18
C VAL F 66 -9.89 9.98 -2.36
N GLY F 67 -10.86 10.88 -2.24
CA GLY F 67 -12.11 10.58 -1.54
C GLY F 67 -12.98 9.58 -2.29
N ARG F 68 -13.31 8.47 -1.63
CA ARG F 68 -14.19 7.44 -2.19
C ARG F 68 -15.36 7.19 -1.26
N GLU F 69 -16.55 7.03 -1.82
CA GLU F 69 -17.74 6.79 -1.01
C GLU F 69 -18.27 5.36 -1.13
N PHE F 70 -18.83 4.87 -0.02
CA PHE F 70 -19.34 3.51 0.05
C PHE F 70 -20.64 3.51 0.82
N ASN F 71 -21.55 2.59 0.48
CA ASN F 71 -22.82 2.52 1.17
C ASN F 71 -22.79 1.62 2.42
N ASN F 72 -23.93 1.59 3.12
CA ASN F 72 -24.07 0.87 4.38
C ASN F 72 -23.72 -0.62 4.33
N LEU F 73 -23.79 -1.22 3.14
CA LEU F 73 -23.46 -2.63 2.98
C LEU F 73 -22.15 -2.88 2.22
N GLU F 74 -21.27 -1.88 2.23
CA GLU F 74 -19.94 -1.97 1.66
C GLU F 74 -18.92 -1.60 2.71
N ARG F 75 -19.13 -2.08 3.93
CA ARG F 75 -18.29 -1.68 5.05
C ARG F 75 -16.90 -2.30 4.97
N ARG F 76 -16.80 -3.49 4.38
CA ARG F 76 -15.53 -4.19 4.28
C ARG F 76 -14.59 -3.49 3.30
N ILE F 77 -15.10 -3.15 2.13
CA ILE F 77 -14.30 -2.42 1.15
C ILE F 77 -14.07 -0.98 1.58
N GLU F 78 -14.99 -0.40 2.34
CA GLU F 78 -14.78 0.93 2.92
C GLU F 78 -13.56 0.89 3.83
N ASN F 79 -13.51 -0.13 4.69
CA ASN F 79 -12.44 -0.26 5.66
C ASN F 79 -11.10 -0.58 4.99
N LEU F 80 -11.14 -1.47 4.00
CA LEU F 80 -10.00 -1.75 3.12
C LEU F 80 -9.47 -0.45 2.49
N ASN F 81 -10.37 0.36 1.94
CA ASN F 81 -10.02 1.66 1.38
C ASN F 81 -9.33 2.57 2.39
N LYS F 82 -9.91 2.69 3.57
CA LYS F 82 -9.37 3.56 4.60
C LYS F 82 -7.96 3.12 5.04
N LYS F 83 -7.77 1.82 5.24
CA LYS F 83 -6.50 1.29 5.70
C LYS F 83 -5.39 1.41 4.65
N MET F 84 -5.77 1.21 3.38
CA MET F 84 -4.84 1.36 2.27
C MET F 84 -4.33 2.80 2.19
N GLU F 85 -5.25 3.75 2.34
CA GLU F 85 -4.90 5.16 2.22
C GLU F 85 -4.08 5.65 3.38
N ASP F 86 -4.52 5.34 4.59
CA ASP F 86 -3.74 5.64 5.79
C ASP F 86 -2.39 4.94 5.77
N GLY F 87 -2.37 3.72 5.24
CA GLY F 87 -1.15 2.96 5.07
C GLY F 87 -0.08 3.70 4.28
N PHE F 88 -0.45 4.17 3.08
CA PHE F 88 0.47 4.94 2.24
C PHE F 88 0.85 6.27 2.89
N LEU F 89 -0.11 6.91 3.56
CA LEU F 89 0.18 8.18 4.23
C LEU F 89 1.23 7.97 5.31
N ASP F 90 1.10 6.87 6.07
CA ASP F 90 2.05 6.52 7.12
C ASP F 90 3.42 6.17 6.56
N VAL F 91 3.43 5.40 5.46
CA VAL F 91 4.67 5.06 4.78
C VAL F 91 5.41 6.31 4.31
N TRP F 92 4.70 7.26 3.72
CA TRP F 92 5.35 8.48 3.21
C TRP F 92 5.71 9.49 4.31
N THR F 93 4.97 9.50 5.41
CA THR F 93 5.32 10.32 6.57
C THR F 93 6.65 9.82 7.16
N TYR F 94 6.78 8.50 7.26
CA TYR F 94 7.99 7.87 7.76
C TYR F 94 9.19 8.16 6.85
N ASN F 95 9.03 7.90 5.56
CA ASN F 95 10.05 8.24 4.55
C ASN F 95 10.54 9.68 4.65
N ALA F 96 9.60 10.62 4.80
CA ALA F 96 9.93 12.04 4.91
C ALA F 96 10.70 12.35 6.18
N GLU F 97 10.17 11.93 7.33
CA GLU F 97 10.80 12.24 8.61
C GLU F 97 12.19 11.60 8.74
N LEU F 98 12.28 10.32 8.34
CA LEU F 98 13.52 9.56 8.42
C LEU F 98 14.61 10.17 7.54
N LEU F 99 14.22 10.57 6.33
CA LEU F 99 15.17 11.19 5.42
C LEU F 99 15.74 12.46 6.03
N VAL F 100 14.86 13.31 6.58
CA VAL F 100 15.29 14.56 7.21
C VAL F 100 16.25 14.27 8.37
N LEU F 101 15.90 13.31 9.23
CA LEU F 101 16.73 12.95 10.37
C LEU F 101 18.12 12.46 9.96
N MET F 102 18.15 11.55 9.00
CA MET F 102 19.42 10.96 8.53
C MET F 102 20.32 11.98 7.85
N GLU F 103 19.72 12.82 7.00
CA GLU F 103 20.48 13.83 6.26
C GLU F 103 20.90 15.03 7.12
N ASN F 104 20.14 15.32 8.17
CA ASN F 104 20.53 16.36 9.12
C ASN F 104 21.85 16.00 9.80
N GLU F 105 21.97 14.74 10.19
CA GLU F 105 23.16 14.22 10.85
C GLU F 105 24.35 14.25 9.89
N ARG F 106 24.10 13.85 8.64
CA ARG F 106 25.13 13.86 7.61
C ARG F 106 25.57 15.28 7.28
N THR F 107 24.63 16.23 7.33
CA THR F 107 24.94 17.65 7.08
C THR F 107 25.89 18.23 8.13
N LEU F 108 25.59 17.99 9.41
CA LEU F 108 26.41 18.47 10.50
C LEU F 108 27.79 17.81 10.48
N ASP F 109 27.83 16.53 10.14
CA ASP F 109 29.10 15.81 9.97
C ASP F 109 29.86 16.33 8.76
N PHE F 110 29.12 16.70 7.71
CA PHE F 110 29.68 17.31 6.51
C PHE F 110 30.42 18.61 6.82
N HIS F 111 29.77 19.49 7.61
CA HIS F 111 30.42 20.73 8.06
C HIS F 111 31.69 20.46 8.87
N ASP F 112 31.58 19.53 9.83
CA ASP F 112 32.69 19.12 10.69
C ASP F 112 33.87 18.67 9.85
N SER F 113 33.57 17.84 8.85
CA SER F 113 34.55 17.34 7.88
C SER F 113 35.26 18.46 7.11
N ASN F 114 34.52 19.47 6.68
CA ASN F 114 35.08 20.59 5.91
C ASN F 114 36.06 21.44 6.71
N VAL F 115 35.72 21.68 7.98
CA VAL F 115 36.59 22.39 8.92
C VAL F 115 37.88 21.60 9.12
N LYS F 116 37.73 20.30 9.33
CA LYS F 116 38.85 19.37 9.49
C LYS F 116 39.76 19.39 8.26
N ASN F 117 39.15 19.25 7.08
CA ASN F 117 39.88 19.30 5.81
C ASN F 117 40.60 20.63 5.60
N LEU F 118 39.96 21.72 6.00
CA LEU F 118 40.54 23.05 5.91
C LEU F 118 41.75 23.20 6.85
N TYR F 119 41.67 22.57 8.03
CA TYR F 119 42.78 22.55 8.98
C TYR F 119 43.99 21.80 8.42
N ASP F 120 43.72 20.66 7.78
CA ASP F 120 44.76 19.85 7.15
C ASP F 120 45.37 20.52 5.92
N LYS F 121 44.55 21.27 5.17
CA LYS F 121 45.02 22.00 3.98
C LYS F 121 46.12 23.00 4.34
N VAL F 122 45.96 23.65 5.50
CA VAL F 122 46.96 24.59 6.02
C VAL F 122 48.18 23.87 6.59
N ARG F 123 47.94 22.85 7.42
CA ARG F 123 49.02 22.08 8.07
C ARG F 123 50.01 21.46 7.08
N LEU F 124 49.48 20.81 6.04
CA LEU F 124 50.31 20.15 5.03
C LEU F 124 51.10 21.14 4.17
N GLN F 125 50.67 22.40 4.16
CA GLN F 125 51.39 23.48 3.48
C GLN F 125 52.55 24.02 4.31
N LEU F 126 52.28 24.31 5.59
CA LEU F 126 53.28 24.94 6.48
C LEU F 126 54.38 23.97 6.91
N ARG F 127 53.99 22.75 7.31
CA ARG F 127 54.92 21.69 7.72
C ARG F 127 55.80 22.07 8.92
N ASP F 128 57.12 22.12 8.72
CA ASP F 128 58.08 22.44 9.79
C ASP F 128 58.17 23.93 10.09
N ASN F 129 57.74 24.76 9.15
CA ASN F 129 57.83 26.22 9.26
C ASN F 129 56.90 26.86 10.30
N ALA F 130 55.99 26.06 10.87
CA ALA F 130 55.06 26.55 11.89
C ALA F 130 54.72 25.51 12.96
N LYS F 131 54.54 26.00 14.19
CA LYS F 131 54.16 25.16 15.33
C LYS F 131 52.66 24.89 15.33
N GLU F 132 52.28 23.67 15.67
CA GLU F 132 50.86 23.30 15.79
C GLU F 132 50.41 23.38 17.25
N LEU F 133 49.55 24.35 17.55
CA LEU F 133 49.09 24.59 18.93
C LEU F 133 48.08 23.55 19.43
N GLY F 134 47.28 23.00 18.52
CA GLY F 134 46.23 22.07 18.89
C GLY F 134 44.92 22.78 19.15
N ASN F 135 44.98 24.10 19.29
CA ASN F 135 43.80 24.95 19.48
C ASN F 135 42.98 25.14 18.22
N GLY F 136 43.53 24.69 17.09
CA GLY F 136 43.04 25.06 15.79
C GLY F 136 43.93 26.16 15.25
N CYS F 137 45.05 26.38 15.93
CA CYS F 137 45.95 27.49 15.63
C CYS F 137 47.37 27.04 15.29
N PHE F 138 48.01 27.77 14.39
CA PHE F 138 49.41 27.54 14.02
C PHE F 138 50.25 28.77 14.32
N GLU F 139 51.31 28.59 15.12
CA GLU F 139 52.22 29.67 15.45
C GLU F 139 53.41 29.69 14.48
N PHE F 140 53.51 30.77 13.70
CA PHE F 140 54.59 30.93 12.73
C PHE F 140 55.93 31.20 13.42
N TYR F 141 56.96 30.48 12.99
CA TYR F 141 58.32 30.73 13.46
C TYR F 141 58.88 31.99 12.79
N HIS F 142 58.64 32.10 11.49
CA HIS F 142 59.06 33.27 10.72
C HIS F 142 57.93 34.29 10.61
N ARG F 143 58.22 35.45 10.02
CA ARG F 143 57.24 36.50 9.84
C ARG F 143 56.33 36.22 8.64
N CYS F 144 55.03 36.37 8.85
CA CYS F 144 54.05 36.21 7.77
C CYS F 144 53.21 37.47 7.61
N ASP F 145 53.59 38.29 6.63
CA ASP F 145 52.90 39.54 6.31
C ASP F 145 51.55 39.27 5.62
N ASN F 146 50.80 40.34 5.34
CA ASN F 146 49.48 40.21 4.73
C ASN F 146 49.47 39.49 3.38
N GLU F 147 50.50 39.72 2.57
CA GLU F 147 50.68 39.00 1.30
C GLU F 147 51.03 37.53 1.55
N CYS F 148 51.76 37.27 2.63
CA CYS F 148 52.08 35.91 3.04
C CYS F 148 50.83 35.16 3.51
N MET F 149 49.95 35.87 4.23
CA MET F 149 48.66 35.33 4.67
C MET F 149 47.77 34.99 3.49
N GLU F 150 47.83 35.83 2.44
CA GLU F 150 47.13 35.60 1.16
C GLU F 150 47.56 34.28 0.52
N SER F 151 48.84 33.94 0.67
CA SER F 151 49.40 32.71 0.10
C SER F 151 48.92 31.47 0.85
N VAL F 152 48.70 31.64 2.16
CA VAL F 152 48.16 30.55 2.99
C VAL F 152 46.69 30.31 2.63
N ARG F 153 45.91 31.38 2.53
CA ARG F 153 44.47 31.30 2.22
C ARG F 153 44.20 30.83 0.79
N ASN F 154 44.92 31.40 -0.16
CA ASN F 154 44.80 31.03 -1.57
C ASN F 154 45.32 29.63 -1.85
N GLY F 155 46.33 29.22 -1.09
CA GLY F 155 46.96 27.91 -1.25
C GLY F 155 48.22 27.99 -2.10
N THR F 156 48.81 29.19 -2.16
CA THR F 156 49.98 29.44 -2.99
C THR F 156 51.26 29.58 -2.16
N TYR F 157 51.19 29.15 -0.90
CA TYR F 157 52.30 29.25 0.05
C TYR F 157 53.55 28.48 -0.41
N ASP F 158 54.71 29.11 -0.28
CA ASP F 158 55.97 28.55 -0.76
C ASP F 158 56.87 28.08 0.39
N TYR F 159 57.02 26.76 0.51
CA TYR F 159 57.78 26.15 1.61
C TYR F 159 59.30 26.36 1.55
N PRO F 160 59.98 25.96 0.44
CA PRO F 160 61.44 26.07 0.38
C PRO F 160 61.98 27.49 0.60
N GLN F 161 61.11 28.49 0.50
CA GLN F 161 61.47 29.89 0.68
C GLN F 161 61.82 30.24 2.13
N TYR F 162 61.15 29.58 3.08
CA TYR F 162 61.30 29.89 4.50
C TYR F 162 62.02 28.81 5.31
N SER F 163 62.14 27.61 4.73
CA SER F 163 62.84 26.51 5.38
C SER F 163 64.31 26.48 4.99
C1 NAG G . -39.00 -7.69 -42.22
C2 NAG G . -38.74 -7.11 -40.83
C3 NAG G . -37.56 -7.82 -40.16
C4 NAG G . -37.69 -9.34 -40.22
C5 NAG G . -38.03 -9.80 -41.65
C6 NAG G . -38.29 -11.31 -41.74
C7 NAG G . -38.92 -4.65 -40.55
C8 NAG G . -38.30 -3.33 -40.91
N2 NAG G . -38.31 -5.73 -41.06
O1 NAG G . -40.17 -7.09 -42.77
O3 NAG G . -37.42 -7.40 -38.80
O4 NAG G . -36.47 -9.94 -39.78
O5 NAG G . -39.18 -9.11 -42.14
O6 NAG G . -39.38 -11.66 -40.88
O7 NAG G . -39.92 -4.71 -39.84
C1 GAL G . -36.57 -10.69 -38.56
C2 GAL G . -35.25 -11.46 -38.37
C3 GAL G . -35.08 -12.02 -36.97
C4 GAL G . -35.50 -11.03 -35.87
C5 GAL G . -36.86 -10.44 -36.20
C6 GAL G . -37.32 -9.45 -35.13
O2 GAL G . -35.18 -12.54 -39.30
O3 GAL G . -33.71 -12.37 -36.83
O4 GAL G . -34.53 -9.97 -35.79
O5 GAL G . -36.79 -9.79 -37.47
O6 GAL G . -38.72 -9.17 -35.31
C1 SIA G . -31.91 -13.68 -36.09
C2 SIA G . -33.42 -13.66 -36.29
C3 SIA G . -33.83 -14.82 -37.21
C4 SIA G . -33.57 -16.15 -36.48
C5 SIA G . -34.34 -16.20 -35.15
C6 SIA G . -33.94 -15.00 -34.30
C7 SIA G . -34.71 -14.84 -33.01
C8 SIA G . -34.61 -13.44 -32.40
C9 SIA G . -35.05 -13.49 -30.96
C10 SIA G . -34.63 -18.12 -33.66
C11 SIA G . -34.02 -19.35 -33.05
N5 SIA G . -33.86 -17.41 -34.48
O1A SIA G . -31.17 -13.90 -37.07
O1B SIA G . -31.45 -13.49 -34.94
O4 SIA G . -33.89 -17.28 -37.31
O6 SIA G . -34.13 -13.79 -35.06
O7 SIA G . -36.09 -15.14 -33.24
O8 SIA G . -33.26 -12.92 -32.48
O9 SIA G . -34.88 -12.20 -30.36
O10 SIA G . -35.78 -17.81 -33.39
C1 NAG H . -40.36 -41.97 1.37
C2 NAG H . -39.36 -41.13 0.57
C3 NAG H . -38.69 -40.03 1.41
C4 NAG H . -39.65 -39.34 2.36
C5 NAG H . -40.38 -40.42 3.17
C6 NAG H . -41.24 -39.91 4.33
C7 NAG H . -37.68 -42.18 -0.87
C8 NAG H . -36.55 -43.18 -0.93
N2 NAG H . -38.25 -42.05 0.32
O1 NAG H . -41.21 -42.65 0.45
O3 NAG H . -38.06 -39.07 0.56
O4 NAG H . -38.87 -38.48 3.19
O5 NAG H . -41.17 -41.17 2.25
O6 NAG H . -42.27 -39.04 3.85
O7 NAG H . -38.05 -41.55 -1.86
C1 GAL H . -39.30 -37.12 3.20
C2 GAL H . -38.53 -36.47 4.35
C3 GAL H . -38.71 -34.96 4.38
C4 GAL H . -38.45 -34.36 3.00
C5 GAL H . -39.31 -35.06 1.95
C6 GAL H . -39.07 -34.47 0.57
O2 GAL H . -38.95 -37.03 5.59
O3 GAL H . -37.80 -34.44 5.35
O4 GAL H . -37.07 -34.48 2.66
O5 GAL H . -38.99 -36.47 1.95
O6 GAL H . -39.94 -35.12 -0.38
C1 SIA H . -37.02 -32.89 6.89
C2 SIA H . -38.28 -33.39 6.19
C3 SIA H . -39.34 -33.84 7.20
C4 SIA H . -39.87 -32.62 7.97
C5 SIA H . -40.41 -31.57 7.01
C6 SIA H . -39.31 -31.19 6.02
C7 SIA H . -39.71 -30.19 4.94
C8 SIA H . -38.69 -30.14 3.81
C9 SIA H . -38.98 -28.98 2.88
C10 SIA H . -41.67 -29.54 7.58
C11 SIA H . -41.83 -28.41 8.55
N5 SIA H . -40.69 -30.41 7.85
O1A SIA H . -36.55 -33.56 7.84
O1B SIA H . -36.49 -31.83 6.52
O4 SIA H . -40.89 -32.96 8.90
O6 SIA H . -38.85 -32.37 5.35
O7 SIA H . -41.02 -30.54 4.44
O8 SIA H . -37.38 -29.96 4.34
O9 SIA H . -37.97 -28.91 1.88
O10 SIA H . -42.40 -29.66 6.61
C1 NAG I . -56.45 11.11 7.07
C2 NAG I . -55.65 9.81 7.17
C3 NAG I . -54.35 9.99 6.36
C4 NAG I . -54.63 10.45 4.93
C5 NAG I . -55.67 11.57 4.86
C6 NAG I . -56.16 11.87 3.45
C7 NAG I . -55.29 8.49 9.19
C8 NAG I . -54.87 8.51 10.63
N2 NAG I . -55.26 9.67 8.56
O1 NAG I . -57.62 11.04 7.88
O3 NAG I . -53.60 8.77 6.37
O4 NAG I . -53.38 10.91 4.40
O5 NAG I . -56.81 11.29 5.69
O6 NAG I . -56.76 10.70 2.88
O7 NAG I . -55.64 7.46 8.63
C1 GAL I . -53.04 10.37 3.11
C2 GAL I . -52.02 11.36 2.51
C3 GAL I . -51.27 10.77 1.32
C4 GAL I . -50.77 9.35 1.62
C5 GAL I . -51.95 8.48 2.08
C6 GAL I . -51.50 7.07 2.39
O2 GAL I . -52.68 12.56 2.08
O3 GAL I . -50.19 11.67 1.06
O4 GAL I . -49.75 9.37 2.64
O5 GAL I . -52.51 9.04 3.26
O6 GAL I . -52.65 6.26 2.66
C1 SIA I . -48.40 12.44 -0.24
C2 SIA I . -49.80 11.86 -0.31
C3 SIA I . -50.76 12.82 -1.04
C4 SIA I . -50.46 12.87 -2.54
C5 SIA I . -50.41 11.47 -3.15
C6 SIA I . -49.42 10.60 -2.35
C7 SIA I . -49.26 9.16 -2.79
C8 SIA I . -48.41 8.32 -1.82
C9 SIA I . -47.94 7.06 -2.51
C10 SIA I . -50.05 10.88 -5.50
C11 SIA I . -49.36 11.26 -6.77
N5 SIA I . -49.82 11.69 -4.47
O1A SIA I . -48.22 13.61 0.18
O1B SIA I . -47.43 11.71 -0.58
O4 SIA I . -51.40 13.70 -3.23
O6 SIA I . -49.81 10.59 -0.97
O7 SIA I . -50.55 8.54 -2.94
O8 SIA I . -47.27 9.06 -1.37
O9 SIA I . -47.25 6.21 -1.57
O10 SIA I . -50.78 9.89 -5.44
C1 NAG J . 39.20 3.46 -22.85
C2 NAG J . 38.67 3.77 -24.26
C3 NAG J . 38.03 2.52 -24.86
C4 NAG J . 39.06 1.39 -24.90
C5 NAG J . 39.68 1.17 -23.52
C6 NAG J . 40.88 0.23 -23.65
C7 NAG J . 37.85 5.96 -24.94
C8 NAG J . 39.09 6.12 -25.76
N2 NAG J . 37.69 4.84 -24.25
O3 NAG J . 37.57 2.78 -26.16
O4 NAG J . 38.43 0.22 -25.40
O5 NAG J . 40.14 2.38 -22.94
O6 NAG J . 41.07 -0.47 -22.43
O7 NAG J . 37.01 6.86 -24.92
C1 NAG K . 24.14 15.00 -16.21
C2 NAG K . 23.35 14.56 -17.48
C3 NAG K . 22.66 15.76 -18.16
C4 NAG K . 21.81 16.55 -17.17
C5 NAG K . 22.62 16.86 -15.91
C6 NAG K . 21.70 17.50 -14.86
C7 NAG K . 24.90 13.96 -19.45
C8 NAG K . 25.25 15.39 -19.84
N2 NAG K . 24.07 13.69 -18.42
O3 NAG K . 21.86 15.31 -19.22
O4 NAG K . 21.35 17.73 -17.79
O5 NAG K . 23.20 15.68 -15.40
O6 NAG K . 22.17 17.23 -13.55
O7 NAG K . 25.40 13.05 -20.11
C1 NAG L . -23.84 -38.77 -8.79
C2 NAG L . -24.67 -38.66 -7.50
C3 NAG L . -24.09 -39.46 -6.34
C4 NAG L . -23.71 -40.88 -6.73
C5 NAG L . -22.79 -40.79 -7.96
C6 NAG L . -22.29 -42.15 -8.44
C7 NAG L . -25.88 -36.62 -6.94
C8 NAG L . -25.77 -35.21 -6.44
N2 NAG L . -24.73 -37.29 -7.04
O3 NAG L . -25.04 -39.47 -5.31
O4 NAG L . -23.04 -41.53 -5.66
O5 NAG L . -23.47 -40.12 -9.02
O6 NAG L . -23.35 -42.91 -8.97
O7 NAG L . -26.97 -37.11 -7.24
P PO4 M . -36.54 -33.78 -24.92
O1 PO4 M . -36.59 -35.11 -25.62
O2 PO4 M . -36.67 -32.65 -25.93
O3 PO4 M . -35.22 -33.69 -24.19
O4 PO4 M . -37.67 -33.67 -23.93
C1 NAG N . 31.09 -13.39 30.46
C2 NAG N . 30.77 -14.76 31.09
C3 NAG N . 29.84 -14.64 32.29
C4 NAG N . 30.23 -13.52 33.25
C5 NAG N . 30.46 -12.23 32.48
C6 NAG N . 30.88 -11.09 33.42
C7 NAG N . 30.78 -16.74 29.62
C8 NAG N . 30.02 -17.55 28.62
N2 NAG N . 30.17 -15.64 30.10
O3 NAG N . 29.83 -15.86 32.99
O4 NAG N . 29.19 -13.35 34.20
O5 NAG N . 31.43 -12.45 31.47
O6 NAG N . 31.77 -10.18 32.79
O7 NAG N . 31.91 -17.09 29.96
C1 NAG O . 26.86 -16.19 10.13
C2 NAG O . 25.73 -17.09 10.68
C3 NAG O . 25.40 -18.21 9.70
C4 NAG O . 25.12 -17.65 8.31
C5 NAG O . 26.27 -16.76 7.85
C6 NAG O . 25.98 -16.07 6.52
C7 NAG O . 26.52 -18.60 12.62
C8 NAG O . 27.14 -19.67 11.77
N2 NAG O . 25.94 -17.51 12.08
O3 NAG O . 24.31 -18.98 10.16
O4 NAG O . 24.93 -18.71 7.38
O5 NAG O . 26.49 -15.75 8.82
O6 NAG O . 27.06 -15.23 6.18
O7 NAG O . 26.56 -18.73 13.84
C1 NAG P . -42.24 3.30 18.05
C2 NAG P . -42.72 4.26 16.95
C3 NAG P . -42.56 5.74 17.31
C4 NAG P . -43.14 6.04 18.68
C5 NAG P . -42.45 5.10 19.67
C6 NAG P . -42.87 5.38 21.11
C7 NAG P . -42.60 3.62 14.61
C8 NAG P . -41.76 3.37 13.39
N2 NAG P . -41.99 4.01 15.72
O3 NAG P . -43.16 6.53 16.32
O4 NAG P . -42.96 7.40 19.03
O5 NAG P . -42.73 3.75 19.31
O6 NAG P . -44.05 4.68 21.43
O7 NAG P . -43.82 3.46 14.56
C1 NAG Q . 21.12 38.43 15.83
C2 NAG Q . 20.67 39.83 16.31
C3 NAG Q . 20.38 40.76 15.12
C4 NAG Q . 21.50 40.72 14.08
C5 NAG Q . 21.79 39.29 13.66
C6 NAG Q . 22.95 39.24 12.67
C7 NAG Q . 19.47 39.96 18.47
C8 NAG Q . 18.15 39.83 19.14
N2 NAG Q . 19.48 39.74 17.15
O3 NAG Q . 20.21 42.08 15.59
O4 NAG Q . 21.15 41.51 12.97
O5 NAG Q . 22.11 38.51 14.81
O6 NAG Q . 23.08 37.94 12.12
O7 NAG Q . 20.47 40.26 19.13
C1 NAG R . 13.14 20.03 22.84
C2 NAG R . 11.92 20.90 22.43
C3 NAG R . 10.60 20.55 23.14
C4 NAG R . 10.45 19.08 23.56
C5 NAG R . 11.78 18.52 24.07
C6 NAG R . 11.66 17.05 24.49
C7 NAG R . 12.17 23.17 23.59
C8 NAG R . 11.89 22.67 24.98
N2 NAG R . 12.18 22.34 22.53
O3 NAG R . 9.52 20.93 22.32
O4 NAG R . 9.46 19.01 24.56
O5 NAG R . 12.76 18.68 23.06
O6 NAG R . 12.41 16.21 23.62
O7 NAG R . 12.40 24.37 23.45
C1 NAG S . -30.58 7.56 -33.58
C2 NAG S . -30.52 6.09 -34.03
C3 NAG S . -29.51 5.87 -35.16
C4 NAG S . -29.66 6.90 -36.28
C5 NAG S . -29.60 8.28 -35.66
C6 NAG S . -29.69 9.39 -36.71
C7 NAG S . -30.89 4.13 -32.62
C8 NAG S . -30.41 3.30 -31.45
N2 NAG S . -30.17 5.22 -32.91
O3 NAG S . -29.64 4.56 -35.67
O4 NAG S . -28.64 6.72 -37.26
O5 NAG S . -30.65 8.41 -34.71
O6 NAG S . -31.04 9.54 -37.12
O7 NAG S . -31.89 3.80 -33.25
#